data_3G12
# 
_entry.id   3G12 
# 
_audit_conform.dict_name       mmcif_pdbx.dic 
_audit_conform.dict_version    5.387 
_audit_conform.dict_location   http://mmcif.pdb.org/dictionaries/ascii/mmcif_pdbx.dic 
# 
loop_
_database_2.database_id 
_database_2.database_code 
_database_2.pdbx_database_accession 
_database_2.pdbx_DOI 
PDB   3G12         pdb_00003g12 10.2210/pdb3g12/pdb 
RCSB  RCSB051288   ?            ?                   
WWPDB D_1000051288 ?            ?                   
# 
loop_
_pdbx_audit_revision_history.ordinal 
_pdbx_audit_revision_history.data_content_type 
_pdbx_audit_revision_history.major_revision 
_pdbx_audit_revision_history.minor_revision 
_pdbx_audit_revision_history.revision_date 
1 'Structure model' 1 0 2009-02-10 
2 'Structure model' 1 1 2011-07-13 
3 'Structure model' 1 2 2017-11-01 
4 'Structure model' 1 3 2018-11-21 
5 'Structure model' 1 4 2021-02-10 
6 'Structure model' 1 5 2024-02-21 
# 
_pdbx_audit_revision_details.ordinal             1 
_pdbx_audit_revision_details.revision_ordinal    1 
_pdbx_audit_revision_details.data_content_type   'Structure model' 
_pdbx_audit_revision_details.provider            repository 
_pdbx_audit_revision_details.type                'Initial release' 
_pdbx_audit_revision_details.description         ? 
_pdbx_audit_revision_details.details             ? 
# 
loop_
_pdbx_audit_revision_group.ordinal 
_pdbx_audit_revision_group.revision_ordinal 
_pdbx_audit_revision_group.data_content_type 
_pdbx_audit_revision_group.group 
1 2 'Structure model' 'Version format compliance' 
2 3 'Structure model' 'Refinement description'    
3 4 'Structure model' 'Data collection'           
4 4 'Structure model' 'Structure summary'         
5 5 'Structure model' 'Database references'       
6 5 'Structure model' 'Derived calculations'      
7 5 'Structure model' 'Structure summary'         
8 6 'Structure model' 'Data collection'           
9 6 'Structure model' 'Database references'       
# 
loop_
_pdbx_audit_revision_category.ordinal 
_pdbx_audit_revision_category.revision_ordinal 
_pdbx_audit_revision_category.data_content_type 
_pdbx_audit_revision_category.category 
1 3 'Structure model' software           
2 4 'Structure model' audit_author       
3 5 'Structure model' audit_author       
4 5 'Structure model' citation_author    
5 5 'Structure model' struct_ref_seq_dif 
6 5 'Structure model' struct_site        
7 6 'Structure model' chem_comp_atom     
8 6 'Structure model' chem_comp_bond     
9 6 'Structure model' database_2         
# 
loop_
_pdbx_audit_revision_item.ordinal 
_pdbx_audit_revision_item.revision_ordinal 
_pdbx_audit_revision_item.data_content_type 
_pdbx_audit_revision_item.item 
1  3 'Structure model' '_software.name'                      
2  4 'Structure model' '_audit_author.identifier_ORCID'      
3  5 'Structure model' '_audit_author.identifier_ORCID'      
4  5 'Structure model' '_citation_author.identifier_ORCID'   
5  5 'Structure model' '_struct_ref_seq_dif.details'         
6  5 'Structure model' '_struct_site.pdbx_auth_asym_id'      
7  5 'Structure model' '_struct_site.pdbx_auth_comp_id'      
8  5 'Structure model' '_struct_site.pdbx_auth_seq_id'       
9  6 'Structure model' '_database_2.pdbx_DOI'                
10 6 'Structure model' '_database_2.pdbx_database_accession' 
# 
_pdbx_database_status.status_code                     REL 
_pdbx_database_status.entry_id                        3G12 
_pdbx_database_status.recvd_initial_deposition_date   2009-01-29 
_pdbx_database_status.deposit_site                    RCSB 
_pdbx_database_status.process_site                    RCSB 
_pdbx_database_status.status_code_sf                  REL 
_pdbx_database_status.status_code_mr                  ? 
_pdbx_database_status.SG_entry                        Y 
_pdbx_database_status.pdb_format_compatible           Y 
_pdbx_database_status.status_code_cs                  ? 
_pdbx_database_status.methods_development_category    ? 
_pdbx_database_status.status_code_nmr_data            ? 
# 
_pdbx_database_related.db_name        TargetDB 
_pdbx_database_related.db_id          NYSGXRC-11004t 
_pdbx_database_related.details        . 
_pdbx_database_related.content_type   unspecified 
# 
loop_
_audit_author.name 
_audit_author.pdbx_ordinal 
_audit_author.identifier_ORCID 
'Patskovsky, Y.'                                                 1  ?                   
'Madegowda, M.'                                                  2  ?                   
'Gilmore, M.'                                                    3  ?                   
'Chang, S.'                                                      4  ?                   
'Maletic, M.'                                                    5  ?                   
'Smith, D.'                                                      6  ?                   
'Sauder, J.M.'                                                   7  0000-0002-0254-4955 
'Burley, S.K.'                                                   8  0000-0002-2487-9713 
'Swaminathan, S.'                                                9  ?                   
'Almo, S.C.'                                                     10 ?                   
'New York SGX Research Center for Structural Genomics (NYSGXRC)' 11 ?                   
# 
_citation.id                        primary 
_citation.title                     'Crystal structure of a putative lactoylglutathione lyase from Bdellovibrio bacteriovorus' 
_citation.journal_abbrev            'To be Published' 
_citation.journal_volume            ? 
_citation.page_first                ? 
_citation.page_last                 ? 
_citation.year                      ? 
_citation.journal_id_ASTM           ? 
_citation.country                   ? 
_citation.journal_id_ISSN           ? 
_citation.journal_id_CSD            0353 
_citation.book_publisher            ? 
_citation.pdbx_database_id_PubMed   ? 
_citation.pdbx_database_id_DOI      ? 
# 
loop_
_citation_author.citation_id 
_citation_author.name 
_citation_author.ordinal 
_citation_author.identifier_ORCID 
primary 'Patskovsky, Y.'  1  ?                   
primary 'Madegowda, M.'   2  ?                   
primary 'Gilmore, M.'     3  ?                   
primary 'Chang, S.'       4  ?                   
primary 'Maletic, M.'     5  ?                   
primary 'Smith, D.'       6  ?                   
primary 'Sauder, J.M.'    7  ?                   
primary 'Burley, S.K.'    8  0000-0002-2487-9713 
primary 'Swaminathan, S.' 9  ?                   
primary 'Almo, S.C.'      10 ?                   
# 
loop_
_entity.id 
_entity.type 
_entity.src_method 
_entity.pdbx_description 
_entity.formula_weight 
_entity.pdbx_number_of_molecules 
_entity.pdbx_ec 
_entity.pdbx_mutation 
_entity.pdbx_fragment 
_entity.details 
1 polymer     man 'Putative lactoylglutathione lyase' 14255.292 2  ? ? ? ? 
2 non-polymer syn 'SULFATE ION'                       96.063    1  ? ? ? ? 
3 water       nat water                               18.015    30 ? ? ? ? 
# 
_entity_poly.entity_id                      1 
_entity_poly.type                           'polypeptide(L)' 
_entity_poly.nstd_linkage                   no 
_entity_poly.nstd_monomer                   no 
_entity_poly.pdbx_seq_one_letter_code       
;MSLSLLITSITINTSHLQGMLGFYRIIGFQFTASKVDKGSEVHRAVHNGVEFSLYSIQNPQRSQIPSLQLGFQITDLEKT
VQELVKIPGAMCILDPTDMPDGKKAIVLDPDGHSIELCELEGHHHHHH
;
_entity_poly.pdbx_seq_one_letter_code_can   
;MSLSLLITSITINTSHLQGMLGFYRIIGFQFTASKVDKGSEVHRAVHNGVEFSLYSIQNPQRSQIPSLQLGFQITDLEKT
VQELVKIPGAMCILDPTDMPDGKKAIVLDPDGHSIELCELEGHHHHHH
;
_entity_poly.pdbx_strand_id                 A,B 
_entity_poly.pdbx_target_identifier         NYSGXRC-11004t 
# 
loop_
_pdbx_entity_nonpoly.entity_id 
_pdbx_entity_nonpoly.name 
_pdbx_entity_nonpoly.comp_id 
2 'SULFATE ION' SO4 
3 water         HOH 
# 
loop_
_entity_poly_seq.entity_id 
_entity_poly_seq.num 
_entity_poly_seq.mon_id 
_entity_poly_seq.hetero 
1 1   MET n 
1 2   SER n 
1 3   LEU n 
1 4   SER n 
1 5   LEU n 
1 6   LEU n 
1 7   ILE n 
1 8   THR n 
1 9   SER n 
1 10  ILE n 
1 11  THR n 
1 12  ILE n 
1 13  ASN n 
1 14  THR n 
1 15  SER n 
1 16  HIS n 
1 17  LEU n 
1 18  GLN n 
1 19  GLY n 
1 20  MET n 
1 21  LEU n 
1 22  GLY n 
1 23  PHE n 
1 24  TYR n 
1 25  ARG n 
1 26  ILE n 
1 27  ILE n 
1 28  GLY n 
1 29  PHE n 
1 30  GLN n 
1 31  PHE n 
1 32  THR n 
1 33  ALA n 
1 34  SER n 
1 35  LYS n 
1 36  VAL n 
1 37  ASP n 
1 38  LYS n 
1 39  GLY n 
1 40  SER n 
1 41  GLU n 
1 42  VAL n 
1 43  HIS n 
1 44  ARG n 
1 45  ALA n 
1 46  VAL n 
1 47  HIS n 
1 48  ASN n 
1 49  GLY n 
1 50  VAL n 
1 51  GLU n 
1 52  PHE n 
1 53  SER n 
1 54  LEU n 
1 55  TYR n 
1 56  SER n 
1 57  ILE n 
1 58  GLN n 
1 59  ASN n 
1 60  PRO n 
1 61  GLN n 
1 62  ARG n 
1 63  SER n 
1 64  GLN n 
1 65  ILE n 
1 66  PRO n 
1 67  SER n 
1 68  LEU n 
1 69  GLN n 
1 70  LEU n 
1 71  GLY n 
1 72  PHE n 
1 73  GLN n 
1 74  ILE n 
1 75  THR n 
1 76  ASP n 
1 77  LEU n 
1 78  GLU n 
1 79  LYS n 
1 80  THR n 
1 81  VAL n 
1 82  GLN n 
1 83  GLU n 
1 84  LEU n 
1 85  VAL n 
1 86  LYS n 
1 87  ILE n 
1 88  PRO n 
1 89  GLY n 
1 90  ALA n 
1 91  MET n 
1 92  CYS n 
1 93  ILE n 
1 94  LEU n 
1 95  ASP n 
1 96  PRO n 
1 97  THR n 
1 98  ASP n 
1 99  MET n 
1 100 PRO n 
1 101 ASP n 
1 102 GLY n 
1 103 LYS n 
1 104 LYS n 
1 105 ALA n 
1 106 ILE n 
1 107 VAL n 
1 108 LEU n 
1 109 ASP n 
1 110 PRO n 
1 111 ASP n 
1 112 GLY n 
1 113 HIS n 
1 114 SER n 
1 115 ILE n 
1 116 GLU n 
1 117 LEU n 
1 118 CYS n 
1 119 GLU n 
1 120 LEU n 
1 121 GLU n 
1 122 GLY n 
1 123 HIS n 
1 124 HIS n 
1 125 HIS n 
1 126 HIS n 
1 127 HIS n 
1 128 HIS n 
# 
_entity_src_gen.entity_id                          1 
_entity_src_gen.pdbx_src_id                        1 
_entity_src_gen.pdbx_alt_source_flag               sample 
_entity_src_gen.pdbx_seq_type                      ? 
_entity_src_gen.pdbx_beg_seq_num                   ? 
_entity_src_gen.pdbx_end_seq_num                   ? 
_entity_src_gen.gene_src_common_name               ? 
_entity_src_gen.gene_src_genus                     ? 
_entity_src_gen.pdbx_gene_src_gene                 Bd2520 
_entity_src_gen.gene_src_species                   ? 
_entity_src_gen.gene_src_strain                    'HD100 / DSM 50701 / NCIB 9529' 
_entity_src_gen.gene_src_tissue                    ? 
_entity_src_gen.gene_src_tissue_fraction           ? 
_entity_src_gen.gene_src_details                   ? 
_entity_src_gen.pdbx_gene_src_fragment             ? 
_entity_src_gen.pdbx_gene_src_scientific_name      'Bdellovibrio bacteriovorus HD100' 
_entity_src_gen.pdbx_gene_src_ncbi_taxonomy_id     264462 
_entity_src_gen.pdbx_gene_src_variant              ? 
_entity_src_gen.pdbx_gene_src_cell_line            ? 
_entity_src_gen.pdbx_gene_src_atcc                 15356 
_entity_src_gen.pdbx_gene_src_organ                ? 
_entity_src_gen.pdbx_gene_src_organelle            ? 
_entity_src_gen.pdbx_gene_src_cell                 ? 
_entity_src_gen.pdbx_gene_src_cellular_location    ? 
_entity_src_gen.host_org_common_name               ? 
_entity_src_gen.pdbx_host_org_scientific_name      'Escherichia coli' 
_entity_src_gen.pdbx_host_org_ncbi_taxonomy_id     562 
_entity_src_gen.host_org_genus                     ? 
_entity_src_gen.pdbx_host_org_gene                 ? 
_entity_src_gen.pdbx_host_org_organ                ? 
_entity_src_gen.host_org_species                   ? 
_entity_src_gen.pdbx_host_org_tissue               ? 
_entity_src_gen.pdbx_host_org_tissue_fraction      ? 
_entity_src_gen.pdbx_host_org_strain               'BL21(DE3)-CODON+RIL' 
_entity_src_gen.pdbx_host_org_variant              ? 
_entity_src_gen.pdbx_host_org_cell_line            ? 
_entity_src_gen.pdbx_host_org_atcc                 ? 
_entity_src_gen.pdbx_host_org_culture_collection   ? 
_entity_src_gen.pdbx_host_org_cell                 ? 
_entity_src_gen.pdbx_host_org_organelle            ? 
_entity_src_gen.pdbx_host_org_cellular_location    ? 
_entity_src_gen.pdbx_host_org_vector_type          plasmid 
_entity_src_gen.pdbx_host_org_vector               ? 
_entity_src_gen.host_org_details                   ? 
_entity_src_gen.expression_system_id               ? 
_entity_src_gen.plasmid_name                       'BC-pSGX3(BC)' 
_entity_src_gen.plasmid_details                    ? 
_entity_src_gen.pdbx_description                   ? 
# 
loop_
_chem_comp.id 
_chem_comp.type 
_chem_comp.mon_nstd_flag 
_chem_comp.name 
_chem_comp.pdbx_synonyms 
_chem_comp.formula 
_chem_comp.formula_weight 
ALA 'L-peptide linking' y ALANINE         ? 'C3 H7 N O2'     89.093  
ARG 'L-peptide linking' y ARGININE        ? 'C6 H15 N4 O2 1' 175.209 
ASN 'L-peptide linking' y ASPARAGINE      ? 'C4 H8 N2 O3'    132.118 
ASP 'L-peptide linking' y 'ASPARTIC ACID' ? 'C4 H7 N O4'     133.103 
CYS 'L-peptide linking' y CYSTEINE        ? 'C3 H7 N O2 S'   121.158 
GLN 'L-peptide linking' y GLUTAMINE       ? 'C5 H10 N2 O3'   146.144 
GLU 'L-peptide linking' y 'GLUTAMIC ACID' ? 'C5 H9 N O4'     147.129 
GLY 'peptide linking'   y GLYCINE         ? 'C2 H5 N O2'     75.067  
HIS 'L-peptide linking' y HISTIDINE       ? 'C6 H10 N3 O2 1' 156.162 
HOH non-polymer         . WATER           ? 'H2 O'           18.015  
ILE 'L-peptide linking' y ISOLEUCINE      ? 'C6 H13 N O2'    131.173 
LEU 'L-peptide linking' y LEUCINE         ? 'C6 H13 N O2'    131.173 
LYS 'L-peptide linking' y LYSINE          ? 'C6 H15 N2 O2 1' 147.195 
MET 'L-peptide linking' y METHIONINE      ? 'C5 H11 N O2 S'  149.211 
PHE 'L-peptide linking' y PHENYLALANINE   ? 'C9 H11 N O2'    165.189 
PRO 'L-peptide linking' y PROLINE         ? 'C5 H9 N O2'     115.130 
SER 'L-peptide linking' y SERINE          ? 'C3 H7 N O3'     105.093 
SO4 non-polymer         . 'SULFATE ION'   ? 'O4 S -2'        96.063  
THR 'L-peptide linking' y THREONINE       ? 'C4 H9 N O3'     119.119 
TYR 'L-peptide linking' y TYROSINE        ? 'C9 H11 N O3'    181.189 
VAL 'L-peptide linking' y VALINE          ? 'C5 H11 N O2'    117.146 
# 
loop_
_pdbx_poly_seq_scheme.asym_id 
_pdbx_poly_seq_scheme.entity_id 
_pdbx_poly_seq_scheme.seq_id 
_pdbx_poly_seq_scheme.mon_id 
_pdbx_poly_seq_scheme.ndb_seq_num 
_pdbx_poly_seq_scheme.pdb_seq_num 
_pdbx_poly_seq_scheme.auth_seq_num 
_pdbx_poly_seq_scheme.pdb_mon_id 
_pdbx_poly_seq_scheme.auth_mon_id 
_pdbx_poly_seq_scheme.pdb_strand_id 
_pdbx_poly_seq_scheme.pdb_ins_code 
_pdbx_poly_seq_scheme.hetero 
A 1 1   MET 1   -1  ?   ?   ?   A . n 
A 1 2   SER 2   0   ?   ?   ?   A . n 
A 1 3   LEU 3   1   ?   ?   ?   A . n 
A 1 4   SER 4   2   2   SER SER A . n 
A 1 5   LEU 5   3   3   LEU LEU A . n 
A 1 6   LEU 6   4   4   LEU LEU A . n 
A 1 7   ILE 7   5   5   ILE ILE A . n 
A 1 8   THR 8   6   6   THR THR A . n 
A 1 9   SER 9   7   7   SER SER A . n 
A 1 10  ILE 10  8   8   ILE ILE A . n 
A 1 11  THR 11  9   9   THR THR A . n 
A 1 12  ILE 12  10  10  ILE ILE A . n 
A 1 13  ASN 13  11  11  ASN ASN A . n 
A 1 14  THR 14  12  12  THR THR A . n 
A 1 15  SER 15  13  13  SER SER A . n 
A 1 16  HIS 16  14  14  HIS HIS A . n 
A 1 17  LEU 17  15  15  LEU LEU A . n 
A 1 18  GLN 18  16  16  GLN GLN A . n 
A 1 19  GLY 19  17  17  GLY GLY A . n 
A 1 20  MET 20  18  18  MET MET A . n 
A 1 21  LEU 21  19  19  LEU LEU A . n 
A 1 22  GLY 22  20  20  GLY GLY A . n 
A 1 23  PHE 23  21  21  PHE PHE A . n 
A 1 24  TYR 24  22  22  TYR TYR A . n 
A 1 25  ARG 25  23  23  ARG ARG A . n 
A 1 26  ILE 26  24  24  ILE ILE A . n 
A 1 27  ILE 27  25  25  ILE ILE A . n 
A 1 28  GLY 28  26  26  GLY GLY A . n 
A 1 29  PHE 29  27  27  PHE PHE A . n 
A 1 30  GLN 30  28  28  GLN GLN A . n 
A 1 31  PHE 31  29  29  PHE PHE A . n 
A 1 32  THR 32  30  30  THR THR A . n 
A 1 33  ALA 33  31  31  ALA ALA A . n 
A 1 34  SER 34  32  32  SER SER A . n 
A 1 35  LYS 35  33  ?   ?   ?   A . n 
A 1 36  VAL 36  34  ?   ?   ?   A . n 
A 1 37  ASP 37  35  ?   ?   ?   A . n 
A 1 38  LYS 38  36  ?   ?   ?   A . n 
A 1 39  GLY 39  37  ?   ?   ?   A . n 
A 1 40  SER 40  38  38  SER SER A . n 
A 1 41  GLU 41  39  39  GLU GLU A . n 
A 1 42  VAL 42  40  40  VAL VAL A . n 
A 1 43  HIS 43  41  41  HIS HIS A . n 
A 1 44  ARG 44  42  42  ARG ARG A . n 
A 1 45  ALA 45  43  43  ALA ALA A . n 
A 1 46  VAL 46  44  44  VAL VAL A . n 
A 1 47  HIS 47  45  45  HIS HIS A . n 
A 1 48  ASN 48  46  46  ASN ASN A . n 
A 1 49  GLY 49  47  47  GLY GLY A . n 
A 1 50  VAL 50  48  48  VAL VAL A . n 
A 1 51  GLU 51  49  49  GLU GLU A . n 
A 1 52  PHE 52  50  50  PHE PHE A . n 
A 1 53  SER 53  51  51  SER SER A . n 
A 1 54  LEU 54  52  52  LEU LEU A . n 
A 1 55  TYR 55  53  53  TYR TYR A . n 
A 1 56  SER 56  54  54  SER SER A . n 
A 1 57  ILE 57  55  55  ILE ILE A . n 
A 1 58  GLN 58  56  56  GLN GLN A . n 
A 1 59  ASN 59  57  57  ASN ASN A . n 
A 1 60  PRO 60  58  58  PRO PRO A . n 
A 1 61  GLN 61  59  59  GLN GLN A . n 
A 1 62  ARG 62  60  60  ARG ARG A . n 
A 1 63  SER 63  61  61  SER SER A . n 
A 1 64  GLN 64  62  62  GLN GLN A . n 
A 1 65  ILE 65  63  63  ILE ILE A . n 
A 1 66  PRO 66  64  64  PRO PRO A . n 
A 1 67  SER 67  65  65  SER SER A . n 
A 1 68  LEU 68  66  66  LEU LEU A . n 
A 1 69  GLN 69  67  67  GLN GLN A . n 
A 1 70  LEU 70  68  68  LEU LEU A . n 
A 1 71  GLY 71  69  69  GLY GLY A . n 
A 1 72  PHE 72  70  70  PHE PHE A . n 
A 1 73  GLN 73  71  71  GLN GLN A . n 
A 1 74  ILE 74  72  72  ILE ILE A . n 
A 1 75  THR 75  73  73  THR THR A . n 
A 1 76  ASP 76  74  74  ASP ASP A . n 
A 1 77  LEU 77  75  75  LEU LEU A . n 
A 1 78  GLU 78  76  76  GLU GLU A . n 
A 1 79  LYS 79  77  77  LYS LYS A . n 
A 1 80  THR 80  78  78  THR THR A . n 
A 1 81  VAL 81  79  79  VAL VAL A . n 
A 1 82  GLN 82  80  80  GLN GLN A . n 
A 1 83  GLU 83  81  81  GLU GLU A . n 
A 1 84  LEU 84  82  82  LEU LEU A . n 
A 1 85  VAL 85  83  83  VAL VAL A . n 
A 1 86  LYS 86  84  84  LYS LYS A . n 
A 1 87  ILE 87  85  85  ILE ILE A . n 
A 1 88  PRO 88  86  86  PRO PRO A . n 
A 1 89  GLY 89  87  87  GLY GLY A . n 
A 1 90  ALA 90  88  88  ALA ALA A . n 
A 1 91  MET 91  89  89  MET MET A . n 
A 1 92  CYS 92  90  90  CYS CYS A . n 
A 1 93  ILE 93  91  91  ILE ILE A . n 
A 1 94  LEU 94  92  92  LEU LEU A . n 
A 1 95  ASP 95  93  93  ASP ASP A . n 
A 1 96  PRO 96  94  94  PRO PRO A . n 
A 1 97  THR 97  95  95  THR THR A . n 
A 1 98  ASP 98  96  96  ASP ASP A . n 
A 1 99  MET 99  97  97  MET MET A . n 
A 1 100 PRO 100 98  98  PRO PRO A . n 
A 1 101 ASP 101 99  ?   ?   ?   A . n 
A 1 102 GLY 102 100 100 GLY GLY A . n 
A 1 103 LYS 103 101 101 LYS LYS A . n 
A 1 104 LYS 104 102 102 LYS LYS A . n 
A 1 105 ALA 105 103 103 ALA ALA A . n 
A 1 106 ILE 106 104 104 ILE ILE A . n 
A 1 107 VAL 107 105 105 VAL VAL A . n 
A 1 108 LEU 108 106 106 LEU LEU A . n 
A 1 109 ASP 109 107 107 ASP ASP A . n 
A 1 110 PRO 110 108 108 PRO PRO A . n 
A 1 111 ASP 111 109 109 ASP ASP A . n 
A 1 112 GLY 112 110 110 GLY GLY A . n 
A 1 113 HIS 113 111 111 HIS HIS A . n 
A 1 114 SER 114 112 112 SER SER A . n 
A 1 115 ILE 115 113 113 ILE ILE A . n 
A 1 116 GLU 116 114 114 GLU GLU A . n 
A 1 117 LEU 117 115 115 LEU LEU A . n 
A 1 118 CYS 118 116 116 CYS CYS A . n 
A 1 119 GLU 119 117 117 GLU GLU A . n 
A 1 120 LEU 120 118 ?   ?   ?   A . n 
A 1 121 GLU 121 119 ?   ?   ?   A . n 
A 1 122 GLY 122 120 ?   ?   ?   A . n 
A 1 123 HIS 123 121 ?   ?   ?   A . n 
A 1 124 HIS 124 122 ?   ?   ?   A . n 
A 1 125 HIS 125 123 ?   ?   ?   A . n 
A 1 126 HIS 126 124 ?   ?   ?   A . n 
A 1 127 HIS 127 125 ?   ?   ?   A . n 
A 1 128 HIS 128 126 ?   ?   ?   A . n 
B 1 1   MET 1   -1  ?   ?   ?   B . n 
B 1 2   SER 2   0   ?   ?   ?   B . n 
B 1 3   LEU 3   1   ?   ?   ?   B . n 
B 1 4   SER 4   2   2   SER SER B . n 
B 1 5   LEU 5   3   3   LEU LEU B . n 
B 1 6   LEU 6   4   4   LEU LEU B . n 
B 1 7   ILE 7   5   5   ILE ILE B . n 
B 1 8   THR 8   6   6   THR THR B . n 
B 1 9   SER 9   7   7   SER SER B . n 
B 1 10  ILE 10  8   8   ILE ILE B . n 
B 1 11  THR 11  9   9   THR THR B . n 
B 1 12  ILE 12  10  10  ILE ILE B . n 
B 1 13  ASN 13  11  11  ASN ASN B . n 
B 1 14  THR 14  12  12  THR THR B . n 
B 1 15  SER 15  13  13  SER SER B . n 
B 1 16  HIS 16  14  14  HIS HIS B . n 
B 1 17  LEU 17  15  15  LEU LEU B . n 
B 1 18  GLN 18  16  16  GLN GLN B . n 
B 1 19  GLY 19  17  17  GLY GLY B . n 
B 1 20  MET 20  18  18  MET MET B . n 
B 1 21  LEU 21  19  19  LEU LEU B . n 
B 1 22  GLY 22  20  20  GLY GLY B . n 
B 1 23  PHE 23  21  21  PHE PHE B . n 
B 1 24  TYR 24  22  22  TYR TYR B . n 
B 1 25  ARG 25  23  23  ARG ARG B . n 
B 1 26  ILE 26  24  24  ILE ILE B . n 
B 1 27  ILE 27  25  25  ILE ILE B . n 
B 1 28  GLY 28  26  26  GLY GLY B . n 
B 1 29  PHE 29  27  27  PHE PHE B . n 
B 1 30  GLN 30  28  28  GLN GLN B . n 
B 1 31  PHE 31  29  29  PHE PHE B . n 
B 1 32  THR 32  30  30  THR THR B . n 
B 1 33  ALA 33  31  31  ALA ALA B . n 
B 1 34  SER 34  32  32  SER SER B . n 
B 1 35  LYS 35  33  33  LYS LYS B . n 
B 1 36  VAL 36  34  34  VAL VAL B . n 
B 1 37  ASP 37  35  ?   ?   ?   B . n 
B 1 38  LYS 38  36  ?   ?   ?   B . n 
B 1 39  GLY 39  37  ?   ?   ?   B . n 
B 1 40  SER 40  38  38  SER SER B . n 
B 1 41  GLU 41  39  39  GLU GLU B . n 
B 1 42  VAL 42  40  40  VAL VAL B . n 
B 1 43  HIS 43  41  41  HIS HIS B . n 
B 1 44  ARG 44  42  42  ARG ARG B . n 
B 1 45  ALA 45  43  43  ALA ALA B . n 
B 1 46  VAL 46  44  44  VAL VAL B . n 
B 1 47  HIS 47  45  45  HIS HIS B . n 
B 1 48  ASN 48  46  46  ASN ASN B . n 
B 1 49  GLY 49  47  47  GLY GLY B . n 
B 1 50  VAL 50  48  48  VAL VAL B . n 
B 1 51  GLU 51  49  49  GLU GLU B . n 
B 1 52  PHE 52  50  50  PHE PHE B . n 
B 1 53  SER 53  51  51  SER SER B . n 
B 1 54  LEU 54  52  52  LEU LEU B . n 
B 1 55  TYR 55  53  53  TYR TYR B . n 
B 1 56  SER 56  54  54  SER SER B . n 
B 1 57  ILE 57  55  55  ILE ILE B . n 
B 1 58  GLN 58  56  56  GLN GLN B . n 
B 1 59  ASN 59  57  57  ASN ASN B . n 
B 1 60  PRO 60  58  58  PRO PRO B . n 
B 1 61  GLN 61  59  59  GLN GLN B . n 
B 1 62  ARG 62  60  60  ARG ARG B . n 
B 1 63  SER 63  61  61  SER SER B . n 
B 1 64  GLN 64  62  62  GLN GLN B . n 
B 1 65  ILE 65  63  63  ILE ILE B . n 
B 1 66  PRO 66  64  64  PRO PRO B . n 
B 1 67  SER 67  65  65  SER SER B . n 
B 1 68  LEU 68  66  66  LEU LEU B . n 
B 1 69  GLN 69  67  67  GLN GLN B . n 
B 1 70  LEU 70  68  68  LEU LEU B . n 
B 1 71  GLY 71  69  69  GLY GLY B . n 
B 1 72  PHE 72  70  70  PHE PHE B . n 
B 1 73  GLN 73  71  71  GLN GLN B . n 
B 1 74  ILE 74  72  72  ILE ILE B . n 
B 1 75  THR 75  73  73  THR THR B . n 
B 1 76  ASP 76  74  74  ASP ASP B . n 
B 1 77  LEU 77  75  75  LEU LEU B . n 
B 1 78  GLU 78  76  76  GLU GLU B . n 
B 1 79  LYS 79  77  77  LYS LYS B . n 
B 1 80  THR 80  78  78  THR THR B . n 
B 1 81  VAL 81  79  79  VAL VAL B . n 
B 1 82  GLN 82  80  80  GLN GLN B . n 
B 1 83  GLU 83  81  81  GLU GLU B . n 
B 1 84  LEU 84  82  82  LEU LEU B . n 
B 1 85  VAL 85  83  83  VAL VAL B . n 
B 1 86  LYS 86  84  84  LYS LYS B . n 
B 1 87  ILE 87  85  85  ILE ILE B . n 
B 1 88  PRO 88  86  86  PRO PRO B . n 
B 1 89  GLY 89  87  87  GLY GLY B . n 
B 1 90  ALA 90  88  88  ALA ALA B . n 
B 1 91  MET 91  89  89  MET MET B . n 
B 1 92  CYS 92  90  90  CYS CYS B . n 
B 1 93  ILE 93  91  91  ILE ILE B . n 
B 1 94  LEU 94  92  92  LEU LEU B . n 
B 1 95  ASP 95  93  93  ASP ASP B . n 
B 1 96  PRO 96  94  94  PRO PRO B . n 
B 1 97  THR 97  95  95  THR THR B . n 
B 1 98  ASP 98  96  96  ASP ASP B . n 
B 1 99  MET 99  97  97  MET MET B . n 
B 1 100 PRO 100 98  98  PRO PRO B . n 
B 1 101 ASP 101 99  ?   ?   ?   B . n 
B 1 102 GLY 102 100 100 GLY GLY B . n 
B 1 103 LYS 103 101 101 LYS LYS B . n 
B 1 104 LYS 104 102 102 LYS LYS B . n 
B 1 105 ALA 105 103 103 ALA ALA B . n 
B 1 106 ILE 106 104 104 ILE ILE B . n 
B 1 107 VAL 107 105 105 VAL VAL B . n 
B 1 108 LEU 108 106 106 LEU LEU B . n 
B 1 109 ASP 109 107 107 ASP ASP B . n 
B 1 110 PRO 110 108 108 PRO PRO B . n 
B 1 111 ASP 111 109 109 ASP ASP B . n 
B 1 112 GLY 112 110 110 GLY GLY B . n 
B 1 113 HIS 113 111 111 HIS HIS B . n 
B 1 114 SER 114 112 112 SER SER B . n 
B 1 115 ILE 115 113 113 ILE ILE B . n 
B 1 116 GLU 116 114 114 GLU GLU B . n 
B 1 117 LEU 117 115 115 LEU LEU B . n 
B 1 118 CYS 118 116 116 CYS CYS B . n 
B 1 119 GLU 119 117 117 GLU GLU B . n 
B 1 120 LEU 120 118 118 LEU LEU B . n 
B 1 121 GLU 121 119 ?   ?   ?   B . n 
B 1 122 GLY 122 120 ?   ?   ?   B . n 
B 1 123 HIS 123 121 ?   ?   ?   B . n 
B 1 124 HIS 124 122 ?   ?   ?   B . n 
B 1 125 HIS 125 123 ?   ?   ?   B . n 
B 1 126 HIS 126 124 ?   ?   ?   B . n 
B 1 127 HIS 127 125 ?   ?   ?   B . n 
B 1 128 HIS 128 126 ?   ?   ?   B . n 
# 
loop_
_pdbx_nonpoly_scheme.asym_id 
_pdbx_nonpoly_scheme.entity_id 
_pdbx_nonpoly_scheme.mon_id 
_pdbx_nonpoly_scheme.ndb_seq_num 
_pdbx_nonpoly_scheme.pdb_seq_num 
_pdbx_nonpoly_scheme.auth_seq_num 
_pdbx_nonpoly_scheme.pdb_mon_id 
_pdbx_nonpoly_scheme.auth_mon_id 
_pdbx_nonpoly_scheme.pdb_strand_id 
_pdbx_nonpoly_scheme.pdb_ins_code 
C 2 SO4 1  201 1  SO4 SO4 A . 
D 3 HOH 1  127 1  HOH HOH A . 
D 3 HOH 2  128 2  HOH HOH A . 
D 3 HOH 3  129 3  HOH HOH A . 
D 3 HOH 4  130 7  HOH HOH A . 
D 3 HOH 5  131 8  HOH HOH A . 
D 3 HOH 6  132 9  HOH HOH A . 
D 3 HOH 7  133 14 HOH HOH A . 
D 3 HOH 8  134 15 HOH HOH A . 
D 3 HOH 9  135 18 HOH HOH A . 
D 3 HOH 10 136 19 HOH HOH A . 
D 3 HOH 11 137 20 HOH HOH A . 
D 3 HOH 12 138 21 HOH HOH A . 
D 3 HOH 13 139 22 HOH HOH A . 
D 3 HOH 14 140 23 HOH HOH A . 
D 3 HOH 15 141 24 HOH HOH A . 
D 3 HOH 16 142 25 HOH HOH A . 
D 3 HOH 17 143 26 HOH HOH A . 
D 3 HOH 18 144 27 HOH HOH A . 
D 3 HOH 19 145 28 HOH HOH A . 
E 3 HOH 1  127 4  HOH HOH B . 
E 3 HOH 2  128 5  HOH HOH B . 
E 3 HOH 3  129 6  HOH HOH B . 
E 3 HOH 4  130 10 HOH HOH B . 
E 3 HOH 5  131 11 HOH HOH B . 
E 3 HOH 6  132 12 HOH HOH B . 
E 3 HOH 7  133 13 HOH HOH B . 
E 3 HOH 8  134 16 HOH HOH B . 
E 3 HOH 9  135 17 HOH HOH B . 
E 3 HOH 10 136 29 HOH HOH B . 
E 3 HOH 11 137 30 HOH HOH B . 
# 
loop_
_software.name 
_software.classification 
_software.version 
_software.citation_id 
_software.pdbx_ordinal 
MAR345   'data collection' CCD      ? 1 
SHELXD   phasing           .        ? 2 
REFMAC   refinement        5.2.0019 ? 3 
HKL-2000 'data reduction'  .        ? 4 
HKL-2000 'data scaling'    .        ? 5 
# 
_cell.entry_id           3G12 
_cell.length_a           91.276 
_cell.length_b           91.276 
_cell.length_c           57.711 
_cell.angle_alpha        90.00 
_cell.angle_beta         90.00 
_cell.angle_gamma        90.00 
_cell.Z_PDB              16 
_cell.pdbx_unique_axis   ? 
_cell.length_a_esd       ? 
_cell.length_b_esd       ? 
_cell.length_c_esd       ? 
_cell.angle_alpha_esd    ? 
_cell.angle_beta_esd     ? 
_cell.angle_gamma_esd    ? 
# 
_symmetry.entry_id                         3G12 
_symmetry.space_group_name_H-M             'P 43 21 2' 
_symmetry.pdbx_full_space_group_name_H-M   ? 
_symmetry.cell_setting                     ? 
_symmetry.Int_Tables_number                96 
_symmetry.space_group_name_Hall            ? 
# 
_exptl.entry_id          3G12 
_exptl.method            'X-RAY DIFFRACTION' 
_exptl.crystals_number   1 
# 
_exptl_crystal.id                    1 
_exptl_crystal.density_meas          ? 
_exptl_crystal.density_Matthews      2.11 
_exptl_crystal.density_percent_sol   41.65 
_exptl_crystal.description           ? 
_exptl_crystal.F_000                 ? 
_exptl_crystal.preparation           ? 
# 
_exptl_crystal_grow.crystal_id      1 
_exptl_crystal_grow.method          'VAPOR DIFFUSION, SITTING DROP' 
_exptl_crystal_grow.temp            294 
_exptl_crystal_grow.temp_details    ? 
_exptl_crystal_grow.pH              6.5 
_exptl_crystal_grow.pdbx_details    
'100mM Bis-tris pH 6.5, 2M Ammonium sulfate, 10% Glycerol, VAPOR DIFFUSION, SITTING DROP, temperature 294K' 
_exptl_crystal_grow.pdbx_pH_range   ? 
# 
_diffrn.id                     1 
_diffrn.ambient_temp           90.0 
_diffrn.ambient_temp_details   ? 
_diffrn.crystal_id             1 
# 
_diffrn_detector.diffrn_id              1 
_diffrn_detector.detector               CCD 
_diffrn_detector.type                   'MAR CCD 165 mm' 
_diffrn_detector.pdbx_collection_date   2007-10-26 
_diffrn_detector.details                ? 
# 
_diffrn_radiation.diffrn_id                        1 
_diffrn_radiation.wavelength_id                    1 
_diffrn_radiation.pdbx_monochromatic_or_laue_m_l   M 
_diffrn_radiation.monochromator                    DIAMOND 
_diffrn_radiation.pdbx_diffrn_protocol             'SINGLE WAVELENGTH' 
_diffrn_radiation.pdbx_scattering_type             x-ray 
# 
_diffrn_radiation_wavelength.id           1 
_diffrn_radiation_wavelength.wavelength   0.9793 
_diffrn_radiation_wavelength.wt           1.0 
# 
_diffrn_source.diffrn_id                   1 
_diffrn_source.source                      SYNCHROTRON 
_diffrn_source.type                        'APS BEAMLINE 31-ID' 
_diffrn_source.pdbx_synchrotron_site       APS 
_diffrn_source.pdbx_synchrotron_beamline   31-ID 
_diffrn_source.pdbx_wavelength             ? 
_diffrn_source.pdbx_wavelength_list        0.9793 
# 
_reflns.entry_id                     3G12 
_reflns.observed_criterion_sigma_I   -5.000 
_reflns.observed_criterion_sigma_F   ? 
_reflns.d_resolution_low             50.0 
_reflns.d_resolution_high            2.55 
_reflns.number_obs                   8394 
_reflns.number_all                   ? 
_reflns.percent_possible_obs         99.8 
_reflns.pdbx_Rmerge_I_obs            0.106 
_reflns.pdbx_Rsym_value              ? 
_reflns.pdbx_netI_over_sigmaI        5.4 
_reflns.B_iso_Wilson_estimate        49.658 
_reflns.pdbx_redundancy              4.5 
_reflns.R_free_details               ? 
_reflns.limit_h_max                  ? 
_reflns.limit_h_min                  ? 
_reflns.limit_k_max                  ? 
_reflns.limit_k_min                  ? 
_reflns.limit_l_max                  ? 
_reflns.limit_l_min                  ? 
_reflns.observed_criterion_F_max     ? 
_reflns.observed_criterion_F_min     ? 
_reflns.pdbx_chi_squared             ? 
_reflns.pdbx_scaling_rejects         ? 
_reflns.pdbx_diffrn_id               1 
_reflns.pdbx_ordinal                 1 
# 
_reflns_shell.d_res_high             2.55 
_reflns_shell.d_res_low              2.64 
_reflns_shell.percent_possible_all   99.5 
_reflns_shell.Rmerge_I_obs           0.661 
_reflns_shell.pdbx_Rsym_value        ? 
_reflns_shell.meanI_over_sigI_obs    1.5 
_reflns_shell.pdbx_redundancy        3.7 
_reflns_shell.percent_possible_obs   ? 
_reflns_shell.number_unique_all      ? 
_reflns_shell.number_measured_all    ? 
_reflns_shell.number_measured_obs    ? 
_reflns_shell.number_unique_obs      ? 
_reflns_shell.pdbx_chi_squared       ? 
_reflns_shell.pdbx_diffrn_id         ? 
_reflns_shell.pdbx_ordinal           1 
# 
_refine.entry_id                                 3G12 
_refine.ls_number_reflns_obs                     7830 
_refine.ls_number_reflns_all                     ? 
_refine.pdbx_ls_sigma_I                          ? 
_refine.pdbx_ls_sigma_F                          ? 
_refine.pdbx_data_cutoff_high_absF               ? 
_refine.pdbx_data_cutoff_low_absF                ? 
_refine.pdbx_data_cutoff_high_rms_absF           ? 
_refine.ls_d_res_low                             20.00 
_refine.ls_d_res_high                            2.58 
_refine.ls_percent_reflns_obs                    99.94 
_refine.ls_R_factor_obs                          0.21392 
_refine.ls_R_factor_all                          ? 
_refine.ls_R_factor_R_work                       0.21211 
_refine.ls_R_factor_R_free                       0.27481 
_refine.ls_R_factor_R_free_error                 ? 
_refine.ls_R_factor_R_free_error_details         ? 
_refine.ls_percent_reflns_R_free                 2.9 
_refine.ls_number_reflns_R_free                  231 
_refine.ls_number_parameters                     ? 
_refine.ls_number_restraints                     ? 
_refine.occupancy_min                            ? 
_refine.occupancy_max                            ? 
_refine.correlation_coeff_Fo_to_Fc               0.937 
_refine.correlation_coeff_Fo_to_Fc_free          0.910 
_refine.B_iso_mean                               45.277 
_refine.aniso_B[1][1]                            0.59 
_refine.aniso_B[2][2]                            0.59 
_refine.aniso_B[3][3]                            -1.18 
_refine.aniso_B[1][2]                            0.00 
_refine.aniso_B[1][3]                            0.00 
_refine.aniso_B[2][3]                            0.00 
_refine.solvent_model_details                    MASK 
_refine.solvent_model_param_ksol                 ? 
_refine.solvent_model_param_bsol                 ? 
_refine.pdbx_solvent_vdw_probe_radii             1.20 
_refine.pdbx_solvent_ion_probe_radii             0.80 
_refine.pdbx_solvent_shrinkage_radii             0.80 
_refine.pdbx_ls_cross_valid_method               THROUGHOUT 
_refine.details                                  'HYDROGENS HAVE BEEN ADDED IN THE RIDING POSITIONS' 
_refine.pdbx_starting_model                      ? 
_refine.pdbx_method_to_determine_struct          SAD 
_refine.pdbx_isotropic_thermal_model             ? 
_refine.pdbx_stereochemistry_target_values       'MAXIMUM LIKELIHOOD' 
_refine.pdbx_stereochem_target_val_spec_case     ? 
_refine.pdbx_R_Free_selection_details            RANDOM 
_refine.pdbx_overall_ESU_R                       0.862 
_refine.pdbx_overall_ESU_R_Free                  0.341 
_refine.overall_SU_ML                            0.257 
_refine.overall_SU_B                             12.252 
_refine.ls_redundancy_reflns_obs                 ? 
_refine.B_iso_min                                ? 
_refine.B_iso_max                                ? 
_refine.overall_SU_R_Cruickshank_DPI             ? 
_refine.overall_SU_R_free                        ? 
_refine.ls_wR_factor_R_free                      ? 
_refine.ls_wR_factor_R_work                      ? 
_refine.overall_FOM_free_R_set                   ? 
_refine.overall_FOM_work_R_set                   ? 
_refine.pdbx_overall_phase_error                 ? 
_refine.pdbx_refine_id                           'X-RAY DIFFRACTION' 
_refine.pdbx_diffrn_id                           1 
_refine.pdbx_TLS_residual_ADP_flag               ? 
_refine.pdbx_overall_SU_R_free_Cruickshank_DPI   ? 
_refine.pdbx_overall_SU_R_Blow_DPI               ? 
_refine.pdbx_overall_SU_R_free_Blow_DPI          ? 
# 
_refine_hist.pdbx_refine_id                   'X-RAY DIFFRACTION' 
_refine_hist.cycle_id                         LAST 
_refine_hist.pdbx_number_atoms_protein        1740 
_refine_hist.pdbx_number_atoms_nucleic_acid   0 
_refine_hist.pdbx_number_atoms_ligand         5 
_refine_hist.number_atoms_solvent             30 
_refine_hist.number_atoms_total               1775 
_refine_hist.d_res_high                       2.58 
_refine_hist.d_res_low                        20.00 
# 
loop_
_refine_ls_restr.type 
_refine_ls_restr.dev_ideal 
_refine_ls_restr.dev_ideal_target 
_refine_ls_restr.weight 
_refine_ls_restr.number 
_refine_ls_restr.pdbx_refine_id 
_refine_ls_restr.pdbx_restraint_function 
r_bond_refined_d             0.007  0.022  ? 1775 'X-RAY DIFFRACTION' ? 
r_bond_other_d               ?      ?      ? ?    'X-RAY DIFFRACTION' ? 
r_angle_refined_deg          1.219  1.978  ? 2404 'X-RAY DIFFRACTION' ? 
r_angle_other_deg            ?      ?      ? ?    'X-RAY DIFFRACTION' ? 
r_dihedral_angle_1_deg       6.061  5.000  ? 223  'X-RAY DIFFRACTION' ? 
r_dihedral_angle_2_deg       36.451 25.342 ? 73   'X-RAY DIFFRACTION' ? 
r_dihedral_angle_3_deg       16.975 15.000 ? 320  'X-RAY DIFFRACTION' ? 
r_dihedral_angle_4_deg       15.905 15.000 ? 6    'X-RAY DIFFRACTION' ? 
r_chiral_restr               0.085  0.200  ? 287  'X-RAY DIFFRACTION' ? 
r_gen_planes_refined         0.003  0.020  ? 1288 'X-RAY DIFFRACTION' ? 
r_gen_planes_other           ?      ?      ? ?    'X-RAY DIFFRACTION' ? 
r_nbd_refined                0.140  0.300  ? 634  'X-RAY DIFFRACTION' ? 
r_nbd_other                  ?      ?      ? ?    'X-RAY DIFFRACTION' ? 
r_nbtor_refined              0.294  0.500  ? 1177 'X-RAY DIFFRACTION' ? 
r_nbtor_other                ?      ?      ? ?    'X-RAY DIFFRACTION' ? 
r_xyhbond_nbd_refined        0.125  0.500  ? 110  'X-RAY DIFFRACTION' ? 
r_xyhbond_nbd_other          ?      ?      ? ?    'X-RAY DIFFRACTION' ? 
r_metal_ion_refined          ?      ?      ? ?    'X-RAY DIFFRACTION' ? 
r_metal_ion_other            ?      ?      ? ?    'X-RAY DIFFRACTION' ? 
r_symmetry_vdw_refined       0.091  0.300  ? 49   'X-RAY DIFFRACTION' ? 
r_symmetry_vdw_other         ?      ?      ? ?    'X-RAY DIFFRACTION' ? 
r_symmetry_hbond_refined     0.232  0.500  ? 7    'X-RAY DIFFRACTION' ? 
r_symmetry_hbond_other       ?      ?      ? ?    'X-RAY DIFFRACTION' ? 
r_symmetry_metal_ion_refined ?      ?      ? ?    'X-RAY DIFFRACTION' ? 
r_symmetry_metal_ion_other   ?      ?      ? ?    'X-RAY DIFFRACTION' ? 
r_mcbond_it                  2.450  2.000  ? 1148 'X-RAY DIFFRACTION' ? 
r_mcbond_other               ?      ?      ? ?    'X-RAY DIFFRACTION' ? 
r_mcangle_it                 4.328  3.000  ? 1816 'X-RAY DIFFRACTION' ? 
r_scbond_it                  5.504  4.000  ? 683  'X-RAY DIFFRACTION' ? 
r_scangle_it                 8.419  7.000  ? 585  'X-RAY DIFFRACTION' ? 
r_rigid_bond_restr           ?      ?      ? ?    'X-RAY DIFFRACTION' ? 
r_sphericity_free            ?      ?      ? ?    'X-RAY DIFFRACTION' ? 
r_sphericity_bonded          ?      ?      ? ?    'X-RAY DIFFRACTION' ? 
# 
loop_
_refine_ls_restr_ncs.dom_id 
_refine_ls_restr_ncs.pdbx_auth_asym_id 
_refine_ls_restr_ncs.pdbx_number 
_refine_ls_restr_ncs.rms_dev_position 
_refine_ls_restr_ncs.weight_position 
_refine_ls_restr_ncs.pdbx_type 
_refine_ls_restr_ncs.pdbx_ens_id 
_refine_ls_restr_ncs.pdbx_refine_id 
_refine_ls_restr_ncs.pdbx_ordinal 
_refine_ls_restr_ncs.ncs_model_details 
_refine_ls_restr_ncs.rms_dev_B_iso 
_refine_ls_restr_ncs.weight_B_iso 
_refine_ls_restr_ncs.pdbx_asym_id 
_refine_ls_restr_ncs.pdbx_rms 
_refine_ls_restr_ncs.pdbx_weight 
1 A 837 0.05 0.10 'tight positional' 1 'X-RAY DIFFRACTION' 1 ? ? ? ? ? ? 
1 A 837 0.23 1.50 'tight thermal'    1 'X-RAY DIFFRACTION' 2 ? ? ? ? ? ? 
# 
_refine_ls_shell.pdbx_total_number_of_bins_used   20 
_refine_ls_shell.d_res_high                       2.580 
_refine_ls_shell.d_res_low                        2.646 
_refine_ls_shell.number_reflns_R_work             546 
_refine_ls_shell.R_factor_R_work                  0.306 
_refine_ls_shell.percent_reflns_obs               100.00 
_refine_ls_shell.R_factor_R_free                  0.393 
_refine_ls_shell.R_factor_R_free_error            ? 
_refine_ls_shell.percent_reflns_R_free            ? 
_refine_ls_shell.number_reflns_R_free             22 
_refine_ls_shell.number_reflns_all                ? 
_refine_ls_shell.R_factor_all                     ? 
_refine_ls_shell.number_reflns_obs                ? 
_refine_ls_shell.redundancy_reflns_obs            ? 
_refine_ls_shell.pdbx_refine_id                   'X-RAY DIFFRACTION' 
# 
loop_
_struct_ncs_dom.id 
_struct_ncs_dom.details 
_struct_ncs_dom.pdbx_ens_id 
1 A 1 
2 B 1 
# 
loop_
_struct_ncs_dom_lim.dom_id 
_struct_ncs_dom_lim.beg_auth_asym_id 
_struct_ncs_dom_lim.beg_auth_seq_id 
_struct_ncs_dom_lim.end_auth_asym_id 
_struct_ncs_dom_lim.end_auth_seq_id 
_struct_ncs_dom_lim.pdbx_component_id 
_struct_ncs_dom_lim.pdbx_refine_code 
_struct_ncs_dom_lim.beg_label_asym_id 
_struct_ncs_dom_lim.beg_label_comp_id 
_struct_ncs_dom_lim.beg_label_seq_id 
_struct_ncs_dom_lim.beg_label_alt_id 
_struct_ncs_dom_lim.end_label_asym_id 
_struct_ncs_dom_lim.end_label_comp_id 
_struct_ncs_dom_lim.end_label_seq_id 
_struct_ncs_dom_lim.end_label_alt_id 
_struct_ncs_dom_lim.pdbx_ens_id 
_struct_ncs_dom_lim.selection_details 
_struct_ncs_dom_lim.beg_auth_comp_id 
_struct_ncs_dom_lim.end_auth_comp_id 
1 A 1 A 117 1 1 ? ? ? ? ? ? ? ? 1 ? ? ? 
2 B 1 B 117 1 1 ? ? ? ? ? ? ? ? 1 ? ? ? 
# 
_struct_ncs_ens.id        1 
_struct_ncs_ens.details   ? 
# 
_struct.entry_id                  3G12 
_struct.title                     'Crystal structure of a putative lactoylglutathione lyase from Bdellovibrio bacteriovorus' 
_struct.pdbx_model_details        ? 
_struct.pdbx_CASP_flag            ? 
_struct.pdbx_model_type_details   ? 
# 
_struct_keywords.entry_id        3G12 
_struct_keywords.pdbx_keywords   LYASE 
_struct_keywords.text            
;LYASE, GLYOXALASE, BLEOMYCIN RESISTANCE, PSI-2, NYSGXRC, STRUCTURAL GENOMICS, PROTEIN STRUCTURE INITIATIVE, NEW YORK SGX RESEARCH CENTER FOR STRUCTURAL GENOMICS
;
# 
loop_
_struct_asym.id 
_struct_asym.pdbx_blank_PDB_chainid_flag 
_struct_asym.pdbx_modified 
_struct_asym.entity_id 
_struct_asym.details 
A N N 1 ? 
B N N 1 ? 
C N N 2 ? 
D N N 3 ? 
E N N 3 ? 
# 
_struct_ref.id                         1 
_struct_ref.db_name                    UNP 
_struct_ref.db_code                    Q6MK89_BDEBA 
_struct_ref.pdbx_db_accession          Q6MK89 
_struct_ref.entity_id                  1 
_struct_ref.pdbx_seq_one_letter_code   
;SLLITSITINTSHLQGMLGFYRIIGFQFTASKVDKGSEVHRAVHNGVEFSLYSIQNPQRSQIPSLQLGFQITDLEKTVQE
LVKIPGAMCILDPTDMPDGKKAIVLDPDGHSIELCEL
;
_struct_ref.pdbx_align_begin           2 
_struct_ref.pdbx_db_isoform            ? 
# 
loop_
_struct_ref_seq.align_id 
_struct_ref_seq.ref_id 
_struct_ref_seq.pdbx_PDB_id_code 
_struct_ref_seq.pdbx_strand_id 
_struct_ref_seq.seq_align_beg 
_struct_ref_seq.pdbx_seq_align_beg_ins_code 
_struct_ref_seq.seq_align_end 
_struct_ref_seq.pdbx_seq_align_end_ins_code 
_struct_ref_seq.pdbx_db_accession 
_struct_ref_seq.db_align_beg 
_struct_ref_seq.pdbx_db_align_beg_ins_code 
_struct_ref_seq.db_align_end 
_struct_ref_seq.pdbx_db_align_end_ins_code 
_struct_ref_seq.pdbx_auth_seq_align_beg 
_struct_ref_seq.pdbx_auth_seq_align_end 
1 1 3G12 A 4 ? 120 ? Q6MK89 2 ? 118 ? 2 118 
2 1 3G12 B 4 ? 120 ? Q6MK89 2 ? 118 ? 2 118 
# 
loop_
_struct_ref_seq_dif.align_id 
_struct_ref_seq_dif.pdbx_pdb_id_code 
_struct_ref_seq_dif.mon_id 
_struct_ref_seq_dif.pdbx_pdb_strand_id 
_struct_ref_seq_dif.seq_num 
_struct_ref_seq_dif.pdbx_pdb_ins_code 
_struct_ref_seq_dif.pdbx_seq_db_name 
_struct_ref_seq_dif.pdbx_seq_db_accession_code 
_struct_ref_seq_dif.db_mon_id 
_struct_ref_seq_dif.pdbx_seq_db_seq_num 
_struct_ref_seq_dif.details 
_struct_ref_seq_dif.pdbx_auth_seq_num 
_struct_ref_seq_dif.pdbx_ordinal 
1 3G12 MET A 1   ? UNP Q6MK89 ? ? 'expression tag' -1  1  
1 3G12 SER A 2   ? UNP Q6MK89 ? ? 'expression tag' 0   2  
1 3G12 LEU A 3   ? UNP Q6MK89 ? ? 'expression tag' 1   3  
1 3G12 GLU A 121 ? UNP Q6MK89 ? ? 'expression tag' 119 4  
1 3G12 GLY A 122 ? UNP Q6MK89 ? ? 'expression tag' 120 5  
1 3G12 HIS A 123 ? UNP Q6MK89 ? ? 'expression tag' 121 6  
1 3G12 HIS A 124 ? UNP Q6MK89 ? ? 'expression tag' 122 7  
1 3G12 HIS A 125 ? UNP Q6MK89 ? ? 'expression tag' 123 8  
1 3G12 HIS A 126 ? UNP Q6MK89 ? ? 'expression tag' 124 9  
1 3G12 HIS A 127 ? UNP Q6MK89 ? ? 'expression tag' 125 10 
1 3G12 HIS A 128 ? UNP Q6MK89 ? ? 'expression tag' 126 11 
2 3G12 MET B 1   ? UNP Q6MK89 ? ? 'expression tag' -1  12 
2 3G12 SER B 2   ? UNP Q6MK89 ? ? 'expression tag' 0   13 
2 3G12 LEU B 3   ? UNP Q6MK89 ? ? 'expression tag' 1   14 
2 3G12 GLU B 121 ? UNP Q6MK89 ? ? 'expression tag' 119 15 
2 3G12 GLY B 122 ? UNP Q6MK89 ? ? 'expression tag' 120 16 
2 3G12 HIS B 123 ? UNP Q6MK89 ? ? 'expression tag' 121 17 
2 3G12 HIS B 124 ? UNP Q6MK89 ? ? 'expression tag' 122 18 
2 3G12 HIS B 125 ? UNP Q6MK89 ? ? 'expression tag' 123 19 
2 3G12 HIS B 126 ? UNP Q6MK89 ? ? 'expression tag' 124 20 
2 3G12 HIS B 127 ? UNP Q6MK89 ? ? 'expression tag' 125 21 
2 3G12 HIS B 128 ? UNP Q6MK89 ? ? 'expression tag' 126 22 
# 
_pdbx_struct_assembly.id                   1 
_pdbx_struct_assembly.details              author_and_software_defined_assembly 
_pdbx_struct_assembly.method_details       PISA 
_pdbx_struct_assembly.oligomeric_details   dimeric 
_pdbx_struct_assembly.oligomeric_count     2 
# 
loop_
_pdbx_struct_assembly_prop.biol_id 
_pdbx_struct_assembly_prop.type 
_pdbx_struct_assembly_prop.value 
_pdbx_struct_assembly_prop.details 
1 'ABSA (A^2)' 2760  ? 
1 MORE         -15.4 ? 
1 'SSA (A^2)'  12180 ? 
# 
_pdbx_struct_assembly_gen.assembly_id       1 
_pdbx_struct_assembly_gen.oper_expression   1 
_pdbx_struct_assembly_gen.asym_id_list      A,B,C,D,E 
# 
_pdbx_struct_oper_list.id                   1 
_pdbx_struct_oper_list.type                 'identity operation' 
_pdbx_struct_oper_list.name                 1_555 
_pdbx_struct_oper_list.symmetry_operation   x,y,z 
_pdbx_struct_oper_list.matrix[1][1]         1.0000000000 
_pdbx_struct_oper_list.matrix[1][2]         0.0000000000 
_pdbx_struct_oper_list.matrix[1][3]         0.0000000000 
_pdbx_struct_oper_list.vector[1]            0.0000000000 
_pdbx_struct_oper_list.matrix[2][1]         0.0000000000 
_pdbx_struct_oper_list.matrix[2][2]         1.0000000000 
_pdbx_struct_oper_list.matrix[2][3]         0.0000000000 
_pdbx_struct_oper_list.vector[2]            0.0000000000 
_pdbx_struct_oper_list.matrix[3][1]         0.0000000000 
_pdbx_struct_oper_list.matrix[3][2]         0.0000000000 
_pdbx_struct_oper_list.matrix[3][3]         1.0000000000 
_pdbx_struct_oper_list.vector[3]            0.0000000000 
# 
_struct_biol.id        1 
_struct_biol.details   ? 
# 
loop_
_struct_conf.conf_type_id 
_struct_conf.id 
_struct_conf.pdbx_PDB_helix_id 
_struct_conf.beg_label_comp_id 
_struct_conf.beg_label_asym_id 
_struct_conf.beg_label_seq_id 
_struct_conf.pdbx_beg_PDB_ins_code 
_struct_conf.end_label_comp_id 
_struct_conf.end_label_asym_id 
_struct_conf.end_label_seq_id 
_struct_conf.pdbx_end_PDB_ins_code 
_struct_conf.beg_auth_comp_id 
_struct_conf.beg_auth_asym_id 
_struct_conf.beg_auth_seq_id 
_struct_conf.end_auth_comp_id 
_struct_conf.end_auth_asym_id 
_struct_conf.end_auth_seq_id 
_struct_conf.pdbx_PDB_helix_class 
_struct_conf.details 
_struct_conf.pdbx_PDB_helix_length 
HELX_P HELX_P1 1 HIS A 16 ? GLY A 28 ? HIS A 14 GLY A 26 1 ? 13 
HELX_P HELX_P2 2 ASP A 76 ? VAL A 85 ? ASP A 74 VAL A 83 1 ? 10 
HELX_P HELX_P3 3 HIS B 16 ? GLY B 28 ? HIS B 14 GLY B 26 1 ? 13 
HELX_P HELX_P4 4 ASP B 76 ? VAL B 85 ? ASP B 74 VAL B 83 1 ? 10 
# 
_struct_conf_type.id          HELX_P 
_struct_conf_type.criteria    ? 
_struct_conf_type.reference   ? 
# 
loop_
_struct_sheet.id 
_struct_sheet.type 
_struct_sheet.number_strands 
_struct_sheet.details 
A ? 8 ? 
B ? 8 ? 
# 
loop_
_struct_sheet_order.sheet_id 
_struct_sheet_order.range_id_1 
_struct_sheet_order.range_id_2 
_struct_sheet_order.offset 
_struct_sheet_order.sense 
A 1 2 ? anti-parallel 
A 2 3 ? anti-parallel 
A 3 4 ? parallel      
A 4 5 ? anti-parallel 
A 5 6 ? parallel      
A 6 7 ? anti-parallel 
A 7 8 ? anti-parallel 
B 1 2 ? anti-parallel 
B 2 3 ? anti-parallel 
B 3 4 ? parallel      
B 4 5 ? anti-parallel 
B 5 6 ? parallel      
B 6 7 ? anti-parallel 
B 7 8 ? anti-parallel 
# 
loop_
_struct_sheet_range.sheet_id 
_struct_sheet_range.id 
_struct_sheet_range.beg_label_comp_id 
_struct_sheet_range.beg_label_asym_id 
_struct_sheet_range.beg_label_seq_id 
_struct_sheet_range.pdbx_beg_PDB_ins_code 
_struct_sheet_range.end_label_comp_id 
_struct_sheet_range.end_label_asym_id 
_struct_sheet_range.end_label_seq_id 
_struct_sheet_range.pdbx_end_PDB_ins_code 
_struct_sheet_range.beg_auth_comp_id 
_struct_sheet_range.beg_auth_asym_id 
_struct_sheet_range.beg_auth_seq_id 
_struct_sheet_range.end_auth_comp_id 
_struct_sheet_range.end_auth_asym_id 
_struct_sheet_range.end_auth_seq_id 
A 1 THR A 32  ? ALA A 33  ? THR A 30  ALA A 31  
A 2 VAL A 42  ? HIS A 47  ? VAL A 40  HIS A 45  
A 3 VAL A 50  ? SER A 56  ? VAL A 48  SER A 54  
A 4 LEU A 5   ? THR A 14  ? LEU A 3   THR A 12  
A 5 LEU B 68  ? ILE B 74  ? LEU B 66  ILE B 72  
A 6 SER B 114 ? GLU B 119 ? SER B 112 GLU B 117 
A 7 LYS B 103 ? LEU B 108 ? LYS B 101 LEU B 106 
A 8 MET B 91  ? ASP B 98  ? MET B 89  ASP B 96  
B 1 MET A 91  ? ASP A 98  ? MET A 89  ASP A 96  
B 2 LYS A 103 ? LEU A 108 ? LYS A 101 LEU A 106 
B 3 SER A 114 ? GLU A 119 ? SER A 112 GLU A 117 
B 4 LEU A 68  ? ILE A 74  ? LEU A 66  ILE A 72  
B 5 LEU B 5   ? THR B 14  ? LEU B 3   THR B 12  
B 6 VAL B 50  ? SER B 56  ? VAL B 48  SER B 54  
B 7 VAL B 42  ? HIS B 47  ? VAL B 40  HIS B 45  
B 8 THR B 32  ? ALA B 33  ? THR B 30  ALA B 31  
# 
loop_
_pdbx_struct_sheet_hbond.sheet_id 
_pdbx_struct_sheet_hbond.range_id_1 
_pdbx_struct_sheet_hbond.range_id_2 
_pdbx_struct_sheet_hbond.range_1_label_atom_id 
_pdbx_struct_sheet_hbond.range_1_label_comp_id 
_pdbx_struct_sheet_hbond.range_1_label_asym_id 
_pdbx_struct_sheet_hbond.range_1_label_seq_id 
_pdbx_struct_sheet_hbond.range_1_PDB_ins_code 
_pdbx_struct_sheet_hbond.range_1_auth_atom_id 
_pdbx_struct_sheet_hbond.range_1_auth_comp_id 
_pdbx_struct_sheet_hbond.range_1_auth_asym_id 
_pdbx_struct_sheet_hbond.range_1_auth_seq_id 
_pdbx_struct_sheet_hbond.range_2_label_atom_id 
_pdbx_struct_sheet_hbond.range_2_label_comp_id 
_pdbx_struct_sheet_hbond.range_2_label_asym_id 
_pdbx_struct_sheet_hbond.range_2_label_seq_id 
_pdbx_struct_sheet_hbond.range_2_PDB_ins_code 
_pdbx_struct_sheet_hbond.range_2_auth_atom_id 
_pdbx_struct_sheet_hbond.range_2_auth_comp_id 
_pdbx_struct_sheet_hbond.range_2_auth_asym_id 
_pdbx_struct_sheet_hbond.range_2_auth_seq_id 
A 1 2 N THR A 32  ? N THR A 30  O ARG A 44  ? O ARG A 42  
A 2 3 N ALA A 45  ? N ALA A 43  O PHE A 52  ? O PHE A 50  
A 3 4 O TYR A 55  ? O TYR A 53  N THR A 14  ? N THR A 12  
A 4 5 N THR A 11  ? N THR A 9   O GLN B 69  ? O GLN B 67  
A 5 6 N ILE B 74  ? N ILE B 72  O CYS B 118 ? O CYS B 116 
A 6 7 O ILE B 115 ? O ILE B 113 N VAL B 107 ? N VAL B 105 
A 7 8 O LYS B 104 ? O LYS B 102 N THR B 97  ? N THR B 95  
B 1 2 N MET A 91  ? N MET A 89  O LEU A 108 ? O LEU A 106 
B 2 3 N ALA A 105 ? N ALA A 103 O LEU A 117 ? O LEU A 115 
B 3 4 O GLU A 116 ? O GLU A 114 N LEU A 70  ? N LEU A 68  
B 4 5 N GLN A 69  ? N GLN A 67  O THR B 11  ? O THR B 9   
B 5 6 N THR B 14  ? N THR B 12  O TYR B 55  ? O TYR B 53  
B 6 7 O PHE B 52  ? O PHE B 50  N ALA B 45  ? N ALA B 43  
B 7 8 O ARG B 44  ? O ARG B 42  N THR B 32  ? N THR B 30  
# 
_struct_site.id                   AC1 
_struct_site.pdbx_evidence_code   Software 
_struct_site.pdbx_auth_asym_id    A 
_struct_site.pdbx_auth_comp_id    SO4 
_struct_site.pdbx_auth_seq_id     201 
_struct_site.pdbx_auth_ins_code   ? 
_struct_site.pdbx_num_residues    7 
_struct_site.details              'BINDING SITE FOR RESIDUE SO4 A 201' 
# 
loop_
_struct_site_gen.id 
_struct_site_gen.site_id 
_struct_site_gen.pdbx_num_res 
_struct_site_gen.label_comp_id 
_struct_site_gen.label_asym_id 
_struct_site_gen.label_seq_id 
_struct_site_gen.pdbx_auth_ins_code 
_struct_site_gen.auth_comp_id 
_struct_site_gen.auth_asym_id 
_struct_site_gen.auth_seq_id 
_struct_site_gen.label_atom_id 
_struct_site_gen.label_alt_id 
_struct_site_gen.symmetry 
_struct_site_gen.details 
1 AC1 7 PRO A 66  ? PRO A 64  . ? 1_555 ? 
2 AC1 7 SER A 67  ? SER A 65  . ? 1_555 ? 
3 AC1 7 LEU A 68  ? LEU A 66  . ? 1_555 ? 
4 AC1 7 HIS A 113 ? HIS A 111 . ? 1_555 ? 
5 AC1 7 PRO B 66  ? PRO B 64  . ? 1_555 ? 
6 AC1 7 SER B 67  ? SER B 65  . ? 1_555 ? 
7 AC1 7 LEU B 68  ? LEU B 66  . ? 1_555 ? 
# 
loop_
_pdbx_validate_torsion.id 
_pdbx_validate_torsion.PDB_model_num 
_pdbx_validate_torsion.auth_comp_id 
_pdbx_validate_torsion.auth_asym_id 
_pdbx_validate_torsion.auth_seq_id 
_pdbx_validate_torsion.PDB_ins_code 
_pdbx_validate_torsion.label_alt_id 
_pdbx_validate_torsion.phi 
_pdbx_validate_torsion.psi 
1 1 GLN A 59 ? ? 66.31 -7.08  
2 1 GLN B 59 ? ? 68.04 -11.24 
# 
_pdbx_SG_project.id                    1 
_pdbx_SG_project.project_name          'PSI, Protein Structure Initiative' 
_pdbx_SG_project.full_name_of_center   'New York SGX Research Center for Structural Genomics' 
_pdbx_SG_project.initial_of_center     NYSGXRC 
# 
loop_
_pdbx_unobs_or_zero_occ_residues.id 
_pdbx_unobs_or_zero_occ_residues.PDB_model_num 
_pdbx_unobs_or_zero_occ_residues.polymer_flag 
_pdbx_unobs_or_zero_occ_residues.occupancy_flag 
_pdbx_unobs_or_zero_occ_residues.auth_asym_id 
_pdbx_unobs_or_zero_occ_residues.auth_comp_id 
_pdbx_unobs_or_zero_occ_residues.auth_seq_id 
_pdbx_unobs_or_zero_occ_residues.PDB_ins_code 
_pdbx_unobs_or_zero_occ_residues.label_asym_id 
_pdbx_unobs_or_zero_occ_residues.label_comp_id 
_pdbx_unobs_or_zero_occ_residues.label_seq_id 
1  1 Y 1 A MET -1  ? A MET 1   
2  1 Y 1 A SER 0   ? A SER 2   
3  1 Y 1 A LEU 1   ? A LEU 3   
4  1 Y 1 A LYS 33  ? A LYS 35  
5  1 Y 1 A VAL 34  ? A VAL 36  
6  1 Y 1 A ASP 35  ? A ASP 37  
7  1 Y 1 A LYS 36  ? A LYS 38  
8  1 Y 1 A GLY 37  ? A GLY 39  
9  1 Y 1 A ASP 99  ? A ASP 101 
10 1 Y 1 A LEU 118 ? A LEU 120 
11 1 Y 1 A GLU 119 ? A GLU 121 
12 1 Y 1 A GLY 120 ? A GLY 122 
13 1 Y 1 A HIS 121 ? A HIS 123 
14 1 Y 1 A HIS 122 ? A HIS 124 
15 1 Y 1 A HIS 123 ? A HIS 125 
16 1 Y 1 A HIS 124 ? A HIS 126 
17 1 Y 1 A HIS 125 ? A HIS 127 
18 1 Y 1 A HIS 126 ? A HIS 128 
19 1 Y 1 B MET -1  ? B MET 1   
20 1 Y 1 B SER 0   ? B SER 2   
21 1 Y 1 B LEU 1   ? B LEU 3   
22 1 Y 1 B ASP 35  ? B ASP 37  
23 1 Y 1 B LYS 36  ? B LYS 38  
24 1 Y 1 B GLY 37  ? B GLY 39  
25 1 Y 1 B ASP 99  ? B ASP 101 
26 1 Y 1 B GLU 119 ? B GLU 121 
27 1 Y 1 B GLY 120 ? B GLY 122 
28 1 Y 1 B HIS 121 ? B HIS 123 
29 1 Y 1 B HIS 122 ? B HIS 124 
30 1 Y 1 B HIS 123 ? B HIS 125 
31 1 Y 1 B HIS 124 ? B HIS 126 
32 1 Y 1 B HIS 125 ? B HIS 127 
33 1 Y 1 B HIS 126 ? B HIS 128 
# 
loop_
_chem_comp_atom.comp_id 
_chem_comp_atom.atom_id 
_chem_comp_atom.type_symbol 
_chem_comp_atom.pdbx_aromatic_flag 
_chem_comp_atom.pdbx_stereo_config 
_chem_comp_atom.pdbx_ordinal 
ALA N    N N N 1   
ALA CA   C N S 2   
ALA C    C N N 3   
ALA O    O N N 4   
ALA CB   C N N 5   
ALA OXT  O N N 6   
ALA H    H N N 7   
ALA H2   H N N 8   
ALA HA   H N N 9   
ALA HB1  H N N 10  
ALA HB2  H N N 11  
ALA HB3  H N N 12  
ALA HXT  H N N 13  
ARG N    N N N 14  
ARG CA   C N S 15  
ARG C    C N N 16  
ARG O    O N N 17  
ARG CB   C N N 18  
ARG CG   C N N 19  
ARG CD   C N N 20  
ARG NE   N N N 21  
ARG CZ   C N N 22  
ARG NH1  N N N 23  
ARG NH2  N N N 24  
ARG OXT  O N N 25  
ARG H    H N N 26  
ARG H2   H N N 27  
ARG HA   H N N 28  
ARG HB2  H N N 29  
ARG HB3  H N N 30  
ARG HG2  H N N 31  
ARG HG3  H N N 32  
ARG HD2  H N N 33  
ARG HD3  H N N 34  
ARG HE   H N N 35  
ARG HH11 H N N 36  
ARG HH12 H N N 37  
ARG HH21 H N N 38  
ARG HH22 H N N 39  
ARG HXT  H N N 40  
ASN N    N N N 41  
ASN CA   C N S 42  
ASN C    C N N 43  
ASN O    O N N 44  
ASN CB   C N N 45  
ASN CG   C N N 46  
ASN OD1  O N N 47  
ASN ND2  N N N 48  
ASN OXT  O N N 49  
ASN H    H N N 50  
ASN H2   H N N 51  
ASN HA   H N N 52  
ASN HB2  H N N 53  
ASN HB3  H N N 54  
ASN HD21 H N N 55  
ASN HD22 H N N 56  
ASN HXT  H N N 57  
ASP N    N N N 58  
ASP CA   C N S 59  
ASP C    C N N 60  
ASP O    O N N 61  
ASP CB   C N N 62  
ASP CG   C N N 63  
ASP OD1  O N N 64  
ASP OD2  O N N 65  
ASP OXT  O N N 66  
ASP H    H N N 67  
ASP H2   H N N 68  
ASP HA   H N N 69  
ASP HB2  H N N 70  
ASP HB3  H N N 71  
ASP HD2  H N N 72  
ASP HXT  H N N 73  
CYS N    N N N 74  
CYS CA   C N R 75  
CYS C    C N N 76  
CYS O    O N N 77  
CYS CB   C N N 78  
CYS SG   S N N 79  
CYS OXT  O N N 80  
CYS H    H N N 81  
CYS H2   H N N 82  
CYS HA   H N N 83  
CYS HB2  H N N 84  
CYS HB3  H N N 85  
CYS HG   H N N 86  
CYS HXT  H N N 87  
GLN N    N N N 88  
GLN CA   C N S 89  
GLN C    C N N 90  
GLN O    O N N 91  
GLN CB   C N N 92  
GLN CG   C N N 93  
GLN CD   C N N 94  
GLN OE1  O N N 95  
GLN NE2  N N N 96  
GLN OXT  O N N 97  
GLN H    H N N 98  
GLN H2   H N N 99  
GLN HA   H N N 100 
GLN HB2  H N N 101 
GLN HB3  H N N 102 
GLN HG2  H N N 103 
GLN HG3  H N N 104 
GLN HE21 H N N 105 
GLN HE22 H N N 106 
GLN HXT  H N N 107 
GLU N    N N N 108 
GLU CA   C N S 109 
GLU C    C N N 110 
GLU O    O N N 111 
GLU CB   C N N 112 
GLU CG   C N N 113 
GLU CD   C N N 114 
GLU OE1  O N N 115 
GLU OE2  O N N 116 
GLU OXT  O N N 117 
GLU H    H N N 118 
GLU H2   H N N 119 
GLU HA   H N N 120 
GLU HB2  H N N 121 
GLU HB3  H N N 122 
GLU HG2  H N N 123 
GLU HG3  H N N 124 
GLU HE2  H N N 125 
GLU HXT  H N N 126 
GLY N    N N N 127 
GLY CA   C N N 128 
GLY C    C N N 129 
GLY O    O N N 130 
GLY OXT  O N N 131 
GLY H    H N N 132 
GLY H2   H N N 133 
GLY HA2  H N N 134 
GLY HA3  H N N 135 
GLY HXT  H N N 136 
HIS N    N N N 137 
HIS CA   C N S 138 
HIS C    C N N 139 
HIS O    O N N 140 
HIS CB   C N N 141 
HIS CG   C Y N 142 
HIS ND1  N Y N 143 
HIS CD2  C Y N 144 
HIS CE1  C Y N 145 
HIS NE2  N Y N 146 
HIS OXT  O N N 147 
HIS H    H N N 148 
HIS H2   H N N 149 
HIS HA   H N N 150 
HIS HB2  H N N 151 
HIS HB3  H N N 152 
HIS HD1  H N N 153 
HIS HD2  H N N 154 
HIS HE1  H N N 155 
HIS HE2  H N N 156 
HIS HXT  H N N 157 
HOH O    O N N 158 
HOH H1   H N N 159 
HOH H2   H N N 160 
ILE N    N N N 161 
ILE CA   C N S 162 
ILE C    C N N 163 
ILE O    O N N 164 
ILE CB   C N S 165 
ILE CG1  C N N 166 
ILE CG2  C N N 167 
ILE CD1  C N N 168 
ILE OXT  O N N 169 
ILE H    H N N 170 
ILE H2   H N N 171 
ILE HA   H N N 172 
ILE HB   H N N 173 
ILE HG12 H N N 174 
ILE HG13 H N N 175 
ILE HG21 H N N 176 
ILE HG22 H N N 177 
ILE HG23 H N N 178 
ILE HD11 H N N 179 
ILE HD12 H N N 180 
ILE HD13 H N N 181 
ILE HXT  H N N 182 
LEU N    N N N 183 
LEU CA   C N S 184 
LEU C    C N N 185 
LEU O    O N N 186 
LEU CB   C N N 187 
LEU CG   C N N 188 
LEU CD1  C N N 189 
LEU CD2  C N N 190 
LEU OXT  O N N 191 
LEU H    H N N 192 
LEU H2   H N N 193 
LEU HA   H N N 194 
LEU HB2  H N N 195 
LEU HB3  H N N 196 
LEU HG   H N N 197 
LEU HD11 H N N 198 
LEU HD12 H N N 199 
LEU HD13 H N N 200 
LEU HD21 H N N 201 
LEU HD22 H N N 202 
LEU HD23 H N N 203 
LEU HXT  H N N 204 
LYS N    N N N 205 
LYS CA   C N S 206 
LYS C    C N N 207 
LYS O    O N N 208 
LYS CB   C N N 209 
LYS CG   C N N 210 
LYS CD   C N N 211 
LYS CE   C N N 212 
LYS NZ   N N N 213 
LYS OXT  O N N 214 
LYS H    H N N 215 
LYS H2   H N N 216 
LYS HA   H N N 217 
LYS HB2  H N N 218 
LYS HB3  H N N 219 
LYS HG2  H N N 220 
LYS HG3  H N N 221 
LYS HD2  H N N 222 
LYS HD3  H N N 223 
LYS HE2  H N N 224 
LYS HE3  H N N 225 
LYS HZ1  H N N 226 
LYS HZ2  H N N 227 
LYS HZ3  H N N 228 
LYS HXT  H N N 229 
MET N    N N N 230 
MET CA   C N S 231 
MET C    C N N 232 
MET O    O N N 233 
MET CB   C N N 234 
MET CG   C N N 235 
MET SD   S N N 236 
MET CE   C N N 237 
MET OXT  O N N 238 
MET H    H N N 239 
MET H2   H N N 240 
MET HA   H N N 241 
MET HB2  H N N 242 
MET HB3  H N N 243 
MET HG2  H N N 244 
MET HG3  H N N 245 
MET HE1  H N N 246 
MET HE2  H N N 247 
MET HE3  H N N 248 
MET HXT  H N N 249 
PHE N    N N N 250 
PHE CA   C N S 251 
PHE C    C N N 252 
PHE O    O N N 253 
PHE CB   C N N 254 
PHE CG   C Y N 255 
PHE CD1  C Y N 256 
PHE CD2  C Y N 257 
PHE CE1  C Y N 258 
PHE CE2  C Y N 259 
PHE CZ   C Y N 260 
PHE OXT  O N N 261 
PHE H    H N N 262 
PHE H2   H N N 263 
PHE HA   H N N 264 
PHE HB2  H N N 265 
PHE HB3  H N N 266 
PHE HD1  H N N 267 
PHE HD2  H N N 268 
PHE HE1  H N N 269 
PHE HE2  H N N 270 
PHE HZ   H N N 271 
PHE HXT  H N N 272 
PRO N    N N N 273 
PRO CA   C N S 274 
PRO C    C N N 275 
PRO O    O N N 276 
PRO CB   C N N 277 
PRO CG   C N N 278 
PRO CD   C N N 279 
PRO OXT  O N N 280 
PRO H    H N N 281 
PRO HA   H N N 282 
PRO HB2  H N N 283 
PRO HB3  H N N 284 
PRO HG2  H N N 285 
PRO HG3  H N N 286 
PRO HD2  H N N 287 
PRO HD3  H N N 288 
PRO HXT  H N N 289 
SER N    N N N 290 
SER CA   C N S 291 
SER C    C N N 292 
SER O    O N N 293 
SER CB   C N N 294 
SER OG   O N N 295 
SER OXT  O N N 296 
SER H    H N N 297 
SER H2   H N N 298 
SER HA   H N N 299 
SER HB2  H N N 300 
SER HB3  H N N 301 
SER HG   H N N 302 
SER HXT  H N N 303 
SO4 S    S N N 304 
SO4 O1   O N N 305 
SO4 O2   O N N 306 
SO4 O3   O N N 307 
SO4 O4   O N N 308 
THR N    N N N 309 
THR CA   C N S 310 
THR C    C N N 311 
THR O    O N N 312 
THR CB   C N R 313 
THR OG1  O N N 314 
THR CG2  C N N 315 
THR OXT  O N N 316 
THR H    H N N 317 
THR H2   H N N 318 
THR HA   H N N 319 
THR HB   H N N 320 
THR HG1  H N N 321 
THR HG21 H N N 322 
THR HG22 H N N 323 
THR HG23 H N N 324 
THR HXT  H N N 325 
TYR N    N N N 326 
TYR CA   C N S 327 
TYR C    C N N 328 
TYR O    O N N 329 
TYR CB   C N N 330 
TYR CG   C Y N 331 
TYR CD1  C Y N 332 
TYR CD2  C Y N 333 
TYR CE1  C Y N 334 
TYR CE2  C Y N 335 
TYR CZ   C Y N 336 
TYR OH   O N N 337 
TYR OXT  O N N 338 
TYR H    H N N 339 
TYR H2   H N N 340 
TYR HA   H N N 341 
TYR HB2  H N N 342 
TYR HB3  H N N 343 
TYR HD1  H N N 344 
TYR HD2  H N N 345 
TYR HE1  H N N 346 
TYR HE2  H N N 347 
TYR HH   H N N 348 
TYR HXT  H N N 349 
VAL N    N N N 350 
VAL CA   C N S 351 
VAL C    C N N 352 
VAL O    O N N 353 
VAL CB   C N N 354 
VAL CG1  C N N 355 
VAL CG2  C N N 356 
VAL OXT  O N N 357 
VAL H    H N N 358 
VAL H2   H N N 359 
VAL HA   H N N 360 
VAL HB   H N N 361 
VAL HG11 H N N 362 
VAL HG12 H N N 363 
VAL HG13 H N N 364 
VAL HG21 H N N 365 
VAL HG22 H N N 366 
VAL HG23 H N N 367 
VAL HXT  H N N 368 
# 
loop_
_chem_comp_bond.comp_id 
_chem_comp_bond.atom_id_1 
_chem_comp_bond.atom_id_2 
_chem_comp_bond.value_order 
_chem_comp_bond.pdbx_aromatic_flag 
_chem_comp_bond.pdbx_stereo_config 
_chem_comp_bond.pdbx_ordinal 
ALA N   CA   sing N N 1   
ALA N   H    sing N N 2   
ALA N   H2   sing N N 3   
ALA CA  C    sing N N 4   
ALA CA  CB   sing N N 5   
ALA CA  HA   sing N N 6   
ALA C   O    doub N N 7   
ALA C   OXT  sing N N 8   
ALA CB  HB1  sing N N 9   
ALA CB  HB2  sing N N 10  
ALA CB  HB3  sing N N 11  
ALA OXT HXT  sing N N 12  
ARG N   CA   sing N N 13  
ARG N   H    sing N N 14  
ARG N   H2   sing N N 15  
ARG CA  C    sing N N 16  
ARG CA  CB   sing N N 17  
ARG CA  HA   sing N N 18  
ARG C   O    doub N N 19  
ARG C   OXT  sing N N 20  
ARG CB  CG   sing N N 21  
ARG CB  HB2  sing N N 22  
ARG CB  HB3  sing N N 23  
ARG CG  CD   sing N N 24  
ARG CG  HG2  sing N N 25  
ARG CG  HG3  sing N N 26  
ARG CD  NE   sing N N 27  
ARG CD  HD2  sing N N 28  
ARG CD  HD3  sing N N 29  
ARG NE  CZ   sing N N 30  
ARG NE  HE   sing N N 31  
ARG CZ  NH1  sing N N 32  
ARG CZ  NH2  doub N N 33  
ARG NH1 HH11 sing N N 34  
ARG NH1 HH12 sing N N 35  
ARG NH2 HH21 sing N N 36  
ARG NH2 HH22 sing N N 37  
ARG OXT HXT  sing N N 38  
ASN N   CA   sing N N 39  
ASN N   H    sing N N 40  
ASN N   H2   sing N N 41  
ASN CA  C    sing N N 42  
ASN CA  CB   sing N N 43  
ASN CA  HA   sing N N 44  
ASN C   O    doub N N 45  
ASN C   OXT  sing N N 46  
ASN CB  CG   sing N N 47  
ASN CB  HB2  sing N N 48  
ASN CB  HB3  sing N N 49  
ASN CG  OD1  doub N N 50  
ASN CG  ND2  sing N N 51  
ASN ND2 HD21 sing N N 52  
ASN ND2 HD22 sing N N 53  
ASN OXT HXT  sing N N 54  
ASP N   CA   sing N N 55  
ASP N   H    sing N N 56  
ASP N   H2   sing N N 57  
ASP CA  C    sing N N 58  
ASP CA  CB   sing N N 59  
ASP CA  HA   sing N N 60  
ASP C   O    doub N N 61  
ASP C   OXT  sing N N 62  
ASP CB  CG   sing N N 63  
ASP CB  HB2  sing N N 64  
ASP CB  HB3  sing N N 65  
ASP CG  OD1  doub N N 66  
ASP CG  OD2  sing N N 67  
ASP OD2 HD2  sing N N 68  
ASP OXT HXT  sing N N 69  
CYS N   CA   sing N N 70  
CYS N   H    sing N N 71  
CYS N   H2   sing N N 72  
CYS CA  C    sing N N 73  
CYS CA  CB   sing N N 74  
CYS CA  HA   sing N N 75  
CYS C   O    doub N N 76  
CYS C   OXT  sing N N 77  
CYS CB  SG   sing N N 78  
CYS CB  HB2  sing N N 79  
CYS CB  HB3  sing N N 80  
CYS SG  HG   sing N N 81  
CYS OXT HXT  sing N N 82  
GLN N   CA   sing N N 83  
GLN N   H    sing N N 84  
GLN N   H2   sing N N 85  
GLN CA  C    sing N N 86  
GLN CA  CB   sing N N 87  
GLN CA  HA   sing N N 88  
GLN C   O    doub N N 89  
GLN C   OXT  sing N N 90  
GLN CB  CG   sing N N 91  
GLN CB  HB2  sing N N 92  
GLN CB  HB3  sing N N 93  
GLN CG  CD   sing N N 94  
GLN CG  HG2  sing N N 95  
GLN CG  HG3  sing N N 96  
GLN CD  OE1  doub N N 97  
GLN CD  NE2  sing N N 98  
GLN NE2 HE21 sing N N 99  
GLN NE2 HE22 sing N N 100 
GLN OXT HXT  sing N N 101 
GLU N   CA   sing N N 102 
GLU N   H    sing N N 103 
GLU N   H2   sing N N 104 
GLU CA  C    sing N N 105 
GLU CA  CB   sing N N 106 
GLU CA  HA   sing N N 107 
GLU C   O    doub N N 108 
GLU C   OXT  sing N N 109 
GLU CB  CG   sing N N 110 
GLU CB  HB2  sing N N 111 
GLU CB  HB3  sing N N 112 
GLU CG  CD   sing N N 113 
GLU CG  HG2  sing N N 114 
GLU CG  HG3  sing N N 115 
GLU CD  OE1  doub N N 116 
GLU CD  OE2  sing N N 117 
GLU OE2 HE2  sing N N 118 
GLU OXT HXT  sing N N 119 
GLY N   CA   sing N N 120 
GLY N   H    sing N N 121 
GLY N   H2   sing N N 122 
GLY CA  C    sing N N 123 
GLY CA  HA2  sing N N 124 
GLY CA  HA3  sing N N 125 
GLY C   O    doub N N 126 
GLY C   OXT  sing N N 127 
GLY OXT HXT  sing N N 128 
HIS N   CA   sing N N 129 
HIS N   H    sing N N 130 
HIS N   H2   sing N N 131 
HIS CA  C    sing N N 132 
HIS CA  CB   sing N N 133 
HIS CA  HA   sing N N 134 
HIS C   O    doub N N 135 
HIS C   OXT  sing N N 136 
HIS CB  CG   sing N N 137 
HIS CB  HB2  sing N N 138 
HIS CB  HB3  sing N N 139 
HIS CG  ND1  sing Y N 140 
HIS CG  CD2  doub Y N 141 
HIS ND1 CE1  doub Y N 142 
HIS ND1 HD1  sing N N 143 
HIS CD2 NE2  sing Y N 144 
HIS CD2 HD2  sing N N 145 
HIS CE1 NE2  sing Y N 146 
HIS CE1 HE1  sing N N 147 
HIS NE2 HE2  sing N N 148 
HIS OXT HXT  sing N N 149 
HOH O   H1   sing N N 150 
HOH O   H2   sing N N 151 
ILE N   CA   sing N N 152 
ILE N   H    sing N N 153 
ILE N   H2   sing N N 154 
ILE CA  C    sing N N 155 
ILE CA  CB   sing N N 156 
ILE CA  HA   sing N N 157 
ILE C   O    doub N N 158 
ILE C   OXT  sing N N 159 
ILE CB  CG1  sing N N 160 
ILE CB  CG2  sing N N 161 
ILE CB  HB   sing N N 162 
ILE CG1 CD1  sing N N 163 
ILE CG1 HG12 sing N N 164 
ILE CG1 HG13 sing N N 165 
ILE CG2 HG21 sing N N 166 
ILE CG2 HG22 sing N N 167 
ILE CG2 HG23 sing N N 168 
ILE CD1 HD11 sing N N 169 
ILE CD1 HD12 sing N N 170 
ILE CD1 HD13 sing N N 171 
ILE OXT HXT  sing N N 172 
LEU N   CA   sing N N 173 
LEU N   H    sing N N 174 
LEU N   H2   sing N N 175 
LEU CA  C    sing N N 176 
LEU CA  CB   sing N N 177 
LEU CA  HA   sing N N 178 
LEU C   O    doub N N 179 
LEU C   OXT  sing N N 180 
LEU CB  CG   sing N N 181 
LEU CB  HB2  sing N N 182 
LEU CB  HB3  sing N N 183 
LEU CG  CD1  sing N N 184 
LEU CG  CD2  sing N N 185 
LEU CG  HG   sing N N 186 
LEU CD1 HD11 sing N N 187 
LEU CD1 HD12 sing N N 188 
LEU CD1 HD13 sing N N 189 
LEU CD2 HD21 sing N N 190 
LEU CD2 HD22 sing N N 191 
LEU CD2 HD23 sing N N 192 
LEU OXT HXT  sing N N 193 
LYS N   CA   sing N N 194 
LYS N   H    sing N N 195 
LYS N   H2   sing N N 196 
LYS CA  C    sing N N 197 
LYS CA  CB   sing N N 198 
LYS CA  HA   sing N N 199 
LYS C   O    doub N N 200 
LYS C   OXT  sing N N 201 
LYS CB  CG   sing N N 202 
LYS CB  HB2  sing N N 203 
LYS CB  HB3  sing N N 204 
LYS CG  CD   sing N N 205 
LYS CG  HG2  sing N N 206 
LYS CG  HG3  sing N N 207 
LYS CD  CE   sing N N 208 
LYS CD  HD2  sing N N 209 
LYS CD  HD3  sing N N 210 
LYS CE  NZ   sing N N 211 
LYS CE  HE2  sing N N 212 
LYS CE  HE3  sing N N 213 
LYS NZ  HZ1  sing N N 214 
LYS NZ  HZ2  sing N N 215 
LYS NZ  HZ3  sing N N 216 
LYS OXT HXT  sing N N 217 
MET N   CA   sing N N 218 
MET N   H    sing N N 219 
MET N   H2   sing N N 220 
MET CA  C    sing N N 221 
MET CA  CB   sing N N 222 
MET CA  HA   sing N N 223 
MET C   O    doub N N 224 
MET C   OXT  sing N N 225 
MET CB  CG   sing N N 226 
MET CB  HB2  sing N N 227 
MET CB  HB3  sing N N 228 
MET CG  SD   sing N N 229 
MET CG  HG2  sing N N 230 
MET CG  HG3  sing N N 231 
MET SD  CE   sing N N 232 
MET CE  HE1  sing N N 233 
MET CE  HE2  sing N N 234 
MET CE  HE3  sing N N 235 
MET OXT HXT  sing N N 236 
PHE N   CA   sing N N 237 
PHE N   H    sing N N 238 
PHE N   H2   sing N N 239 
PHE CA  C    sing N N 240 
PHE CA  CB   sing N N 241 
PHE CA  HA   sing N N 242 
PHE C   O    doub N N 243 
PHE C   OXT  sing N N 244 
PHE CB  CG   sing N N 245 
PHE CB  HB2  sing N N 246 
PHE CB  HB3  sing N N 247 
PHE CG  CD1  doub Y N 248 
PHE CG  CD2  sing Y N 249 
PHE CD1 CE1  sing Y N 250 
PHE CD1 HD1  sing N N 251 
PHE CD2 CE2  doub Y N 252 
PHE CD2 HD2  sing N N 253 
PHE CE1 CZ   doub Y N 254 
PHE CE1 HE1  sing N N 255 
PHE CE2 CZ   sing Y N 256 
PHE CE2 HE2  sing N N 257 
PHE CZ  HZ   sing N N 258 
PHE OXT HXT  sing N N 259 
PRO N   CA   sing N N 260 
PRO N   CD   sing N N 261 
PRO N   H    sing N N 262 
PRO CA  C    sing N N 263 
PRO CA  CB   sing N N 264 
PRO CA  HA   sing N N 265 
PRO C   O    doub N N 266 
PRO C   OXT  sing N N 267 
PRO CB  CG   sing N N 268 
PRO CB  HB2  sing N N 269 
PRO CB  HB3  sing N N 270 
PRO CG  CD   sing N N 271 
PRO CG  HG2  sing N N 272 
PRO CG  HG3  sing N N 273 
PRO CD  HD2  sing N N 274 
PRO CD  HD3  sing N N 275 
PRO OXT HXT  sing N N 276 
SER N   CA   sing N N 277 
SER N   H    sing N N 278 
SER N   H2   sing N N 279 
SER CA  C    sing N N 280 
SER CA  CB   sing N N 281 
SER CA  HA   sing N N 282 
SER C   O    doub N N 283 
SER C   OXT  sing N N 284 
SER CB  OG   sing N N 285 
SER CB  HB2  sing N N 286 
SER CB  HB3  sing N N 287 
SER OG  HG   sing N N 288 
SER OXT HXT  sing N N 289 
SO4 S   O1   doub N N 290 
SO4 S   O2   doub N N 291 
SO4 S   O3   sing N N 292 
SO4 S   O4   sing N N 293 
THR N   CA   sing N N 294 
THR N   H    sing N N 295 
THR N   H2   sing N N 296 
THR CA  C    sing N N 297 
THR CA  CB   sing N N 298 
THR CA  HA   sing N N 299 
THR C   O    doub N N 300 
THR C   OXT  sing N N 301 
THR CB  OG1  sing N N 302 
THR CB  CG2  sing N N 303 
THR CB  HB   sing N N 304 
THR OG1 HG1  sing N N 305 
THR CG2 HG21 sing N N 306 
THR CG2 HG22 sing N N 307 
THR CG2 HG23 sing N N 308 
THR OXT HXT  sing N N 309 
TYR N   CA   sing N N 310 
TYR N   H    sing N N 311 
TYR N   H2   sing N N 312 
TYR CA  C    sing N N 313 
TYR CA  CB   sing N N 314 
TYR CA  HA   sing N N 315 
TYR C   O    doub N N 316 
TYR C   OXT  sing N N 317 
TYR CB  CG   sing N N 318 
TYR CB  HB2  sing N N 319 
TYR CB  HB3  sing N N 320 
TYR CG  CD1  doub Y N 321 
TYR CG  CD2  sing Y N 322 
TYR CD1 CE1  sing Y N 323 
TYR CD1 HD1  sing N N 324 
TYR CD2 CE2  doub Y N 325 
TYR CD2 HD2  sing N N 326 
TYR CE1 CZ   doub Y N 327 
TYR CE1 HE1  sing N N 328 
TYR CE2 CZ   sing Y N 329 
TYR CE2 HE2  sing N N 330 
TYR CZ  OH   sing N N 331 
TYR OH  HH   sing N N 332 
TYR OXT HXT  sing N N 333 
VAL N   CA   sing N N 334 
VAL N   H    sing N N 335 
VAL N   H2   sing N N 336 
VAL CA  C    sing N N 337 
VAL CA  CB   sing N N 338 
VAL CA  HA   sing N N 339 
VAL C   O    doub N N 340 
VAL C   OXT  sing N N 341 
VAL CB  CG1  sing N N 342 
VAL CB  CG2  sing N N 343 
VAL CB  HB   sing N N 344 
VAL CG1 HG11 sing N N 345 
VAL CG1 HG12 sing N N 346 
VAL CG1 HG13 sing N N 347 
VAL CG2 HG21 sing N N 348 
VAL CG2 HG22 sing N N 349 
VAL CG2 HG23 sing N N 350 
VAL OXT HXT  sing N N 351 
# 
_atom_sites.entry_id                    3G12 
_atom_sites.fract_transf_matrix[1][1]   0.00451359 
_atom_sites.fract_transf_matrix[1][2]   -0.00739734 
_atom_sites.fract_transf_matrix[1][3]   0.00670378 
_atom_sites.fract_transf_matrix[2][1]   0.00201179 
_atom_sites.fract_transf_matrix[2][2]   0.00788018 
_atom_sites.fract_transf_matrix[2][3]   0.00734094 
_atom_sites.fract_transf_matrix[3][1]   -0.01546527 
_atom_sites.fract_transf_matrix[3][2]   -0.00283628 
_atom_sites.fract_transf_matrix[3][3]   0.00728290 
_atom_sites.fract_transf_vector[1]      0.036549 
_atom_sites.fract_transf_vector[2]      0.283712 
_atom_sites.fract_transf_vector[3]      0.385279 
# 
loop_
_atom_type.symbol 
C 
N 
O 
S 
# 
loop_
_atom_site.group_PDB 
_atom_site.id 
_atom_site.type_symbol 
_atom_site.label_atom_id 
_atom_site.label_alt_id 
_atom_site.label_comp_id 
_atom_site.label_asym_id 
_atom_site.label_entity_id 
_atom_site.label_seq_id 
_atom_site.pdbx_PDB_ins_code 
_atom_site.Cartn_x 
_atom_site.Cartn_y 
_atom_site.Cartn_z 
_atom_site.occupancy 
_atom_site.B_iso_or_equiv 
_atom_site.pdbx_formal_charge 
_atom_site.auth_seq_id 
_atom_site.auth_comp_id 
_atom_site.auth_asym_id 
_atom_site.auth_atom_id 
_atom_site.pdbx_PDB_model_num 
ATOM   1    N N   . SER A 1 4   ? -14.316 -12.429 -6.438  1.00 57.93  ? 2   SER A N   1 
ATOM   2    C CA  . SER A 1 4   ? -15.158 -11.198 -6.292  1.00 59.93  ? 2   SER A CA  1 
ATOM   3    C C   . SER A 1 4   ? -14.368 -9.982  -5.772  1.00 58.27  ? 2   SER A C   1 
ATOM   4    O O   . SER A 1 4   ? -14.929 -8.893  -5.595  1.00 58.20  ? 2   SER A O   1 
ATOM   5    C CB  . SER A 1 4   ? -16.383 -11.481 -5.407  1.00 60.64  ? 2   SER A CB  1 
ATOM   6    O OG  . SER A 1 4   ? -16.007 -11.972 -4.130  1.00 65.34  ? 2   SER A OG  1 
ATOM   7    N N   . LEU A 1 5   ? -13.071 -10.177 -5.541  1.00 54.44  ? 3   LEU A N   1 
ATOM   8    C CA  . LEU A 1 5   ? -12.174 -9.104  -5.119  1.00 49.06  ? 3   LEU A CA  1 
ATOM   9    C C   . LEU A 1 5   ? -10.827 -9.188  -5.838  1.00 46.93  ? 3   LEU A C   1 
ATOM   10   O O   . LEU A 1 5   ? -10.223 -10.255 -5.927  1.00 47.84  ? 3   LEU A O   1 
ATOM   11   C CB  . LEU A 1 5   ? -11.980 -9.126  -3.595  1.00 48.47  ? 3   LEU A CB  1 
ATOM   12   C CG  . LEU A 1 5   ? -10.855 -8.293  -2.960  1.00 46.41  ? 3   LEU A CG  1 
ATOM   13   C CD1 . LEU A 1 5   ? -11.056 -6.802  -3.161  1.00 44.90  ? 3   LEU A CD1 1 
ATOM   14   C CD2 . LEU A 1 5   ? -10.663 -8.625  -1.490  1.00 47.96  ? 3   LEU A CD2 1 
ATOM   15   N N   . LEU A 1 6   ? -10.370 -8.055  -6.358  1.00 45.36  ? 4   LEU A N   1 
ATOM   16   C CA  . LEU A 1 6   ? -9.013  -7.935  -6.882  1.00 43.20  ? 4   LEU A CA  1 
ATOM   17   C C   . LEU A 1 6   ? -8.357  -6.645  -6.398  1.00 40.71  ? 4   LEU A C   1 
ATOM   18   O O   . LEU A 1 6   ? -8.970  -5.579  -6.450  1.00 39.00  ? 4   LEU A O   1 
ATOM   19   C CB  . LEU A 1 6   ? -9.018  -7.949  -8.412  1.00 43.62  ? 4   LEU A CB  1 
ATOM   20   C CG  . LEU A 1 6   ? -9.229  -9.244  -9.194  1.00 43.92  ? 4   LEU A CG  1 
ATOM   21   C CD1 . LEU A 1 6   ? -9.539  -8.890  -10.637 1.00 35.96  ? 4   LEU A CD1 1 
ATOM   22   C CD2 . LEU A 1 6   ? -8.002  -10.146 -9.114  1.00 41.67  ? 4   LEU A CD2 1 
ATOM   23   N N   . ILE A 1 7   ? -7.120  -6.750  -5.917  1.00 38.71  ? 5   ILE A N   1 
ATOM   24   C CA  . ILE A 1 7   ? -6.267  -5.582  -5.709  1.00 36.98  ? 5   ILE A CA  1 
ATOM   25   C C   . ILE A 1 7   ? -5.772  -5.165  -7.087  1.00 36.58  ? 5   ILE A C   1 
ATOM   26   O O   . ILE A 1 7   ? -5.065  -5.931  -7.747  1.00 40.11  ? 5   ILE A O   1 
ATOM   27   C CB  . ILE A 1 7   ? -5.046  -5.902  -4.812  1.00 35.76  ? 5   ILE A CB  1 
ATOM   28   C CG1 . ILE A 1 7   ? -5.494  -6.473  -3.466  1.00 37.62  ? 5   ILE A CG1 1 
ATOM   29   C CG2 . ILE A 1 7   ? -4.177  -4.659  -4.621  1.00 36.04  ? 5   ILE A CG2 1 
ATOM   30   C CD1 . ILE A 1 7   ? -4.424  -7.268  -2.742  1.00 35.55  ? 5   ILE A CD1 1 
ATOM   31   N N   . THR A 1 8   ? -6.142  -3.965  -7.527  1.00 34.71  ? 6   THR A N   1 
ATOM   32   C CA  . THR A 1 8   ? -5.822  -3.536  -8.890  1.00 36.25  ? 6   THR A CA  1 
ATOM   33   C C   . THR A 1 8   ? -4.801  -2.403  -8.975  1.00 37.88  ? 6   THR A C   1 
ATOM   34   O O   . THR A 1 8   ? -4.121  -2.261  -10.000 1.00 40.05  ? 6   THR A O   1 
ATOM   35   C CB  . THR A 1 8   ? -7.086  -3.170  -9.712  1.00 36.62  ? 6   THR A CB  1 
ATOM   36   O OG1 . THR A 1 8   ? -7.892  -2.236  -8.985  1.00 41.94  ? 6   THR A OG1 1 
ATOM   37   C CG2 . THR A 1 8   ? -7.907  -4.416  -10.015 1.00 35.74  ? 6   THR A CG2 1 
ATOM   38   N N   . SER A 1 9   ? -4.692  -1.604  -7.912  1.00 37.55  ? 7   SER A N   1 
ATOM   39   C CA  . SER A 1 9   ? -3.724  -0.508  -7.894  1.00 35.71  ? 7   SER A CA  1 
ATOM   40   C C   . SER A 1 9   ? -3.229  -0.102  -6.517  1.00 32.74  ? 7   SER A C   1 
ATOM   41   O O   . SER A 1 9   ? -4.004  -0.015  -5.567  1.00 31.78  ? 7   SER A O   1 
ATOM   42   C CB  . SER A 1 9   ? -4.259  0.718   -8.644  1.00 35.46  ? 7   SER A CB  1 
ATOM   43   O OG  . SER A 1 9   ? -5.391  1.258   -8.008  1.00 42.29  ? 7   SER A OG  1 
ATOM   44   N N   . ILE A 1 10  ? -1.919  0.134   -6.439  1.00 32.59  ? 8   ILE A N   1 
ATOM   45   C CA  . ILE A 1 10  ? -1.258  0.782   -5.309  1.00 29.52  ? 8   ILE A CA  1 
ATOM   46   C C   . ILE A 1 10  ? -0.760  2.123   -5.829  1.00 29.78  ? 8   ILE A C   1 
ATOM   47   O O   . ILE A 1 10  ? -0.014  2.167   -6.805  1.00 31.57  ? 8   ILE A O   1 
ATOM   48   C CB  . ILE A 1 10  ? 0.004   0.004   -4.834  1.00 33.16  ? 8   ILE A CB  1 
ATOM   49   C CG1 . ILE A 1 10  ? -0.208  -1.521  -4.811  1.00 34.77  ? 8   ILE A CG1 1 
ATOM   50   C CG2 . ILE A 1 10  ? 0.532   0.550   -3.501  1.00 29.46  ? 8   ILE A CG2 1 
ATOM   51   C CD1 . ILE A 1 10  ? -1.208  -2.025  -3.804  1.00 47.59  ? 8   ILE A CD1 1 
ATOM   52   N N   . THR A 1 11  ? -1.154  3.211   -5.182  1.00 28.06  ? 9   THR A N   1 
ATOM   53   C CA  . THR A 1 11  ? -0.689  4.533   -5.581  1.00 28.75  ? 9   THR A CA  1 
ATOM   54   C C   . THR A 1 11  ? -0.029  5.264   -4.406  1.00 29.87  ? 9   THR A C   1 
ATOM   55   O O   . THR A 1 11  ? -0.580  5.304   -3.306  1.00 32.19  ? 9   THR A O   1 
ATOM   56   C CB  . THR A 1 11  ? -1.847  5.373   -6.164  1.00 30.86  ? 9   THR A CB  1 
ATOM   57   O OG1 . THR A 1 11  ? -2.496  4.635   -7.204  1.00 32.92  ? 9   THR A OG1 1 
ATOM   58   C CG2 . THR A 1 11  ? -1.337  6.679   -6.737  1.00 20.83  ? 9   THR A CG2 1 
ATOM   59   N N   . ILE A 1 12  ? 1.161   5.815   -4.645  1.00 29.97  ? 10  ILE A N   1 
ATOM   60   C CA  . ILE A 1 12  ? 1.886   6.598   -3.644  1.00 27.53  ? 10  ILE A CA  1 
ATOM   61   C C   . ILE A 1 12  ? 2.144   8.020   -4.148  1.00 27.45  ? 10  ILE A C   1 
ATOM   62   O O   . ILE A 1 12  ? 2.804   8.221   -5.173  1.00 25.49  ? 10  ILE A O   1 
ATOM   63   C CB  . ILE A 1 12  ? 3.230   5.929   -3.237  1.00 29.65  ? 10  ILE A CB  1 
ATOM   64   C CG1 . ILE A 1 12  ? 2.986   4.551   -2.601  1.00 28.96  ? 10  ILE A CG1 1 
ATOM   65   C CG2 . ILE A 1 12  ? 4.024   6.828   -2.280  1.00 26.45  ? 10  ILE A CG2 1 
ATOM   66   C CD1 . ILE A 1 12  ? 4.251   3.699   -2.449  1.00 28.01  ? 10  ILE A CD1 1 
ATOM   67   N N   . ASN A 1 13  ? 1.605   8.999   -3.423  1.00 26.23  ? 11  ASN A N   1 
ATOM   68   C CA  . ASN A 1 13  ? 1.885   10.402  -3.689  1.00 27.00  ? 11  ASN A CA  1 
ATOM   69   C C   . ASN A 1 13  ? 3.171   10.821  -2.989  1.00 28.06  ? 11  ASN A C   1 
ATOM   70   O O   . ASN A 1 13  ? 3.259   10.774  -1.767  1.00 29.08  ? 11  ASN A O   1 
ATOM   71   C CB  . ASN A 1 13  ? 0.721   11.270  -3.229  1.00 26.00  ? 11  ASN A CB  1 
ATOM   72   C CG  . ASN A 1 13  ? -0.572  10.900  -3.906  1.00 28.49  ? 11  ASN A CG  1 
ATOM   73   O OD1 . ASN A 1 13  ? -0.809  11.254  -5.059  1.00 36.15  ? 11  ASN A OD1 1 
ATOM   74   N ND2 . ASN A 1 13  ? -1.421  10.178  -3.191  1.00 25.39  ? 11  ASN A ND2 1 
ATOM   75   N N   . THR A 1 14  ? 4.162   11.233  -3.775  1.00 28.30  ? 12  THR A N   1 
ATOM   76   C CA  . THR A 1 14  ? 5.513   11.444  -3.267  1.00 28.47  ? 12  THR A CA  1 
ATOM   77   C C   . THR A 1 14  ? 6.096   12.810  -3.640  1.00 31.23  ? 12  THR A C   1 
ATOM   78   O O   . THR A 1 14  ? 5.857   13.319  -4.735  1.00 32.91  ? 12  THR A O   1 
ATOM   79   C CB  . THR A 1 14  ? 6.471   10.289  -3.713  1.00 29.42  ? 12  THR A CB  1 
ATOM   80   O OG1 . THR A 1 14  ? 7.804   10.549  -3.251  1.00 33.83  ? 12  THR A OG1 1 
ATOM   81   C CG2 . THR A 1 14  ? 6.479   10.087  -5.232  1.00 20.28  ? 12  THR A CG2 1 
ATOM   82   N N   . SER A 1 15  ? 6.858   13.399  -2.721  1.00 32.21  ? 13  SER A N   1 
ATOM   83   C CA  . SER A 1 15  ? 7.598   14.625  -3.025  1.00 34.96  ? 13  SER A CA  1 
ATOM   84   C C   . SER A 1 15  ? 9.050   14.316  -3.400  1.00 37.05  ? 13  SER A C   1 
ATOM   85   O O   . SER A 1 15  ? 9.870   15.224  -3.548  1.00 37.56  ? 13  SER A O   1 
ATOM   86   C CB  . SER A 1 15  ? 7.507   15.644  -1.883  1.00 33.24  ? 13  SER A CB  1 
ATOM   87   O OG  . SER A 1 15  ? 7.929   15.090  -0.652  1.00 41.89  ? 13  SER A OG  1 
ATOM   88   N N   . HIS A 1 16  ? 9.345   13.027  -3.571  1.00 36.45  ? 14  HIS A N   1 
ATOM   89   C CA  . HIS A 1 16  ? 10.653  12.566  -4.029  1.00 35.29  ? 14  HIS A CA  1 
ATOM   90   C C   . HIS A 1 16  ? 10.498  11.648  -5.242  1.00 34.70  ? 14  HIS A C   1 
ATOM   91   O O   . HIS A 1 16  ? 10.964  10.510  -5.213  1.00 35.88  ? 14  HIS A O   1 
ATOM   92   C CB  . HIS A 1 16  ? 11.380  11.807  -2.913  1.00 35.12  ? 14  HIS A CB  1 
ATOM   93   C CG  . HIS A 1 16  ? 11.491  12.566  -1.628  1.00 36.66  ? 14  HIS A CG  1 
ATOM   94   N ND1 . HIS A 1 16  ? 10.762  12.233  -0.504  1.00 36.45  ? 14  HIS A ND1 1 
ATOM   95   C CD2 . HIS A 1 16  ? 12.255  13.629  -1.280  1.00 31.79  ? 14  HIS A CD2 1 
ATOM   96   C CE1 . HIS A 1 16  ? 11.069  13.062  0.479   1.00 33.46  ? 14  HIS A CE1 1 
ATOM   97   N NE2 . HIS A 1 16  ? 11.971  13.919  0.034   1.00 34.23  ? 14  HIS A NE2 1 
ATOM   98   N N   . LEU A 1 17  ? 9.853   12.145  -6.297  1.00 32.84  ? 15  LEU A N   1 
ATOM   99   C CA  . LEU A 1 17  ? 9.511   11.331  -7.474  1.00 33.85  ? 15  LEU A CA  1 
ATOM   100  C C   . LEU A 1 17  ? 10.714  10.606  -8.075  1.00 36.55  ? 15  LEU A C   1 
ATOM   101  O O   . LEU A 1 17  ? 10.638  9.406   -8.344  1.00 38.38  ? 15  LEU A O   1 
ATOM   102  C CB  . LEU A 1 17  ? 8.844   12.180  -8.564  1.00 34.35  ? 15  LEU A CB  1 
ATOM   103  C CG  . LEU A 1 17  ? 7.774   11.636  -9.528  1.00 35.23  ? 15  LEU A CG  1 
ATOM   104  C CD1 . LEU A 1 17  ? 8.123   12.043  -10.953 1.00 32.75  ? 15  LEU A CD1 1 
ATOM   105  C CD2 . LEU A 1 17  ? 7.547   10.134  -9.476  1.00 32.20  ? 15  LEU A CD2 1 
ATOM   106  N N   . GLN A 1 18  ? 11.814  11.332  -8.274  1.00 37.84  ? 16  GLN A N   1 
ATOM   107  C CA  . GLN A 1 18  ? 12.994  10.782  -8.948  1.00 38.64  ? 16  GLN A CA  1 
ATOM   108  C C   . GLN A 1 18  ? 13.663  9.683   -8.126  1.00 36.79  ? 16  GLN A C   1 
ATOM   109  O O   . GLN A 1 18  ? 14.048  8.646   -8.674  1.00 38.63  ? 16  GLN A O   1 
ATOM   110  C CB  . GLN A 1 18  ? 13.993  11.888  -9.311  1.00 40.71  ? 16  GLN A CB  1 
ATOM   111  C CG  . GLN A 1 18  ? 13.539  12.795  -10.457 1.00 49.73  ? 16  GLN A CG  1 
ATOM   112  C CD  . GLN A 1 18  ? 13.356  12.049  -11.780 1.00 60.86  ? 16  GLN A CD  1 
ATOM   113  O OE1 . GLN A 1 18  ? 12.275  12.069  -12.373 1.00 56.13  ? 16  GLN A OE1 1 
ATOM   114  N NE2 . GLN A 1 18  ? 14.414  11.387  -12.244 1.00 69.28  ? 16  GLN A NE2 1 
ATOM   115  N N   . GLY A 1 19  ? 13.773  9.912   -6.818  1.00 33.53  ? 17  GLY A N   1 
ATOM   116  C CA  . GLY A 1 19  ? 14.324  8.934   -5.886  1.00 31.37  ? 17  GLY A CA  1 
ATOM   117  C C   . GLY A 1 19  ? 13.470  7.682   -5.778  1.00 33.58  ? 17  GLY A C   1 
ATOM   118  O O   . GLY A 1 19  ? 13.994  6.567   -5.741  1.00 34.51  ? 17  GLY A O   1 
ATOM   119  N N   . MET A 1 20  ? 12.150  7.868   -5.745  1.00 31.69  ? 18  MET A N   1 
ATOM   120  C CA  . MET A 1 20  ? 11.215  6.752   -5.655  1.00 29.82  ? 18  MET A CA  1 
ATOM   121  C C   . MET A 1 20  ? 11.191  5.945   -6.945  1.00 31.27  ? 18  MET A C   1 
ATOM   122  O O   . MET A 1 20  ? 11.112  4.718   -6.901  1.00 32.91  ? 18  MET A O   1 
ATOM   123  C CB  . MET A 1 20  ? 9.809   7.232   -5.275  1.00 28.65  ? 18  MET A CB  1 
ATOM   124  C CG  . MET A 1 20  ? 9.713   7.773   -3.853  1.00 24.07  ? 18  MET A CG  1 
ATOM   125  S SD  . MET A 1 20  ? 9.717   6.520   -2.560  1.00 17.90  ? 18  MET A SD  1 
ATOM   126  C CE  . MET A 1 20  ? 7.992   6.069   -2.611  1.00 18.27  ? 18  MET A CE  1 
ATOM   127  N N   . LEU A 1 21  ? 11.269  6.635   -8.084  1.00 32.71  ? 19  LEU A N   1 
ATOM   128  C CA  . LEU A 1 21  ? 11.375  5.982   -9.389  1.00 33.08  ? 19  LEU A CA  1 
ATOM   129  C C   . LEU A 1 21  ? 12.629  5.123   -9.476  1.00 34.83  ? 19  LEU A C   1 
ATOM   130  O O   . LEU A 1 21  ? 12.560  3.975   -9.918  1.00 34.01  ? 19  LEU A O   1 
ATOM   131  C CB  . LEU A 1 21  ? 11.401  7.012   -10.516 1.00 34.44  ? 19  LEU A CB  1 
ATOM   132  C CG  . LEU A 1 21  ? 10.077  7.537   -11.057 1.00 39.79  ? 19  LEU A CG  1 
ATOM   133  C CD1 . LEU A 1 21  ? 10.347  8.729   -11.959 1.00 39.50  ? 19  LEU A CD1 1 
ATOM   134  C CD2 . LEU A 1 21  ? 9.347   6.439   -11.810 1.00 39.41  ? 19  LEU A CD2 1 
ATOM   135  N N   . GLY A 1 22  ? 13.759  5.690   -9.044  1.00 33.30  ? 20  GLY A N   1 
ATOM   136  C CA  . GLY A 1 22  ? 15.032  4.980   -8.992  1.00 32.12  ? 20  GLY A CA  1 
ATOM   137  C C   . GLY A 1 22  ? 14.965  3.768   -8.083  1.00 34.08  ? 20  GLY A C   1 
ATOM   138  O O   . GLY A 1 22  ? 15.427  2.687   -8.453  1.00 36.82  ? 20  GLY A O   1 
ATOM   139  N N   . PHE A 1 23  ? 14.366  3.957   -6.906  1.00 32.59  ? 21  PHE A N   1 
ATOM   140  C CA  . PHE A 1 23  ? 14.188  2.903   -5.904  1.00 31.32  ? 21  PHE A CA  1 
ATOM   141  C C   . PHE A 1 23  ? 13.417  1.724   -6.475  1.00 31.32  ? 21  PHE A C   1 
ATOM   142  O O   . PHE A 1 23  ? 13.914  0.601   -6.478  1.00 35.08  ? 21  PHE A O   1 
ATOM   143  C CB  . PHE A 1 23  ? 13.442  3.464   -4.687  1.00 32.26  ? 21  PHE A CB  1 
ATOM   144  C CG  . PHE A 1 23  ? 13.552  2.618   -3.454  1.00 28.10  ? 21  PHE A CG  1 
ATOM   145  C CD1 . PHE A 1 23  ? 14.622  2.778   -2.584  1.00 33.87  ? 21  PHE A CD1 1 
ATOM   146  C CD2 . PHE A 1 23  ? 12.579  1.684   -3.146  1.00 23.71  ? 21  PHE A CD2 1 
ATOM   147  C CE1 . PHE A 1 23  ? 14.729  2.001   -1.436  1.00 36.15  ? 21  PHE A CE1 1 
ATOM   148  C CE2 . PHE A 1 23  ? 12.678  0.906   -2.002  1.00 31.31  ? 21  PHE A CE2 1 
ATOM   149  C CZ  . PHE A 1 23  ? 13.753  1.066   -1.146  1.00 34.59  ? 21  PHE A CZ  1 
ATOM   150  N N   . TYR A 1 24  ? 12.217  1.991   -6.981  1.00 31.01  ? 22  TYR A N   1 
ATOM   151  C CA  . TYR A 1 24  ? 11.329  0.931   -7.440  1.00 29.97  ? 22  TYR A CA  1 
ATOM   152  C C   . TYR A 1 24  ? 11.675  0.338   -8.802  1.00 32.65  ? 22  TYR A C   1 
ATOM   153  O O   . TYR A 1 24  ? 11.186  -0.740  -9.137  1.00 35.37  ? 22  TYR A O   1 
ATOM   154  C CB  . TYR A 1 24  ? 9.859   1.357   -7.331  1.00 28.89  ? 22  TYR A CB  1 
ATOM   155  C CG  . TYR A 1 24  ? 9.444   1.454   -5.884  1.00 29.52  ? 22  TYR A CG  1 
ATOM   156  C CD1 . TYR A 1 24  ? 9.136   0.305   -5.150  1.00 29.37  ? 22  TYR A CD1 1 
ATOM   157  C CD2 . TYR A 1 24  ? 9.416   2.680   -5.230  1.00 25.45  ? 22  TYR A CD2 1 
ATOM   158  C CE1 . TYR A 1 24  ? 8.793   0.382   -3.807  1.00 27.23  ? 22  TYR A CE1 1 
ATOM   159  C CE2 . TYR A 1 24  ? 9.072   2.767   -3.890  1.00 28.76  ? 22  TYR A CE2 1 
ATOM   160  C CZ  . TYR A 1 24  ? 8.764   1.619   -3.187  1.00 27.89  ? 22  TYR A CZ  1 
ATOM   161  O OH  . TYR A 1 24  ? 8.418   1.717   -1.864  1.00 33.22  ? 22  TYR A OH  1 
ATOM   162  N N   . ARG A 1 25  ? 12.526  1.018   -9.570  1.00 34.42  ? 23  ARG A N   1 
ATOM   163  C CA  . ARG A 1 25  ? 13.097  0.411   -10.776 1.00 37.45  ? 23  ARG A CA  1 
ATOM   164  C C   . ARG A 1 25  ? 14.047  -0.711  -10.391 1.00 37.81  ? 23  ARG A C   1 
ATOM   165  O O   . ARG A 1 25  ? 14.007  -1.789  -10.991 1.00 42.31  ? 23  ARG A O   1 
ATOM   166  C CB  . ARG A 1 25  ? 13.823  1.433   -11.649 1.00 36.57  ? 23  ARG A CB  1 
ATOM   167  C CG  . ARG A 1 25  ? 12.919  2.162   -12.620 1.00 44.43  ? 23  ARG A CG  1 
ATOM   168  C CD  . ARG A 1 25  ? 13.708  3.116   -13.496 1.00 58.30  ? 23  ARG A CD  1 
ATOM   169  N NE  . ARG A 1 25  ? 12.828  4.010   -14.243 1.00 66.24  ? 23  ARG A NE  1 
ATOM   170  C CZ  . ARG A 1 25  ? 12.734  5.323   -14.046 1.00 65.90  ? 23  ARG A CZ  1 
ATOM   171  N NH1 . ARG A 1 25  ? 13.478  5.924   -13.126 1.00 64.11  ? 23  ARG A NH1 1 
ATOM   172  N NH2 . ARG A 1 25  ? 11.897  6.039   -14.782 1.00 67.56  ? 23  ARG A NH2 1 
ATOM   173  N N   . ILE A 1 26  ? 14.877  -0.453  -9.377  1.00 35.52  ? 24  ILE A N   1 
ATOM   174  C CA  . ILE A 1 26  ? 15.832  -1.435  -8.850  1.00 34.37  ? 24  ILE A CA  1 
ATOM   175  C C   . ILE A 1 26  ? 15.121  -2.665  -8.284  1.00 37.19  ? 24  ILE A C   1 
ATOM   176  O O   . ILE A 1 26  ? 15.585  -3.792  -8.462  1.00 40.68  ? 24  ILE A O   1 
ATOM   177  C CB  . ILE A 1 26  ? 16.757  -0.801  -7.786  1.00 33.38  ? 24  ILE A CB  1 
ATOM   178  C CG1 . ILE A 1 26  ? 17.624  0.283   -8.427  1.00 28.06  ? 24  ILE A CG1 1 
ATOM   179  C CG2 . ILE A 1 26  ? 17.644  -1.848  -7.125  1.00 31.57  ? 24  ILE A CG2 1 
ATOM   180  C CD1 . ILE A 1 26  ? 18.326  1.177   -7.438  1.00 26.93  ? 24  ILE A CD1 1 
ATOM   181  N N   . ILE A 1 27  ? 13.983  -2.436  -7.628  1.00 38.20  ? 25  ILE A N   1 
ATOM   182  C CA  . ILE A 1 27  ? 13.130  -3.514  -7.122  1.00 38.46  ? 25  ILE A CA  1 
ATOM   183  C C   . ILE A 1 27  ? 12.593  -4.402  -8.260  1.00 40.76  ? 25  ILE A C   1 
ATOM   184  O O   . ILE A 1 27  ? 12.557  -5.633  -8.130  1.00 41.01  ? 25  ILE A O   1 
ATOM   185  C CB  . ILE A 1 27  ? 12.025  -2.950  -6.181  1.00 38.71  ? 25  ILE A CB  1 
ATOM   186  C CG1 . ILE A 1 27  ? 12.648  -2.653  -4.811  1.00 36.45  ? 25  ILE A CG1 1 
ATOM   187  C CG2 . ILE A 1 27  ? 10.835  -3.905  -6.049  1.00 28.71  ? 25  ILE A CG2 1 
ATOM   188  C CD1 . ILE A 1 27  ? 11.715  -2.028  -3.821  1.00 42.03  ? 25  ILE A CD1 1 
ATOM   189  N N   . GLY A 1 28  ? 12.226  -3.777  -9.381  1.00 41.50  ? 26  GLY A N   1 
ATOM   190  C CA  . GLY A 1 28  ? 11.896  -4.510  -10.605 1.00 41.26  ? 26  GLY A CA  1 
ATOM   191  C C   . GLY A 1 28  ? 10.749  -3.962  -11.434 1.00 42.70  ? 26  GLY A C   1 
ATOM   192  O O   . GLY A 1 28  ? 10.350  -4.579  -12.425 1.00 43.69  ? 26  GLY A O   1 
ATOM   193  N N   . PHE A 1 29  ? 10.212  -2.813  -11.032 1.00 41.57  ? 27  PHE A N   1 
ATOM   194  C CA  . PHE A 1 29  ? 9.090   -2.196  -11.731 1.00 39.02  ? 27  PHE A CA  1 
ATOM   195  C C   . PHE A 1 29  ? 9.551   -1.416  -12.953 1.00 39.49  ? 27  PHE A C   1 
ATOM   196  O O   . PHE A 1 29  ? 10.577  -0.735  -12.915 1.00 39.23  ? 27  PHE A O   1 
ATOM   197  C CB  . PHE A 1 29  ? 8.318   -1.262  -10.799 1.00 37.34  ? 27  PHE A CB  1 
ATOM   198  C CG  . PHE A 1 29  ? 7.560   -1.964  -9.710  1.00 35.98  ? 27  PHE A CG  1 
ATOM   199  C CD1 . PHE A 1 29  ? 6.258   -2.394  -9.924  1.00 29.17  ? 27  PHE A CD1 1 
ATOM   200  C CD2 . PHE A 1 29  ? 8.135   -2.163  -8.457  1.00 35.97  ? 27  PHE A CD2 1 
ATOM   201  C CE1 . PHE A 1 29  ? 5.544   -3.033  -8.916  1.00 31.52  ? 27  PHE A CE1 1 
ATOM   202  C CE2 . PHE A 1 29  ? 7.431   -2.798  -7.442  1.00 30.07  ? 27  PHE A CE2 1 
ATOM   203  C CZ  . PHE A 1 29  ? 6.129   -3.233  -7.673  1.00 35.50  ? 27  PHE A CZ  1 
ATOM   204  N N   . GLN A 1 30  ? 8.774   -1.515  -14.030 1.00 42.20  ? 28  GLN A N   1 
ATOM   205  C CA  . GLN A 1 30  ? 9.037   -0.769  -15.261 1.00 44.33  ? 28  GLN A CA  1 
ATOM   206  C C   . GLN A 1 30  ? 7.965   0.296   -15.466 1.00 42.82  ? 28  GLN A C   1 
ATOM   207  O O   . GLN A 1 30  ? 6.841   -0.006  -15.873 1.00 41.56  ? 28  GLN A O   1 
ATOM   208  C CB  . GLN A 1 30  ? 9.097   -1.710  -16.464 1.00 45.76  ? 28  GLN A CB  1 
ATOM   209  C CG  . GLN A 1 30  ? 10.218  -2.729  -16.399 1.00 52.40  ? 28  GLN A CG  1 
ATOM   210  C CD  . GLN A 1 30  ? 9.968   -3.925  -17.296 1.00 67.18  ? 28  GLN A CD  1 
ATOM   211  O OE1 . GLN A 1 30  ? 8.826   -4.354  -17.490 1.00 66.00  ? 28  GLN A OE1 1 
ATOM   212  N NE2 . GLN A 1 30  ? 11.043  -4.479  -17.845 1.00 75.21  ? 28  GLN A NE2 1 
ATOM   213  N N   . PHE A 1 31  ? 8.331   1.541   -15.174 1.00 43.48  ? 29  PHE A N   1 
ATOM   214  C CA  . PHE A 1 31  ? 7.402   2.667   -15.187 1.00 43.93  ? 29  PHE A CA  1 
ATOM   215  C C   . PHE A 1 31  ? 7.292   3.320   -16.555 1.00 46.20  ? 29  PHE A C   1 
ATOM   216  O O   . PHE A 1 31  ? 8.292   3.511   -17.245 1.00 47.78  ? 29  PHE A O   1 
ATOM   217  C CB  . PHE A 1 31  ? 7.833   3.728   -14.167 1.00 39.64  ? 29  PHE A CB  1 
ATOM   218  C CG  . PHE A 1 31  ? 7.708   3.288   -12.737 1.00 37.59  ? 29  PHE A CG  1 
ATOM   219  C CD1 . PHE A 1 31  ? 6.489   3.390   -12.066 1.00 37.54  ? 29  PHE A CD1 1 
ATOM   220  C CD2 . PHE A 1 31  ? 8.811   2.787   -12.052 1.00 32.08  ? 29  PHE A CD2 1 
ATOM   221  C CE1 . PHE A 1 31  ? 6.371   2.983   -10.737 1.00 35.34  ? 29  PHE A CE1 1 
ATOM   222  C CE2 . PHE A 1 31  ? 8.704   2.385   -10.723 1.00 35.60  ? 29  PHE A CE2 1 
ATOM   223  C CZ  . PHE A 1 31  ? 7.484   2.479   -10.067 1.00 33.20  ? 29  PHE A CZ  1 
ATOM   224  N N   . THR A 1 32  ? 6.070   3.675   -16.933 1.00 49.00  ? 30  THR A N   1 
ATOM   225  C CA  . THR A 1 32  ? 5.844   4.479   -18.123 1.00 52.82  ? 30  THR A CA  1 
ATOM   226  C C   . THR A 1 32  ? 5.311   5.845   -17.715 1.00 52.67  ? 30  THR A C   1 
ATOM   227  O O   . THR A 1 32  ? 4.333   5.936   -16.971 1.00 54.77  ? 30  THR A O   1 
ATOM   228  C CB  . THR A 1 32  ? 4.831   3.824   -19.079 1.00 54.07  ? 30  THR A CB  1 
ATOM   229  O OG1 . THR A 1 32  ? 4.761   2.415   -18.829 1.00 58.79  ? 30  THR A OG1 1 
ATOM   230  C CG2 . THR A 1 32  ? 5.234   4.078   -20.527 1.00 57.10  ? 30  THR A CG2 1 
ATOM   231  N N   . ALA A 1 33  ? 5.963   6.901   -18.193 1.00 53.90  ? 31  ALA A N   1 
ATOM   232  C CA  . ALA A 1 33  ? 5.480   8.267   -17.990 1.00 55.45  ? 31  ALA A CA  1 
ATOM   233  C C   . ALA A 1 33  ? 4.253   8.526   -18.863 1.00 58.41  ? 31  ALA A C   1 
ATOM   234  O O   . ALA A 1 33  ? 4.095   7.901   -19.919 1.00 59.89  ? 31  ALA A O   1 
ATOM   235  C CB  . ALA A 1 33  ? 6.577   9.267   -18.300 1.00 55.50  ? 31  ALA A CB  1 
ATOM   236  N N   . SER A 1 34  ? 3.387   9.439   -18.421 1.00 61.08  ? 32  SER A N   1 
ATOM   237  C CA  . SER A 1 34  ? 2.150   9.746   -19.150 1.00 65.63  ? 32  SER A CA  1 
ATOM   238  C C   . SER A 1 34  ? 2.357   10.666  -20.359 1.00 66.94  ? 32  SER A C   1 
ATOM   239  O O   . SER A 1 34  ? 3.454   11.178  -20.597 1.00 69.08  ? 32  SER A O   1 
ATOM   240  C CB  . SER A 1 34  ? 1.100   10.335  -18.205 1.00 66.45  ? 32  SER A CB  1 
ATOM   241  O OG  . SER A 1 34  ? 0.545   9.326   -17.373 1.00 71.61  ? 32  SER A OG  1 
ATOM   242  N N   . SER A 1 40  ? -0.865  16.107  -12.062 1.00 70.49  ? 38  SER A N   1 
ATOM   243  C CA  . SER A 1 40  ? 0.455   15.858  -11.474 1.00 71.77  ? 38  SER A CA  1 
ATOM   244  C C   . SER A 1 40  ? 1.366   15.098  -12.441 1.00 70.19  ? 38  SER A C   1 
ATOM   245  O O   . SER A 1 40  ? 0.885   14.450  -13.376 1.00 72.02  ? 38  SER A O   1 
ATOM   246  C CB  . SER A 1 40  ? 0.326   15.050  -10.179 1.00 72.47  ? 38  SER A CB  1 
ATOM   247  O OG  . SER A 1 40  ? -0.789  15.462  -9.410  1.00 75.93  ? 38  SER A OG  1 
ATOM   248  N N   . GLU A 1 41  ? 2.677   15.181  -12.208 1.00 65.78  ? 39  GLU A N   1 
ATOM   249  C CA  . GLU A 1 41  ? 3.642   14.340  -12.918 1.00 61.24  ? 39  GLU A CA  1 
ATOM   250  C C   . GLU A 1 41  ? 3.497   12.904  -12.403 1.00 55.04  ? 39  GLU A C   1 
ATOM   251  O O   . GLU A 1 41  ? 3.691   12.642  -11.218 1.00 55.02  ? 39  GLU A O   1 
ATOM   252  C CB  . GLU A 1 41  ? 5.067   14.865  -12.724 1.00 59.75  ? 39  GLU A CB  1 
ATOM   253  C CG  . GLU A 1 41  ? 6.092   14.254  -13.675 1.00 64.56  ? 39  GLU A CG  1 
ATOM   254  C CD  . GLU A 1 41  ? 7.523   14.699  -13.394 1.00 66.60  ? 39  GLU A CD  1 
ATOM   255  O OE1 . GLU A 1 41  ? 7.723   15.759  -12.756 1.00 71.12  ? 39  GLU A OE1 1 
ATOM   256  O OE2 . GLU A 1 41  ? 8.455   13.982  -13.817 1.00 71.08  ? 39  GLU A OE2 1 
ATOM   257  N N   . VAL A 1 42  ? 3.142   11.989  -13.300 1.00 48.88  ? 40  VAL A N   1 
ATOM   258  C CA  . VAL A 1 42  ? 2.736   10.634  -12.914 1.00 44.96  ? 40  VAL A CA  1 
ATOM   259  C C   . VAL A 1 42  ? 3.430   9.529   -13.734 1.00 42.81  ? 40  VAL A C   1 
ATOM   260  O O   . VAL A 1 42  ? 3.546   9.630   -14.960 1.00 44.28  ? 40  VAL A O   1 
ATOM   261  C CB  . VAL A 1 42  ? 1.170   10.495  -12.923 1.00 43.07  ? 40  VAL A CB  1 
ATOM   262  C CG1 . VAL A 1 42  ? 0.562   11.093  -14.182 1.00 48.23  ? 40  VAL A CG1 1 
ATOM   263  C CG2 . VAL A 1 42  ? 0.723   9.050   -12.750 1.00 43.81  ? 40  VAL A CG2 1 
ATOM   264  N N   . HIS A 1 43  ? 3.900   8.493   -13.033 1.00 39.61  ? 41  HIS A N   1 
ATOM   265  C CA  . HIS A 1 43  ? 4.546   7.327   -13.640 1.00 37.22  ? 41  HIS A CA  1 
ATOM   266  C C   . HIS A 1 43  ? 3.863   6.049   -13.186 1.00 36.88  ? 41  HIS A C   1 
ATOM   267  O O   . HIS A 1 43  ? 3.677   5.838   -11.990 1.00 37.71  ? 41  HIS A O   1 
ATOM   268  C CB  . HIS A 1 43  ? 6.013   7.263   -13.240 1.00 34.94  ? 41  HIS A CB  1 
ATOM   269  C CG  . HIS A 1 43  ? 6.844   8.374   -13.799 1.00 37.08  ? 41  HIS A CG  1 
ATOM   270  N ND1 . HIS A 1 43  ? 7.760   8.181   -14.809 1.00 37.52  ? 41  HIS A ND1 1 
ATOM   271  C CD2 . HIS A 1 43  ? 6.902   9.689   -13.484 1.00 36.94  ? 41  HIS A CD2 1 
ATOM   272  C CE1 . HIS A 1 43  ? 8.346   9.329   -15.093 1.00 37.52  ? 41  HIS A CE1 1 
ATOM   273  N NE2 . HIS A 1 43  ? 7.842   10.261  -14.305 1.00 30.68  ? 41  HIS A NE2 1 
ATOM   274  N N   . ARG A 1 44  ? 3.500   5.196   -14.141 1.00 35.67  ? 42  ARG A N   1 
ATOM   275  C CA  . ARG A 1 44  ? 2.768   3.967   -13.837 1.00 35.77  ? 42  ARG A CA  1 
ATOM   276  C C   . ARG A 1 44  ? 3.517   2.722   -14.298 1.00 37.74  ? 42  ARG A C   1 
ATOM   277  O O   . ARG A 1 44  ? 3.988   2.652   -15.434 1.00 41.04  ? 42  ARG A O   1 
ATOM   278  C CB  . ARG A 1 44  ? 1.373   3.986   -14.475 1.00 34.70  ? 42  ARG A CB  1 
ATOM   279  C CG  . ARG A 1 44  ? 0.625   5.312   -14.357 1.00 37.17  ? 42  ARG A CG  1 
ATOM   280  C CD  . ARG A 1 44  ? -0.849  5.159   -14.671 1.00 37.12  ? 42  ARG A CD  1 
ATOM   281  N NE  . ARG A 1 44  ? -1.550  6.440   -14.610 1.00 45.30  ? 42  ARG A NE  1 
ATOM   282  C CZ  . ARG A 1 44  ? -2.107  6.957   -13.513 1.00 47.68  ? 42  ARG A CZ  1 
ATOM   283  N NH1 . ARG A 1 44  ? -2.053  6.318   -12.349 1.00 39.34  ? 42  ARG A NH1 1 
ATOM   284  N NH2 . ARG A 1 44  ? -2.715  8.135   -13.581 1.00 49.27  ? 42  ARG A NH2 1 
ATOM   285  N N   . ALA A 1 45  ? 3.631   1.752   -13.397 1.00 38.28  ? 43  ALA A N   1 
ATOM   286  C CA  . ALA A 1 45  ? 4.110   0.410   -13.721 1.00 36.95  ? 43  ALA A CA  1 
ATOM   287  C C   . ALA A 1 45  ? 2.981   -0.564  -13.448 1.00 38.66  ? 43  ALA A C   1 
ATOM   288  O O   . ALA A 1 45  ? 2.232   -0.394  -12.489 1.00 42.68  ? 43  ALA A O   1 
ATOM   289  C CB  . ALA A 1 45  ? 5.315   0.048   -12.870 1.00 35.31  ? 43  ALA A CB  1 
ATOM   290  N N   . VAL A 1 46  ? 2.850   -1.581  -14.287 1.00 39.02  ? 44  VAL A N   1 
ATOM   291  C CA  . VAL A 1 46  ? 1.851   -2.622  -14.049 1.00 40.89  ? 44  VAL A CA  1 
ATOM   292  C C   . VAL A 1 46  ? 2.542   -3.986  -13.941 1.00 41.17  ? 44  VAL A C   1 
ATOM   293  O O   . VAL A 1 46  ? 3.276   -4.392  -14.840 1.00 43.46  ? 44  VAL A O   1 
ATOM   294  C CB  . VAL A 1 46  ? 0.681   -2.570  -15.094 1.00 39.74  ? 44  VAL A CB  1 
ATOM   295  C CG1 . VAL A 1 46  ? 1.194   -2.223  -16.485 1.00 44.15  ? 44  VAL A CG1 1 
ATOM   296  C CG2 . VAL A 1 46  ? -0.137  -3.860  -15.099 1.00 36.29  ? 44  VAL A CG2 1 
ATOM   297  N N   . HIS A 1 47  ? 2.332   -4.663  -12.816 1.00 40.63  ? 45  HIS A N   1 
ATOM   298  C CA  . HIS A 1 47  ? 3.030   -5.909  -12.523 1.00 41.53  ? 45  HIS A CA  1 
ATOM   299  C C   . HIS A 1 47  ? 2.106   -6.908  -11.837 1.00 44.40  ? 45  HIS A C   1 
ATOM   300  O O   . HIS A 1 47  ? 1.577   -6.636  -10.754 1.00 46.31  ? 45  HIS A O   1 
ATOM   301  C CB  . HIS A 1 47  ? 4.276   -5.635  -11.669 1.00 41.92  ? 45  HIS A CB  1 
ATOM   302  C CG  . HIS A 1 47  ? 5.059   -6.866  -11.322 1.00 45.20  ? 45  HIS A CG  1 
ATOM   303  N ND1 . HIS A 1 47  ? 6.049   -7.373  -12.137 1.00 44.51  ? 45  HIS A ND1 1 
ATOM   304  C CD2 . HIS A 1 47  ? 4.999   -7.687  -10.245 1.00 45.35  ? 45  HIS A CD2 1 
ATOM   305  C CE1 . HIS A 1 47  ? 6.562   -8.456  -11.579 1.00 45.79  ? 45  HIS A CE1 1 
ATOM   306  N NE2 . HIS A 1 47  ? 5.943   -8.668  -10.430 1.00 44.56  ? 45  HIS A NE2 1 
ATOM   307  N N   . ASN A 1 48  ? 1.945   -8.068  -12.482 1.00 46.06  ? 46  ASN A N   1 
ATOM   308  C CA  . ASN A 1 48  ? 1.033   -9.148  -12.062 1.00 45.70  ? 46  ASN A CA  1 
ATOM   309  C C   . ASN A 1 48  ? -0.408  -8.689  -11.848 1.00 44.57  ? 46  ASN A C   1 
ATOM   310  O O   . ASN A 1 48  ? -1.061  -9.074  -10.874 1.00 46.72  ? 46  ASN A O   1 
ATOM   311  C CB  . ASN A 1 48  ? 1.569   -9.920  -10.841 1.00 46.13  ? 46  ASN A CB  1 
ATOM   312  C CG  . ASN A 1 48  ? 2.838   -10.708 -11.146 1.00 53.61  ? 46  ASN A CG  1 
ATOM   313  O OD1 . ASN A 1 48  ? 3.076   -11.121 -12.282 1.00 65.22  ? 46  ASN A OD1 1 
ATOM   314  N ND2 . ASN A 1 48  ? 3.655   -10.924 -10.122 1.00 56.97  ? 46  ASN A ND2 1 
ATOM   315  N N   . GLY A 1 49  ? -0.887  -7.847  -12.760 1.00 41.53  ? 47  GLY A N   1 
ATOM   316  C CA  . GLY A 1 49  ? -2.253  -7.332  -12.704 1.00 39.66  ? 47  GLY A CA  1 
ATOM   317  C C   . GLY A 1 49  ? -2.491  -6.170  -11.752 1.00 37.37  ? 47  GLY A C   1 
ATOM   318  O O   . GLY A 1 49  ? -3.599  -5.638  -11.690 1.00 40.76  ? 47  GLY A O   1 
ATOM   319  N N   . VAL A 1 50  ? -1.458  -5.781  -11.008 1.00 34.60  ? 48  VAL A N   1 
ATOM   320  C CA  . VAL A 1 50  ? -1.528  -4.660  -10.076 1.00 31.12  ? 48  VAL A CA  1 
ATOM   321  C C   . VAL A 1 50  ? -0.819  -3.473  -10.706 1.00 32.76  ? 48  VAL A C   1 
ATOM   322  O O   . VAL A 1 50  ? 0.302   -3.609  -11.206 1.00 33.32  ? 48  VAL A O   1 
ATOM   323  C CB  . VAL A 1 50  ? -0.872  -5.013  -8.708  1.00 31.08  ? 48  VAL A CB  1 
ATOM   324  C CG1 . VAL A 1 50  ? -0.735  -3.784  -7.813  1.00 26.54  ? 48  VAL A CG1 1 
ATOM   325  C CG2 . VAL A 1 50  ? -1.667  -6.099  -7.993  1.00 30.75  ? 48  VAL A CG2 1 
ATOM   326  N N   . GLU A 1 51  ? -1.477  -2.316  -10.693 1.00 31.98  ? 49  GLU A N   1 
ATOM   327  C CA  . GLU A 1 51  ? -0.857  -1.084  -11.173 1.00 32.50  ? 49  GLU A CA  1 
ATOM   328  C C   . GLU A 1 51  ? -0.202  -0.288  -10.041 1.00 30.73  ? 49  GLU A C   1 
ATOM   329  O O   . GLU A 1 51  ? -0.871  0.187   -9.128  1.00 30.11  ? 49  GLU A O   1 
ATOM   330  C CB  . GLU A 1 51  ? -1.876  -0.226  -11.915 1.00 30.60  ? 49  GLU A CB  1 
ATOM   331  C CG  . GLU A 1 51  ? -1.270  0.945   -12.647 1.00 38.46  ? 49  GLU A CG  1 
ATOM   332  C CD  . GLU A 1 51  ? -2.320  1.817   -13.297 1.00 58.12  ? 49  GLU A CD  1 
ATOM   333  O OE1 . GLU A 1 51  ? -3.252  2.259   -12.587 1.00 59.54  ? 49  GLU A OE1 1 
ATOM   334  O OE2 . GLU A 1 51  ? -2.209  2.063   -14.519 1.00 65.83  ? 49  GLU A OE2 1 
ATOM   335  N N   . PHE A 1 52  ? 1.114   -0.147  -10.121 1.00 29.35  ? 50  PHE A N   1 
ATOM   336  C CA  . PHE A 1 52  ? 1.886   0.612   -9.145  1.00 29.45  ? 50  PHE A CA  1 
ATOM   337  C C   . PHE A 1 52  ? 2.224   1.990   -9.710  1.00 30.14  ? 50  PHE A C   1 
ATOM   338  O O   . PHE A 1 52  ? 3.045   2.109   -10.625 1.00 31.32  ? 50  PHE A O   1 
ATOM   339  C CB  . PHE A 1 52  ? 3.156   -0.163  -8.771  1.00 27.94  ? 50  PHE A CB  1 
ATOM   340  C CG  . PHE A 1 52  ? 3.932   0.433   -7.629  1.00 32.10  ? 50  PHE A CG  1 
ATOM   341  C CD1 . PHE A 1 52  ? 3.452   0.369   -6.325  1.00 42.47  ? 50  PHE A CD1 1 
ATOM   342  C CD2 . PHE A 1 52  ? 5.160   1.029   -7.854  1.00 31.79  ? 50  PHE A CD2 1 
ATOM   343  C CE1 . PHE A 1 52  ? 4.179   0.914   -5.268  1.00 35.51  ? 50  PHE A CE1 1 
ATOM   344  C CE2 . PHE A 1 52  ? 5.891   1.579   -6.805  1.00 39.66  ? 50  PHE A CE2 1 
ATOM   345  C CZ  . PHE A 1 52  ? 5.396   1.525   -5.512  1.00 34.73  ? 50  PHE A CZ  1 
ATOM   346  N N   . SER A 1 53  ? 1.579   3.024   -9.170  1.00 29.34  ? 51  SER A N   1 
ATOM   347  C CA  . SER A 1 53  ? 1.779   4.398   -9.640  1.00 29.72  ? 51  SER A CA  1 
ATOM   348  C C   . SER A 1 53  ? 2.480   5.283   -8.622  1.00 30.24  ? 51  SER A C   1 
ATOM   349  O O   . SER A 1 53  ? 2.303   5.125   -7.409  1.00 29.01  ? 51  SER A O   1 
ATOM   350  C CB  . SER A 1 53  ? 0.448   5.053   -10.028 1.00 29.47  ? 51  SER A CB  1 
ATOM   351  O OG  . SER A 1 53  ? -0.145  4.414   -11.143 1.00 37.35  ? 51  SER A OG  1 
ATOM   352  N N   . LEU A 1 54  ? 3.256   6.232   -9.140  1.00 31.33  ? 52  LEU A N   1 
ATOM   353  C CA  . LEU A 1 54  ? 3.929   7.245   -8.337  1.00 31.73  ? 52  LEU A CA  1 
ATOM   354  C C   . LEU A 1 54  ? 3.505   8.630   -8.809  1.00 31.70  ? 52  LEU A C   1 
ATOM   355  O O   . LEU A 1 54  ? 3.715   8.972   -9.969  1.00 31.27  ? 52  LEU A O   1 
ATOM   356  C CB  . LEU A 1 54  ? 5.446   7.092   -8.482  1.00 32.75  ? 52  LEU A CB  1 
ATOM   357  C CG  . LEU A 1 54  ? 6.322   6.333   -7.478  1.00 33.44  ? 52  LEU A CG  1 
ATOM   358  C CD1 . LEU A 1 54  ? 5.571   5.289   -6.662  1.00 28.30  ? 52  LEU A CD1 1 
ATOM   359  C CD2 . LEU A 1 54  ? 7.486   5.688   -8.228  1.00 28.84  ? 52  LEU A CD2 1 
ATOM   360  N N   . TYR A 1 55  ? 2.898   9.416   -7.918  1.00 34.77  ? 53  TYR A N   1 
ATOM   361  C CA  . TYR A 1 55  ? 2.492   10.798  -8.234  1.00 33.07  ? 53  TYR A CA  1 
ATOM   362  C C   . TYR A 1 55  ? 3.400   11.810  -7.574  1.00 32.63  ? 53  TYR A C   1 
ATOM   363  O O   . TYR A 1 55  ? 3.759   11.673  -6.405  1.00 34.74  ? 53  TYR A O   1 
ATOM   364  C CB  . TYR A 1 55  ? 1.073   11.096  -7.766  1.00 31.67  ? 53  TYR A CB  1 
ATOM   365  C CG  . TYR A 1 55  ? -0.025  10.635  -8.679  1.00 34.47  ? 53  TYR A CG  1 
ATOM   366  C CD1 . TYR A 1 55  ? -0.808  11.558  -9.382  1.00 34.40  ? 53  TYR A CD1 1 
ATOM   367  C CD2 . TYR A 1 55  ? -0.313  9.280   -8.817  1.00 36.81  ? 53  TYR A CD2 1 
ATOM   368  C CE1 . TYR A 1 55  ? -1.841  11.129  -10.213 1.00 36.22  ? 53  TYR A CE1 1 
ATOM   369  C CE2 . TYR A 1 55  ? -1.340  8.841   -9.640  1.00 37.75  ? 53  TYR A CE2 1 
ATOM   370  C CZ  . TYR A 1 55  ? -2.099  9.765   -10.335 1.00 39.36  ? 53  TYR A CZ  1 
ATOM   371  O OH  . TYR A 1 55  ? -3.106  9.303   -11.148 1.00 38.06  ? 53  TYR A OH  1 
ATOM   372  N N   . SER A 1 56  ? 3.744   12.845  -8.325  1.00 35.00  ? 54  SER A N   1 
ATOM   373  C CA  . SER A 1 56  ? 4.535   13.934  -7.800  1.00 36.01  ? 54  SER A CA  1 
ATOM   374  C C   . SER A 1 56  ? 3.609   14.902  -7.072  1.00 37.30  ? 54  SER A C   1 
ATOM   375  O O   . SER A 1 56  ? 2.641   15.407  -7.655  1.00 39.34  ? 54  SER A O   1 
ATOM   376  C CB  . SER A 1 56  ? 5.277   14.638  -8.936  1.00 35.70  ? 54  SER A CB  1 
ATOM   377  O OG  . SER A 1 56  ? 6.281   15.491  -8.430  1.00 41.64  ? 54  SER A OG  1 
ATOM   378  N N   . ILE A 1 57  ? 3.879   15.114  -5.784  1.00 37.74  ? 55  ILE A N   1 
ATOM   379  C CA  . ILE A 1 57  ? 3.218   16.169  -5.006  1.00 37.33  ? 55  ILE A CA  1 
ATOM   380  C C   . ILE A 1 57  ? 4.267   17.097  -4.406  1.00 40.35  ? 55  ILE A C   1 
ATOM   381  O O   . ILE A 1 57  ? 5.461   16.813  -4.481  1.00 39.77  ? 55  ILE A O   1 
ATOM   382  C CB  . ILE A 1 57  ? 2.268   15.624  -3.890  1.00 36.69  ? 55  ILE A CB  1 
ATOM   383  C CG1 . ILE A 1 57  ? 3.035   14.813  -2.839  1.00 32.03  ? 55  ILE A CG1 1 
ATOM   384  C CG2 . ILE A 1 57  ? 1.100   14.839  -4.495  1.00 33.50  ? 55  ILE A CG2 1 
ATOM   385  C CD1 . ILE A 1 57  ? 2.280   14.651  -1.531  1.00 32.41  ? 55  ILE A CD1 1 
ATOM   386  N N   . GLN A 1 58  ? 3.824   18.210  -3.828  1.00 45.43  ? 56  GLN A N   1 
ATOM   387  C CA  . GLN A 1 58  ? 4.747   19.139  -3.195  1.00 51.68  ? 56  GLN A CA  1 
ATOM   388  C C   . GLN A 1 58  ? 5.082   18.755  -1.766  1.00 56.37  ? 56  GLN A C   1 
ATOM   389  O O   . GLN A 1 58  ? 4.332   18.014  -1.126  1.00 57.87  ? 56  GLN A O   1 
ATOM   390  C CB  . GLN A 1 58  ? 4.212   20.564  -3.267  1.00 51.78  ? 56  GLN A CB  1 
ATOM   391  C CG  . GLN A 1 58  ? 4.849   21.355  -4.391  1.00 58.50  ? 56  GLN A CG  1 
ATOM   392  C CD  . GLN A 1 58  ? 5.914   22.323  -3.919  1.00 57.13  ? 56  GLN A CD  1 
ATOM   393  O OE1 . GLN A 1 58  ? 5.954   23.467  -4.365  1.00 61.37  ? 56  GLN A OE1 1 
ATOM   394  N NE2 . GLN A 1 58  ? 6.781   21.876  -3.014  1.00 57.93  ? 56  GLN A NE2 1 
ATOM   395  N N   . ASN A 1 59  ? 6.224   19.253  -1.289  1.00 62.53  ? 57  ASN A N   1 
ATOM   396  C CA  . ASN A 1 59  ? 6.664   19.048  0.088   1.00 70.01  ? 57  ASN A CA  1 
ATOM   397  C C   . ASN A 1 59  ? 5.582   19.498  1.064   1.00 73.30  ? 57  ASN A C   1 
ATOM   398  O O   . ASN A 1 59  ? 5.223   20.679  1.086   1.00 74.05  ? 57  ASN A O   1 
ATOM   399  C CB  . ASN A 1 59  ? 7.969   19.804  0.368   1.00 72.17  ? 57  ASN A CB  1 
ATOM   400  C CG  . ASN A 1 59  ? 9.122   19.323  -0.493  1.00 79.10  ? 57  ASN A CG  1 
ATOM   401  O OD1 . ASN A 1 59  ? 9.333   19.814  -1.604  1.00 82.84  ? 57  ASN A OD1 1 
ATOM   402  N ND2 . ASN A 1 59  ? 9.884   18.366  0.025   1.00 84.62  ? 57  ASN A ND2 1 
ATOM   403  N N   . PRO A 1 60  ? 5.052   18.551  1.863   1.00 77.29  ? 58  PRO A N   1 
ATOM   404  C CA  . PRO A 1 60  ? 3.906   18.785  2.754   1.00 81.27  ? 58  PRO A CA  1 
ATOM   405  C C   . PRO A 1 60  ? 4.172   19.751  3.918   1.00 84.40  ? 58  PRO A C   1 
ATOM   406  O O   . PRO A 1 60  ? 3.239   20.086  4.656   1.00 84.56  ? 58  PRO A O   1 
ATOM   407  C CB  . PRO A 1 60  ? 3.579   17.377  3.283   1.00 82.10  ? 58  PRO A CB  1 
ATOM   408  C CG  . PRO A 1 60  ? 4.300   16.424  2.359   1.00 78.79  ? 58  PRO A CG  1 
ATOM   409  C CD  . PRO A 1 60  ? 5.529   17.158  1.955   1.00 76.26  ? 58  PRO A CD  1 
ATOM   410  N N   . GLN A 1 61  ? 5.432   20.169  4.078   1.00 88.02  ? 59  GLN A N   1 
ATOM   411  C CA  . GLN A 1 61  ? 5.889   21.142  5.099   1.00 92.21  ? 59  GLN A CA  1 
ATOM   412  C C   . GLN A 1 61  ? 5.783   20.665  6.559   1.00 94.10  ? 59  GLN A C   1 
ATOM   413  O O   . GLN A 1 61  ? 6.253   21.342  7.478   1.00 95.70  ? 59  GLN A O   1 
ATOM   414  C CB  . GLN A 1 61  ? 5.266   22.535  4.888   1.00 91.80  ? 59  GLN A CB  1 
ATOM   415  C CG  . GLN A 1 61  ? 5.744   23.225  3.602   1.00 93.98  ? 59  GLN A CG  1 
ATOM   416  C CD  . GLN A 1 61  ? 5.033   24.543  3.314   1.00 93.57  ? 59  GLN A CD  1 
ATOM   417  O OE1 . GLN A 1 61  ? 4.009   24.863  3.921   1.00 91.59  ? 59  GLN A OE1 1 
ATOM   418  N NE2 . GLN A 1 61  ? 5.578   25.311  2.374   1.00 92.90  ? 59  GLN A NE2 1 
ATOM   419  N N   . ARG A 1 62  ? 5.163   19.502  6.749   1.00 94.88  ? 60  ARG A N   1 
ATOM   420  C CA  . ARG A 1 62  ? 5.216   18.745  7.992   1.00 94.66  ? 60  ARG A CA  1 
ATOM   421  C C   . ARG A 1 62  ? 5.399   17.282  7.616   1.00 93.12  ? 60  ARG A C   1 
ATOM   422  O O   . ARG A 1 62  ? 4.420   16.563  7.389   1.00 93.98  ? 60  ARG A O   1 
ATOM   423  C CB  . ARG A 1 62  ? 3.933   18.918  8.799   1.00 94.87  ? 60  ARG A CB  1 
ATOM   424  C CG  . ARG A 1 62  ? 3.914   20.133  9.684   1.00 97.37  ? 60  ARG A CG  1 
ATOM   425  C CD  . ARG A 1 62  ? 2.637   20.162  10.496  1.00 98.70  ? 60  ARG A CD  1 
ATOM   426  N NE  . ARG A 1 62  ? 2.415   21.489  11.043  1.00 105.15 ? 60  ARG A NE  1 
ATOM   427  C CZ  . ARG A 1 62  ? 1.561   22.392  10.571  1.00 106.41 ? 60  ARG A CZ  1 
ATOM   428  N NH1 . ARG A 1 62  ? 1.483   23.570  11.168  1.00 107.21 ? 60  ARG A NH1 1 
ATOM   429  N NH2 . ARG A 1 62  ? 0.785   22.136  9.523   1.00 105.04 ? 60  ARG A NH2 1 
ATOM   430  N N   . SER A 1 63  ? 6.655   16.851  7.533   1.00 90.44  ? 61  SER A N   1 
ATOM   431  C CA  . SER A 1 63  ? 6.973   15.495  7.089   1.00 88.67  ? 61  SER A CA  1 
ATOM   432  C C   . SER A 1 63  ? 6.698   14.454  8.171   1.00 85.01  ? 61  SER A C   1 
ATOM   433  O O   . SER A 1 63  ? 7.268   14.503  9.263   1.00 85.22  ? 61  SER A O   1 
ATOM   434  C CB  . SER A 1 63  ? 8.421   15.409  6.598   1.00 89.60  ? 61  SER A CB  1 
ATOM   435  O OG  . SER A 1 63  ? 8.611   16.229  5.457   1.00 92.22  ? 61  SER A OG  1 
ATOM   436  N N   . GLN A 1 64  ? 5.811   13.519  7.847   1.00 80.65  ? 62  GLN A N   1 
ATOM   437  C CA  . GLN A 1 64  ? 5.407   12.458  8.763   1.00 77.69  ? 62  GLN A CA  1 
ATOM   438  C C   . GLN A 1 64  ? 6.035   11.129  8.338   1.00 73.65  ? 62  GLN A C   1 
ATOM   439  O O   . GLN A 1 64  ? 6.243   10.893  7.143   1.00 72.82  ? 62  GLN A O   1 
ATOM   440  C CB  . GLN A 1 64  ? 3.873   12.348  8.771   1.00 79.36  ? 62  GLN A CB  1 
ATOM   441  C CG  . GLN A 1 64  ? 3.262   11.448  9.858   1.00 82.64  ? 62  GLN A CG  1 
ATOM   442  C CD  . GLN A 1 64  ? 2.941   12.180  11.158  1.00 89.17  ? 62  GLN A CD  1 
ATOM   443  O OE1 . GLN A 1 64  ? 3.552   13.199  11.493  1.00 89.67  ? 62  GLN A OE1 1 
ATOM   444  N NE2 . GLN A 1 64  ? 1.971   11.651  11.901  1.00 89.57  ? 62  GLN A NE2 1 
ATOM   445  N N   . ILE A 1 65  ? 6.361   10.279  9.313   1.00 68.16  ? 63  ILE A N   1 
ATOM   446  C CA  . ILE A 1 65  ? 6.708   8.880   9.027   1.00 63.60  ? 63  ILE A CA  1 
ATOM   447  C C   . ILE A 1 65  ? 5.442   8.112   8.612   1.00 54.56  ? 63  ILE A C   1 
ATOM   448  O O   . ILE A 1 65  ? 4.462   8.076   9.359   1.00 55.08  ? 63  ILE A O   1 
ATOM   449  C CB  . ILE A 1 65  ? 7.456   8.172   10.203  1.00 64.93  ? 63  ILE A CB  1 
ATOM   450  C CG1 . ILE A 1 65  ? 6.884   8.594   11.567  1.00 69.95  ? 63  ILE A CG1 1 
ATOM   451  C CG2 . ILE A 1 65  ? 8.963   8.452   10.123  1.00 64.32  ? 63  ILE A CG2 1 
ATOM   452  C CD1 . ILE A 1 65  ? 7.230   7.653   12.726  1.00 68.18  ? 63  ILE A CD1 1 
ATOM   453  N N   . PRO A 1 66  ? 5.455   7.527   7.400   1.00 46.38  ? 64  PRO A N   1 
ATOM   454  C CA  . PRO A 1 66  ? 4.281   6.900   6.785   1.00 40.09  ? 64  PRO A CA  1 
ATOM   455  C C   . PRO A 1 66  ? 3.802   5.632   7.481   1.00 36.47  ? 64  PRO A C   1 
ATOM   456  O O   . PRO A 1 66  ? 4.586   4.948   8.130   1.00 39.81  ? 64  PRO A O   1 
ATOM   457  C CB  . PRO A 1 66  ? 4.765   6.557   5.373   1.00 37.36  ? 64  PRO A CB  1 
ATOM   458  C CG  . PRO A 1 66  ? 6.012   7.334   5.173   1.00 38.98  ? 64  PRO A CG  1 
ATOM   459  C CD  . PRO A 1 66  ? 6.629   7.444   6.515   1.00 42.95  ? 64  PRO A CD  1 
ATOM   460  N N   . SER A 1 67  ? 2.515   5.333   7.318   1.00 31.99  ? 65  SER A N   1 
ATOM   461  C CA  . SER A 1 67  ? 1.867   4.173   7.928   1.00 30.04  ? 65  SER A CA  1 
ATOM   462  C C   . SER A 1 67  ? 2.000   2.917   7.083   1.00 28.09  ? 65  SER A C   1 
ATOM   463  O O   . SER A 1 67  ? 1.743   1.815   7.567   1.00 31.47  ? 65  SER A O   1 
ATOM   464  C CB  . SER A 1 67  ? 0.381   4.452   8.112   1.00 28.29  ? 65  SER A CB  1 
ATOM   465  O OG  . SER A 1 67  ? 0.182   5.733   8.670   1.00 47.41  ? 65  SER A OG  1 
ATOM   466  N N   . LEU A 1 68  ? 2.375   3.093   5.820   1.00 25.91  ? 66  LEU A N   1 
ATOM   467  C CA  . LEU A 1 68  ? 2.482   1.990   4.882   1.00 25.30  ? 66  LEU A CA  1 
ATOM   468  C C   . LEU A 1 68  ? 3.836   1.294   4.972   1.00 26.73  ? 66  LEU A C   1 
ATOM   469  O O   . LEU A 1 68  ? 4.875   1.950   5.052   1.00 28.84  ? 66  LEU A O   1 
ATOM   470  C CB  . LEU A 1 68  ? 2.231   2.482   3.450   1.00 23.58  ? 66  LEU A CB  1 
ATOM   471  C CG  . LEU A 1 68  ? 2.439   1.481   2.305   1.00 23.90  ? 66  LEU A CG  1 
ATOM   472  C CD1 . LEU A 1 68  ? 1.318   0.448   2.269   1.00 23.94  ? 66  LEU A CD1 1 
ATOM   473  C CD2 . LEU A 1 68  ? 2.582   2.178   0.966   1.00 22.93  ? 66  LEU A CD2 1 
ATOM   474  N N   . GLN A 1 69  ? 3.797   -0.037  4.977   1.00 26.87  ? 67  GLN A N   1 
ATOM   475  C CA  . GLN A 1 69  ? 4.973   -0.879  4.777   1.00 26.22  ? 67  GLN A CA  1 
ATOM   476  C C   . GLN A 1 69  ? 4.693   -1.818  3.617   1.00 28.31  ? 67  GLN A C   1 
ATOM   477  O O   . GLN A 1 69  ? 3.573   -2.316  3.473   1.00 31.27  ? 67  GLN A O   1 
ATOM   478  C CB  . GLN A 1 69  ? 5.257   -1.715  6.016   1.00 25.46  ? 67  GLN A CB  1 
ATOM   479  C CG  . GLN A 1 69  ? 5.644   -0.927  7.244   1.00 29.09  ? 67  GLN A CG  1 
ATOM   480  C CD  . GLN A 1 69  ? 5.785   -1.815  8.453   1.00 34.32  ? 67  GLN A CD  1 
ATOM   481  O OE1 . GLN A 1 69  ? 5.036   -1.693  9.415   1.00 40.79  ? 67  GLN A OE1 1 
ATOM   482  N NE2 . GLN A 1 69  ? 6.739   -2.732  8.402   1.00 45.46  ? 67  GLN A NE2 1 
ATOM   483  N N   . LEU A 1 70  ? 5.705   -2.068  2.792   1.00 28.09  ? 68  LEU A N   1 
ATOM   484  C CA  . LEU A 1 70  ? 5.553   -2.993  1.673   1.00 28.36  ? 68  LEU A CA  1 
ATOM   485  C C   . LEU A 1 70  ? 6.524   -4.153  1.784   1.00 30.05  ? 68  LEU A C   1 
ATOM   486  O O   . LEU A 1 70  ? 7.591   -4.016  2.378   1.00 32.01  ? 68  LEU A O   1 
ATOM   487  C CB  . LEU A 1 70  ? 5.742   -2.271  0.335   1.00 26.94  ? 68  LEU A CB  1 
ATOM   488  C CG  . LEU A 1 70  ? 4.709   -1.223  -0.092  1.00 30.21  ? 68  LEU A CG  1 
ATOM   489  C CD1 . LEU A 1 70  ? 5.209   -0.442  -1.303  1.00 29.05  ? 68  LEU A CD1 1 
ATOM   490  C CD2 . LEU A 1 70  ? 3.348   -1.861  -0.387  1.00 24.04  ? 68  LEU A CD2 1 
ATOM   491  N N   . GLY A 1 71  ? 6.141   -5.293  1.211   1.00 31.93  ? 69  GLY A N   1 
ATOM   492  C CA  . GLY A 1 71  ? 6.988   -6.484  1.179   1.00 29.63  ? 69  GLY A CA  1 
ATOM   493  C C   . GLY A 1 71  ? 7.122   -7.039  -0.223  1.00 30.66  ? 69  GLY A C   1 
ATOM   494  O O   . GLY A 1 71  ? 6.126   -7.212  -0.924  1.00 32.77  ? 69  GLY A O   1 
ATOM   495  N N   . PHE A 1 72  ? 8.356   -7.309  -0.639  1.00 30.78  ? 70  PHE A N   1 
ATOM   496  C CA  . PHE A 1 72  ? 8.611   -7.850  -1.969  1.00 31.64  ? 70  PHE A CA  1 
ATOM   497  C C   . PHE A 1 72  ? 9.461   -9.111  -1.930  1.00 33.23  ? 70  PHE A C   1 
ATOM   498  O O   . PHE A 1 72  ? 10.354  -9.235  -1.099  1.00 30.94  ? 70  PHE A O   1 
ATOM   499  C CB  . PHE A 1 72  ? 9.288   -6.814  -2.870  1.00 31.51  ? 70  PHE A CB  1 
ATOM   500  C CG  . PHE A 1 72  ? 8.483   -5.561  -3.076  1.00 34.84  ? 70  PHE A CG  1 
ATOM   501  C CD1 . PHE A 1 72  ? 7.427   -5.530  -3.982  1.00 34.80  ? 70  PHE A CD1 1 
ATOM   502  C CD2 . PHE A 1 72  ? 8.791   -4.403  -2.372  1.00 31.21  ? 70  PHE A CD2 1 
ATOM   503  C CE1 . PHE A 1 72  ? 6.686   -4.360  -4.174  1.00 34.34  ? 70  PHE A CE1 1 
ATOM   504  C CE2 . PHE A 1 72  ? 8.057   -3.234  -2.554  1.00 30.33  ? 70  PHE A CE2 1 
ATOM   505  C CZ  . PHE A 1 72  ? 7.002   -3.211  -3.456  1.00 31.75  ? 70  PHE A CZ  1 
ATOM   506  N N   . GLN A 1 73  ? 9.158   -10.045 -2.826  1.00 38.25  ? 71  GLN A N   1 
ATOM   507  C CA  . GLN A 1 73  ? 10.047  -11.169 -3.095  1.00 41.03  ? 71  GLN A CA  1 
ATOM   508  C C   . GLN A 1 73  ? 10.824  -10.920 -4.377  1.00 41.48  ? 71  GLN A C   1 
ATOM   509  O O   . GLN A 1 73  ? 10.243  -10.632 -5.424  1.00 41.15  ? 71  GLN A O   1 
ATOM   510  C CB  . GLN A 1 73  ? 9.286   -12.485 -3.164  1.00 42.37  ? 71  GLN A CB  1 
ATOM   511  C CG  . GLN A 1 73  ? 9.192   -13.177 -1.824  1.00 53.61  ? 71  GLN A CG  1 
ATOM   512  C CD  . GLN A 1 73  ? 8.626   -14.576 -1.931  1.00 60.30  ? 71  GLN A CD  1 
ATOM   513  O OE1 . GLN A 1 73  ? 8.867   -15.288 -2.909  1.00 63.90  ? 71  GLN A OE1 1 
ATOM   514  N NE2 . GLN A 1 73  ? 7.874   -14.984 -0.915  1.00 58.25  ? 71  GLN A NE2 1 
ATOM   515  N N   . ILE A 1 74  ? 12.145  -11.014 -4.270  1.00 43.14  ? 72  ILE A N   1 
ATOM   516  C CA  . ILE A 1 74  ? 13.052  -10.680 -5.362  1.00 44.80  ? 72  ILE A CA  1 
ATOM   517  C C   . ILE A 1 74  ? 14.169  -11.713 -5.517  1.00 49.10  ? 72  ILE A C   1 
ATOM   518  O O   . ILE A 1 74  ? 14.376  -12.565 -4.641  1.00 49.18  ? 72  ILE A O   1 
ATOM   519  C CB  . ILE A 1 74  ? 13.700  -9.283  -5.160  1.00 42.62  ? 72  ILE A CB  1 
ATOM   520  C CG1 . ILE A 1 74  ? 14.255  -9.150  -3.739  1.00 37.99  ? 72  ILE A CG1 1 
ATOM   521  C CG2 . ILE A 1 74  ? 12.708  -8.170  -5.489  1.00 40.99  ? 72  ILE A CG2 1 
ATOM   522  C CD1 . ILE A 1 74  ? 15.302  -8.078  -3.584  1.00 40.59  ? 72  ILE A CD1 1 
ATOM   523  N N   . THR A 1 75  ? 14.873  -11.633 -6.645  1.00 51.21  ? 73  THR A N   1 
ATOM   524  C CA  . THR A 1 75  ? 16.104  -12.387 -6.855  1.00 54.64  ? 73  THR A CA  1 
ATOM   525  C C   . THR A 1 75  ? 17.284  -11.439 -6.677  1.00 55.65  ? 73  THR A C   1 
ATOM   526  O O   . THR A 1 75  ? 17.146  -10.233 -6.907  1.00 57.00  ? 73  THR A O   1 
ATOM   527  C CB  . THR A 1 75  ? 16.161  -13.030 -8.256  1.00 55.03  ? 73  THR A CB  1 
ATOM   528  O OG1 . THR A 1 75  ? 16.003  -12.020 -9.262  1.00 60.43  ? 73  THR A OG1 1 
ATOM   529  C CG2 . THR A 1 75  ? 15.065  -14.077 -8.415  1.00 53.63  ? 73  THR A CG2 1 
ATOM   530  N N   . ASP A 1 76  ? 18.427  -11.994 -6.270  1.00 55.77  ? 74  ASP A N   1 
ATOM   531  C CA  . ASP A 1 76  ? 19.650  -11.242 -5.958  1.00 56.11  ? 74  ASP A CA  1 
ATOM   532  C C   . ASP A 1 76  ? 19.416  -10.190 -4.880  1.00 52.04  ? 74  ASP A C   1 
ATOM   533  O O   . ASP A 1 76  ? 19.563  -8.998  -5.132  1.00 51.22  ? 74  ASP A O   1 
ATOM   534  C CB  . ASP A 1 76  ? 20.271  -10.601 -7.216  1.00 59.23  ? 74  ASP A CB  1 
ATOM   535  C CG  . ASP A 1 76  ? 20.719  -11.627 -8.252  1.00 68.37  ? 74  ASP A CG  1 
ATOM   536  O OD1 . ASP A 1 76  ? 21.181  -11.199 -9.332  1.00 73.82  ? 74  ASP A OD1 1 
ATOM   537  O OD2 . ASP A 1 76  ? 20.615  -12.850 -7.995  1.00 74.25  ? 74  ASP A OD2 1 
ATOM   538  N N   . LEU A 1 77  ? 19.047  -10.650 -3.686  1.00 49.12  ? 75  LEU A N   1 
ATOM   539  C CA  . LEU A 1 77  ? 18.761  -9.772  -2.552  1.00 48.16  ? 75  LEU A CA  1 
ATOM   540  C C   . LEU A 1 77  ? 19.926  -8.846  -2.211  1.00 50.51  ? 75  LEU A C   1 
ATOM   541  O O   . LEU A 1 77  ? 19.742  -7.633  -2.089  1.00 52.13  ? 75  LEU A O   1 
ATOM   542  C CB  . LEU A 1 77  ? 18.396  -10.594 -1.315  1.00 46.77  ? 75  LEU A CB  1 
ATOM   543  C CG  . LEU A 1 77  ? 17.833  -9.788  -0.148  1.00 43.86  ? 75  LEU A CG  1 
ATOM   544  C CD1 . LEU A 1 77  ? 16.333  -9.925  -0.139  1.00 50.64  ? 75  LEU A CD1 1 
ATOM   545  C CD2 . LEU A 1 77  ? 18.407  -10.276 1.161   1.00 46.65  ? 75  LEU A CD2 1 
ATOM   546  N N   . GLU A 1 78  ? 21.117  -9.428  -2.072  1.00 51.83  ? 76  GLU A N   1 
ATOM   547  C CA  . GLU A 1 78  ? 22.312  -8.678  -1.685  1.00 53.38  ? 76  GLU A CA  1 
ATOM   548  C C   . GLU A 1 78  ? 22.727  -7.655  -2.736  1.00 53.03  ? 76  GLU A C   1 
ATOM   549  O O   . GLU A 1 78  ? 23.100  -6.531  -2.393  1.00 52.10  ? 76  GLU A O   1 
ATOM   550  C CB  . GLU A 1 78  ? 23.461  -9.629  -1.351  1.00 53.51  ? 76  GLU A CB  1 
ATOM   551  C CG  . GLU A 1 78  ? 23.295  -10.295 0.008   1.00 63.00  ? 76  GLU A CG  1 
ATOM   552  C CD  . GLU A 1 78  ? 23.987  -11.640 0.117   1.00 77.50  ? 76  GLU A CD  1 
ATOM   553  O OE1 . GLU A 1 78  ? 24.463  -12.171 -0.914  1.00 86.60  ? 76  GLU A OE1 1 
ATOM   554  O OE2 . GLU A 1 78  ? 24.045  -12.175 1.246   1.00 77.38  ? 76  GLU A OE2 1 
ATOM   555  N N   . LYS A 1 79  ? 22.624  -8.039  -4.007  1.00 53.71  ? 77  LYS A N   1 
ATOM   556  C CA  . LYS A 1 79  ? 22.949  -7.145  -5.116  1.00 56.51  ? 77  LYS A CA  1 
ATOM   557  C C   . LYS A 1 79  ? 21.936  -6.012  -5.257  1.00 55.14  ? 77  LYS A C   1 
ATOM   558  O O   . LYS A 1 79  ? 22.311  -4.885  -5.586  1.00 57.98  ? 77  LYS A O   1 
ATOM   559  C CB  . LYS A 1 79  ? 23.073  -7.918  -6.434  1.00 59.15  ? 77  LYS A CB  1 
ATOM   560  C CG  . LYS A 1 79  ? 24.126  -9.042  -6.424  1.00 72.08  ? 77  LYS A CG  1 
ATOM   561  C CD  . LYS A 1 79  ? 25.567  -8.525  -6.247  1.00 78.07  ? 77  LYS A CD  1 
ATOM   562  C CE  . LYS A 1 79  ? 26.165  -7.992  -7.549  1.00 79.19  ? 77  LYS A CE  1 
ATOM   563  N NZ  . LYS A 1 79  ? 26.448  -9.075  -8.534  1.00 77.72  ? 77  LYS A NZ  1 
ATOM   564  N N   . THR A 1 80  ? 20.664  -6.317  -5.001  1.00 51.70  ? 78  THR A N   1 
ATOM   565  C CA  . THR A 1 80  ? 19.587  -5.322  -5.038  1.00 48.07  ? 78  THR A CA  1 
ATOM   566  C C   . THR A 1 80  ? 19.757  -4.276  -3.934  1.00 46.38  ? 78  THR A C   1 
ATOM   567  O O   . THR A 1 80  ? 19.676  -3.075  -4.202  1.00 47.00  ? 78  THR A O   1 
ATOM   568  C CB  . THR A 1 80  ? 18.199  -5.989  -4.941  1.00 47.32  ? 78  THR A CB  1 
ATOM   569  O OG1 . THR A 1 80  ? 18.058  -6.937  -6.005  1.00 49.03  ? 78  THR A OG1 1 
ATOM   570  C CG2 . THR A 1 80  ? 17.074  -4.963  -5.042  1.00 48.81  ? 78  THR A CG2 1 
ATOM   571  N N   . VAL A 1 81  ? 20.020  -4.743  -2.713  1.00 43.81  ? 79  VAL A N   1 
ATOM   572  C CA  . VAL A 1 81  ? 20.243  -3.867  -1.558  1.00 43.22  ? 79  VAL A CA  1 
ATOM   573  C C   . VAL A 1 81  ? 21.432  -2.916  -1.789  1.00 46.08  ? 79  VAL A C   1 
ATOM   574  O O   . VAL A 1 81  ? 21.350  -1.731  -1.467  1.00 47.16  ? 79  VAL A O   1 
ATOM   575  C CB  . VAL A 1 81  ? 20.382  -4.686  -0.237  1.00 40.98  ? 79  VAL A CB  1 
ATOM   576  C CG1 . VAL A 1 81  ? 20.889  -3.824  0.919   1.00 38.64  ? 79  VAL A CG1 1 
ATOM   577  C CG2 . VAL A 1 81  ? 19.052  -5.305  0.139   1.00 36.13  ? 79  VAL A CG2 1 
ATOM   578  N N   . GLN A 1 82  ? 22.505  -3.436  -2.386  1.00 50.00  ? 80  GLN A N   1 
ATOM   579  C CA  . GLN A 1 82  ? 23.683  -2.637  -2.755  1.00 53.17  ? 80  GLN A CA  1 
ATOM   580  C C   . GLN A 1 82  ? 23.326  -1.472  -3.667  1.00 50.88  ? 80  GLN A C   1 
ATOM   581  O O   . GLN A 1 82  ? 23.832  -0.365  -3.491  1.00 50.78  ? 80  GLN A O   1 
ATOM   582  C CB  . GLN A 1 82  ? 24.731  -3.509  -3.453  1.00 53.94  ? 80  GLN A CB  1 
ATOM   583  C CG  . GLN A 1 82  ? 25.592  -4.355  -2.528  1.00 60.07  ? 80  GLN A CG  1 
ATOM   584  C CD  . GLN A 1 82  ? 26.469  -5.343  -3.287  1.00 60.50  ? 80  GLN A CD  1 
ATOM   585  O OE1 . GLN A 1 82  ? 26.865  -5.097  -4.431  1.00 69.50  ? 80  GLN A OE1 1 
ATOM   586  N NE2 . GLN A 1 82  ? 26.777  -6.466  -2.648  1.00 60.95  ? 80  GLN A NE2 1 
ATOM   587  N N   . GLU A 1 83  ? 22.445  -1.732  -4.630  1.00 49.80  ? 81  GLU A N   1 
ATOM   588  C CA  . GLU A 1 83  ? 21.981  -0.709  -5.562  1.00 50.92  ? 81  GLU A CA  1 
ATOM   589  C C   . GLU A 1 83  ? 20.990  0.276   -4.934  1.00 47.09  ? 81  GLU A C   1 
ATOM   590  O O   . GLU A 1 83  ? 20.974  1.452   -5.304  1.00 47.42  ? 81  GLU A O   1 
ATOM   591  C CB  . GLU A 1 83  ? 21.367  -1.355  -6.803  1.00 48.82  ? 81  GLU A CB  1 
ATOM   592  C CG  . GLU A 1 83  ? 22.354  -2.156  -7.638  1.00 59.43  ? 81  GLU A CG  1 
ATOM   593  C CD  . GLU A 1 83  ? 21.673  -3.030  -8.683  1.00 67.44  ? 81  GLU A CD  1 
ATOM   594  O OE1 . GLU A 1 83  ? 20.838  -3.888  -8.310  1.00 77.94  ? 81  GLU A OE1 1 
ATOM   595  O OE2 . GLU A 1 83  ? 21.984  -2.863  -9.883  1.00 86.27  ? 81  GLU A OE2 1 
ATOM   596  N N   . LEU A 1 84  ? 20.177  -0.200  -3.987  1.00 42.95  ? 82  LEU A N   1 
ATOM   597  C CA  . LEU A 1 84  ? 19.141  0.629   -3.368  1.00 39.48  ? 82  LEU A CA  1 
ATOM   598  C C   . LEU A 1 84  ? 19.717  1.713   -2.470  1.00 41.28  ? 82  LEU A C   1 
ATOM   599  O O   . LEU A 1 84  ? 19.185  2.817   -2.426  1.00 42.92  ? 82  LEU A O   1 
ATOM   600  C CB  . LEU A 1 84  ? 18.117  -0.218  -2.599  1.00 36.51  ? 82  LEU A CB  1 
ATOM   601  C CG  . LEU A 1 84  ? 17.098  -1.061  -3.387  1.00 33.70  ? 82  LEU A CG  1 
ATOM   602  C CD1 . LEU A 1 84  ? 16.386  -2.051  -2.483  1.00 30.82  ? 82  LEU A CD1 1 
ATOM   603  C CD2 . LEU A 1 84  ? 16.077  -0.208  -4.106  1.00 25.72  ? 82  LEU A CD2 1 
ATOM   604  N N   . VAL A 1 85  ? 20.823  1.414   -1.787  1.00 42.73  ? 83  VAL A N   1 
ATOM   605  C CA  . VAL A 1 85  ? 21.471  2.395   -0.892  1.00 43.77  ? 83  VAL A CA  1 
ATOM   606  C C   . VAL A 1 85  ? 22.263  3.453   -1.687  1.00 42.30  ? 83  VAL A C   1 
ATOM   607  O O   . VAL A 1 85  ? 22.794  4.414   -1.124  1.00 44.33  ? 83  VAL A O   1 
ATOM   608  C CB  . VAL A 1 85  ? 22.332  1.707   0.228   1.00 44.86  ? 83  VAL A CB  1 
ATOM   609  C CG1 . VAL A 1 85  ? 22.659  2.685   1.354   1.00 45.92  ? 83  VAL A CG1 1 
ATOM   610  C CG2 . VAL A 1 85  ? 21.585  0.536   0.832   1.00 41.53  ? 83  VAL A CG2 1 
ATOM   611  N N   . LYS A 1 86  ? 22.304  3.281   -3.006  1.00 42.58  ? 84  LYS A N   1 
ATOM   612  C CA  . LYS A 1 86  ? 22.867  4.281   -3.910  1.00 42.72  ? 84  LYS A CA  1 
ATOM   613  C C   . LYS A 1 86  ? 21.826  5.323   -4.345  1.00 41.80  ? 84  LYS A C   1 
ATOM   614  O O   . LYS A 1 86  ? 22.146  6.266   -5.071  1.00 43.91  ? 84  LYS A O   1 
ATOM   615  C CB  . LYS A 1 86  ? 23.524  3.611   -5.122  1.00 42.32  ? 84  LYS A CB  1 
ATOM   616  C CG  . LYS A 1 86  ? 24.913  3.034   -4.839  1.00 46.78  ? 84  LYS A CG  1 
ATOM   617  C CD  . LYS A 1 86  ? 25.573  2.498   -6.105  1.00 47.00  ? 84  LYS A CD  1 
ATOM   618  C CE  . LYS A 1 86  ? 25.221  1.039   -6.346  1.00 56.04  ? 84  LYS A CE  1 
ATOM   619  N NZ  . LYS A 1 86  ? 25.302  0.666   -7.788  1.00 59.39  ? 84  LYS A NZ  1 
ATOM   620  N N   . ILE A 1 87  ? 20.586  5.150   -3.896  1.00 38.55  ? 85  ILE A N   1 
ATOM   621  C CA  . ILE A 1 87  ? 19.513  6.110   -4.155  1.00 34.45  ? 85  ILE A CA  1 
ATOM   622  C C   . ILE A 1 87  ? 19.442  7.113   -2.994  1.00 34.28  ? 85  ILE A C   1 
ATOM   623  O O   . ILE A 1 87  ? 19.366  6.697   -1.837  1.00 36.55  ? 85  ILE A O   1 
ATOM   624  C CB  . ILE A 1 87  ? 18.140  5.388   -4.322  1.00 33.16  ? 85  ILE A CB  1 
ATOM   625  C CG1 . ILE A 1 87  ? 18.172  4.385   -5.489  1.00 28.13  ? 85  ILE A CG1 1 
ATOM   626  C CG2 . ILE A 1 87  ? 16.985  6.387   -4.433  1.00 30.44  ? 85  ILE A CG2 1 
ATOM   627  C CD1 . ILE A 1 87  ? 18.256  4.995   -6.884  1.00 32.77  ? 85  ILE A CD1 1 
ATOM   628  N N   . PRO A 1 88  ? 19.484  8.430   -3.296  1.00 32.38  ? 86  PRO A N   1 
ATOM   629  C CA  . PRO A 1 88  ? 19.382  9.483   -2.280  1.00 31.15  ? 86  PRO A CA  1 
ATOM   630  C C   . PRO A 1 88  ? 18.164  9.333   -1.370  1.00 32.58  ? 86  PRO A C   1 
ATOM   631  O O   . PRO A 1 88  ? 17.039  9.202   -1.859  1.00 37.27  ? 86  PRO A O   1 
ATOM   632  C CB  . PRO A 1 88  ? 19.257  10.761  -3.117  1.00 30.18  ? 86  PRO A CB  1 
ATOM   633  C CG  . PRO A 1 88  ? 19.953  10.445  -4.382  1.00 26.39  ? 86  PRO A CG  1 
ATOM   634  C CD  . PRO A 1 88  ? 19.659  9.001   -4.648  1.00 32.62  ? 86  PRO A CD  1 
ATOM   635  N N   . GLY A 1 89  ? 18.401  9.333   -0.060  1.00 31.27  ? 87  GLY A N   1 
ATOM   636  C CA  . GLY A 1 89  ? 17.331  9.217   0.924   1.00 29.17  ? 87  GLY A CA  1 
ATOM   637  C C   . GLY A 1 89  ? 17.084  7.798   1.417   1.00 33.67  ? 87  GLY A C   1 
ATOM   638  O O   . GLY A 1 89  ? 16.472  7.596   2.476   1.00 35.08  ? 87  GLY A O   1 
ATOM   639  N N   . ALA A 1 90  ? 17.554  6.814   0.652   1.00 32.12  ? 88  ALA A N   1 
ATOM   640  C CA  . ALA A 1 90  ? 17.379  5.412   1.005   1.00 33.64  ? 88  ALA A CA  1 
ATOM   641  C C   . ALA A 1 90  ? 18.486  4.921   1.928   1.00 36.76  ? 88  ALA A C   1 
ATOM   642  O O   . ALA A 1 90  ? 19.665  5.216   1.709   1.00 38.87  ? 88  ALA A O   1 
ATOM   643  C CB  . ALA A 1 90  ? 17.316  4.556   -0.243  1.00 32.50  ? 88  ALA A CB  1 
ATOM   644  N N   . MET A 1 91  ? 18.098  4.181   2.963   1.00 37.55  ? 89  MET A N   1 
ATOM   645  C CA  . MET A 1 91  ? 19.063  3.536   3.853   1.00 41.00  ? 89  MET A CA  1 
ATOM   646  C C   . MET A 1 91  ? 18.618  2.156   4.353   1.00 38.90  ? 89  MET A C   1 
ATOM   647  O O   . MET A 1 91  ? 17.434  1.906   4.577   1.00 39.22  ? 89  MET A O   1 
ATOM   648  C CB  . MET A 1 91  ? 19.487  4.459   5.008   1.00 39.73  ? 89  MET A CB  1 
ATOM   649  C CG  . MET A 1 91  ? 18.405  4.895   5.970   1.00 40.90  ? 89  MET A CG  1 
ATOM   650  S SD  . MET A 1 91  ? 19.109  5.966   7.245   1.00 49.08  ? 89  MET A SD  1 
ATOM   651  C CE  . MET A 1 91  ? 19.207  7.542   6.401   1.00 38.40  ? 89  MET A CE  1 
ATOM   652  N N   . CYS A 1 92  ? 19.586  1.263   4.511   1.00 40.04  ? 90  CYS A N   1 
ATOM   653  C CA  . CYS A 1 92  ? 19.330  -0.094  4.966   1.00 39.40  ? 90  CYS A CA  1 
ATOM   654  C C   . CYS A 1 92  ? 19.185  -0.121  6.480   1.00 40.92  ? 90  CYS A C   1 
ATOM   655  O O   . CYS A 1 92  ? 20.096  0.297   7.193   1.00 44.19  ? 90  CYS A O   1 
ATOM   656  C CB  . CYS A 1 92  ? 20.478  -1.002  4.538   1.00 37.96  ? 90  CYS A CB  1 
ATOM   657  S SG  . CYS A 1 92  ? 20.251  -2.735  4.952   1.00 43.66  ? 90  CYS A SG  1 
ATOM   658  N N   . ILE A 1 93  ? 18.049  -0.609  6.972   1.00 39.69  ? 91  ILE A N   1 
ATOM   659  C CA  . ILE A 1 93  ? 17.862  -0.730  8.419   1.00 41.47  ? 91  ILE A CA  1 
ATOM   660  C C   . ILE A 1 93  ? 18.145  -2.142  8.968   1.00 40.26  ? 91  ILE A C   1 
ATOM   661  O O   . ILE A 1 93  ? 18.749  -2.283  10.030  1.00 40.60  ? 91  ILE A O   1 
ATOM   662  C CB  . ILE A 1 93  ? 16.517  -0.116  8.912   1.00 43.08  ? 91  ILE A CB  1 
ATOM   663  C CG1 . ILE A 1 93  ? 15.311  -0.826  8.305   1.00 48.04  ? 91  ILE A CG1 1 
ATOM   664  C CG2 . ILE A 1 93  ? 16.470  1.382   8.585   1.00 46.12  ? 91  ILE A CG2 1 
ATOM   665  C CD1 . ILE A 1 93  ? 14.026  -0.030  8.409   1.00 57.08  ? 91  ILE A CD1 1 
ATOM   666  N N   . LEU A 1 94  ? 17.731  -3.175  8.237   1.00 39.11  ? 92  LEU A N   1 
ATOM   667  C CA  . LEU A 1 94  ? 18.150  -4.544  8.525   1.00 37.66  ? 92  LEU A CA  1 
ATOM   668  C C   . LEU A 1 94  ? 18.926  -5.094  7.338   1.00 39.52  ? 92  LEU A C   1 
ATOM   669  O O   . LEU A 1 94  ? 18.384  -5.220  6.239   1.00 41.67  ? 92  LEU A O   1 
ATOM   670  C CB  . LEU A 1 94  ? 16.956  -5.455  8.844   1.00 38.16  ? 92  LEU A CB  1 
ATOM   671  C CG  . LEU A 1 94  ? 17.251  -6.947  9.107   1.00 38.73  ? 92  LEU A CG  1 
ATOM   672  C CD1 . LEU A 1 94  ? 17.705  -7.221  10.543  1.00 25.18  ? 92  LEU A CD1 1 
ATOM   673  C CD2 . LEU A 1 94  ? 16.053  -7.822  8.749   1.00 36.82  ? 92  LEU A CD2 1 
ATOM   674  N N   . ASP A 1 95  ? 20.196  -5.415  7.580   1.00 41.09  ? 93  ASP A N   1 
ATOM   675  C CA  . ASP A 1 95  ? 21.082  -6.032  6.595   1.00 41.19  ? 93  ASP A CA  1 
ATOM   676  C C   . ASP A 1 95  ? 20.573  -7.402  6.189   1.00 40.84  ? 93  ASP A C   1 
ATOM   677  O O   . ASP A 1 95  ? 19.893  -8.053  6.986   1.00 41.33  ? 93  ASP A O   1 
ATOM   678  C CB  . ASP A 1 95  ? 22.469  -6.205  7.203   1.00 44.88  ? 93  ASP A CB  1 
ATOM   679  C CG  . ASP A 1 95  ? 23.109  -4.896  7.566   1.00 51.70  ? 93  ASP A CG  1 
ATOM   680  O OD1 . ASP A 1 95  ? 23.357  -4.084  6.649   1.00 62.08  ? 93  ASP A OD1 1 
ATOM   681  O OD2 . ASP A 1 95  ? 23.370  -4.691  8.771   1.00 55.36  ? 93  ASP A OD2 1 
ATOM   682  N N   . PRO A 1 96  ? 20.887  -7.844  4.950   1.00 40.55  ? 94  PRO A N   1 
ATOM   683  C CA  . PRO A 1 96  ? 20.595  -9.216  4.520   1.00 41.70  ? 94  PRO A CA  1 
ATOM   684  C C   . PRO A 1 96  ? 20.980  -10.262 5.576   1.00 44.90  ? 94  PRO A C   1 
ATOM   685  O O   . PRO A 1 96  ? 22.141  -10.338 5.979   1.00 46.38  ? 94  PRO A O   1 
ATOM   686  C CB  . PRO A 1 96  ? 21.450  -9.371  3.264   1.00 41.19  ? 94  PRO A CB  1 
ATOM   687  C CG  . PRO A 1 96  ? 21.507  -8.006  2.697   1.00 36.37  ? 94  PRO A CG  1 
ATOM   688  C CD  . PRO A 1 96  ? 21.516  -7.063  3.867   1.00 37.27  ? 94  PRO A CD  1 
ATOM   689  N N   . THR A 1 97  ? 19.990  -11.023 6.042   1.00 48.40  ? 95  THR A N   1 
ATOM   690  C CA  . THR A 1 97  ? 20.167  -12.001 7.120   1.00 51.13  ? 95  THR A CA  1 
ATOM   691  C C   . THR A 1 97  ? 19.444  -13.301 6.768   1.00 54.69  ? 95  THR A C   1 
ATOM   692  O O   . THR A 1 97  ? 18.353  -13.266 6.198   1.00 55.33  ? 95  THR A O   1 
ATOM   693  C CB  . THR A 1 97  ? 19.608  -11.461 8.462   1.00 50.08  ? 95  THR A CB  1 
ATOM   694  O OG1 . THR A 1 97  ? 20.083  -10.129 8.688   1.00 50.55  ? 95  THR A OG1 1 
ATOM   695  C CG2 . THR A 1 97  ? 20.034  -12.331 9.632   1.00 55.30  ? 95  THR A CG2 1 
ATOM   696  N N   . ASP A 1 98  ? 20.058  -14.439 7.094   1.00 59.34  ? 96  ASP A N   1 
ATOM   697  C CA  . ASP A 1 98  ? 19.418  -15.743 6.921   1.00 64.05  ? 96  ASP A CA  1 
ATOM   698  C C   . ASP A 1 98  ? 18.350  -15.969 7.984   1.00 67.26  ? 96  ASP A C   1 
ATOM   699  O O   . ASP A 1 98  ? 18.622  -15.878 9.184   1.00 67.26  ? 96  ASP A O   1 
ATOM   700  C CB  . ASP A 1 98  ? 20.453  -16.866 6.944   1.00 63.91  ? 96  ASP A CB  1 
ATOM   701  C CG  . ASP A 1 98  ? 21.195  -16.996 5.633   1.00 69.37  ? 96  ASP A CG  1 
ATOM   702  O OD1 . ASP A 1 98  ? 20.535  -17.168 4.584   1.00 77.00  ? 96  ASP A OD1 1 
ATOM   703  O OD2 . ASP A 1 98  ? 22.442  -16.933 5.649   1.00 78.30  ? 96  ASP A OD2 1 
ATOM   704  N N   . MET A 1 99  ? 17.131  -16.245 7.526   1.00 73.32  ? 97  MET A N   1 
ATOM   705  C CA  . MET A 1 99  ? 15.953  -16.357 8.392   1.00 80.05  ? 97  MET A CA  1 
ATOM   706  C C   . MET A 1 99  ? 15.047  -17.517 7.924   1.00 84.04  ? 97  MET A C   1 
ATOM   707  O O   . MET A 1 99  ? 15.196  -17.986 6.791   1.00 85.69  ? 97  MET A O   1 
ATOM   708  C CB  . MET A 1 99  ? 15.203  -15.018 8.413   1.00 77.80  ? 97  MET A CB  1 
ATOM   709  C CG  . MET A 1 99  ? 15.833  -13.981 9.337   1.00 79.81  ? 97  MET A CG  1 
ATOM   710  S SD  . MET A 1 99  ? 15.008  -12.382 9.399   1.00 83.83  ? 97  MET A SD  1 
ATOM   711  C CE  . MET A 1 99  ? 13.312  -12.888 9.671   1.00 95.45  ? 97  MET A CE  1 
ATOM   712  N N   . PRO A 1 100 ? 14.131  -18.011 8.799   1.00 86.59  ? 98  PRO A N   1 
ATOM   713  C CA  . PRO A 1 100 ? 13.268  -19.125 8.364   1.00 86.56  ? 98  PRO A CA  1 
ATOM   714  C C   . PRO A 1 100 ? 12.174  -18.734 7.364   1.00 86.14  ? 98  PRO A C   1 
ATOM   715  O O   . PRO A 1 100 ? 11.910  -17.549 7.154   1.00 84.55  ? 98  PRO A O   1 
ATOM   716  C CB  . PRO A 1 100 ? 12.630  -19.619 9.673   1.00 86.78  ? 98  PRO A CB  1 
ATOM   717  C CG  . PRO A 1 100 ? 13.358  -18.916 10.785  1.00 87.94  ? 98  PRO A CG  1 
ATOM   718  C CD  . PRO A 1 100 ? 13.855  -17.639 10.200  1.00 86.74  ? 98  PRO A CD  1 
ATOM   719  N N   . GLY A 1 102 ? 15.165  -18.599 3.822   1.00 68.59  ? 100 GLY A N   1 
ATOM   720  C CA  . GLY A 1 102 ? 14.529  -17.313 3.552   1.00 66.18  ? 100 GLY A CA  1 
ATOM   721  C C   . GLY A 1 102 ? 15.381  -16.125 3.963   1.00 63.30  ? 100 GLY A C   1 
ATOM   722  O O   . GLY A 1 102 ? 15.250  -15.615 5.080   1.00 62.12  ? 100 GLY A O   1 
ATOM   723  N N   . LYS A 1 103 ? 16.251  -15.692 3.050   1.00 58.72  ? 101 LYS A N   1 
ATOM   724  C CA  . LYS A 1 103 ? 17.103  -14.523 3.256   1.00 53.89  ? 101 LYS A CA  1 
ATOM   725  C C   . LYS A 1 103 ? 16.242  -13.265 3.253   1.00 51.83  ? 101 LYS A C   1 
ATOM   726  O O   . LYS A 1 103 ? 15.363  -13.120 2.403   1.00 53.00  ? 101 LYS A O   1 
ATOM   727  C CB  . LYS A 1 103 ? 18.155  -14.446 2.152   1.00 53.71  ? 101 LYS A CB  1 
ATOM   728  C CG  . LYS A 1 103 ? 19.434  -13.723 2.553   1.00 55.64  ? 101 LYS A CG  1 
ATOM   729  C CD  . LYS A 1 103 ? 20.460  -13.688 1.422   1.00 56.46  ? 101 LYS A CD  1 
ATOM   730  C CE  . LYS A 1 103 ? 20.974  -15.080 1.082   1.00 62.62  ? 101 LYS A CE  1 
ATOM   731  N NZ  . LYS A 1 103 ? 22.439  -15.089 0.838   1.00 68.64  ? 101 LYS A NZ  1 
ATOM   732  N N   . LYS A 1 104 ? 16.490  -12.366 4.207   1.00 49.37  ? 102 LYS A N   1 
ATOM   733  C CA  . LYS A 1 104 ? 15.640  -11.185 4.408   1.00 46.60  ? 102 LYS A CA  1 
ATOM   734  C C   . LYS A 1 104 ? 16.434  -9.898  4.672   1.00 41.05  ? 102 LYS A C   1 
ATOM   735  O O   . LYS A 1 104 ? 17.457  -9.925  5.354   1.00 40.36  ? 102 LYS A O   1 
ATOM   736  C CB  . LYS A 1 104 ? 14.637  -11.439 5.545   1.00 46.22  ? 102 LYS A CB  1 
ATOM   737  C CG  . LYS A 1 104 ? 13.415  -10.517 5.526   1.00 54.72  ? 102 LYS A CG  1 
ATOM   738  C CD  . LYS A 1 104 ? 12.474  -10.748 6.706   1.00 52.91  ? 102 LYS A CD  1 
ATOM   739  C CE  . LYS A 1 104 ? 11.524  -11.915 6.458   1.00 65.52  ? 102 LYS A CE  1 
ATOM   740  N NZ  . LYS A 1 104 ? 10.554  -12.096 7.575   1.00 73.74  ? 102 LYS A NZ  1 
ATOM   741  N N   . ALA A 1 105 ? 15.954  -8.782  4.121   1.00 36.64  ? 103 ALA A N   1 
ATOM   742  C CA  . ALA A 1 105 ? 16.516  -7.451  4.376   1.00 34.81  ? 103 ALA A CA  1 
ATOM   743  C C   . ALA A 1 105 ? 15.401  -6.414  4.483   1.00 34.97  ? 103 ALA A C   1 
ATOM   744  O O   . ALA A 1 105 ? 14.371  -6.534  3.814   1.00 37.83  ? 103 ALA A O   1 
ATOM   745  C CB  . ALA A 1 105 ? 17.479  -7.060  3.268   1.00 31.37  ? 103 ALA A CB  1 
ATOM   746  N N   . ILE A 1 106 ? 15.592  -5.401  5.324   1.00 31.67  ? 104 ILE A N   1 
ATOM   747  C CA  . ILE A 1 106 ? 14.647  -4.284  5.383   1.00 30.72  ? 104 ILE A CA  1 
ATOM   748  C C   . ILE A 1 106 ? 15.367  -3.006  5.016   1.00 31.42  ? 104 ILE A C   1 
ATOM   749  O O   . ILE A 1 106 ? 16.396  -2.678  5.607   1.00 34.60  ? 104 ILE A O   1 
ATOM   750  C CB  . ILE A 1 106 ? 13.958  -4.108  6.767   1.00 32.08  ? 104 ILE A CB  1 
ATOM   751  C CG1 . ILE A 1 106 ? 13.442  -5.447  7.304   1.00 29.65  ? 104 ILE A CG1 1 
ATOM   752  C CG2 . ILE A 1 106 ? 12.798  -3.113  6.654   1.00 25.80  ? 104 ILE A CG2 1 
ATOM   753  C CD1 . ILE A 1 106 ? 13.048  -5.414  8.757   1.00 31.06  ? 104 ILE A CD1 1 
ATOM   754  N N   . VAL A 1 107 ? 14.820  -2.296  4.036   1.00 30.88  ? 105 VAL A N   1 
ATOM   755  C CA  . VAL A 1 107 ? 15.412  -1.061  3.537   1.00 31.42  ? 105 VAL A CA  1 
ATOM   756  C C   . VAL A 1 107 ? 14.348  0.043   3.500   1.00 31.19  ? 105 VAL A C   1 
ATOM   757  O O   . VAL A 1 107 ? 13.161  -0.230  3.321   1.00 34.76  ? 105 VAL A O   1 
ATOM   758  C CB  . VAL A 1 107 ? 16.116  -1.293  2.163   1.00 30.63  ? 105 VAL A CB  1 
ATOM   759  C CG1 . VAL A 1 107 ? 15.118  -1.709  1.102   1.00 41.02  ? 105 VAL A CG1 1 
ATOM   760  C CG2 . VAL A 1 107 ? 16.911  -0.064  1.714   1.00 35.75  ? 105 VAL A CG2 1 
ATOM   761  N N   . LEU A 1 108 ? 14.778  1.282   3.710   1.00 29.98  ? 106 LEU A N   1 
ATOM   762  C CA  . LEU A 1 108 ? 13.891  2.433   3.769   1.00 29.85  ? 106 LEU A CA  1 
ATOM   763  C C   . LEU A 1 108 ? 13.882  3.140   2.414   1.00 28.97  ? 106 LEU A C   1 
ATOM   764  O O   . LEU A 1 108 ? 14.944  3.402   1.852   1.00 30.51  ? 106 LEU A O   1 
ATOM   765  C CB  . LEU A 1 108 ? 14.419  3.380   4.844   1.00 28.79  ? 106 LEU A CB  1 
ATOM   766  C CG  . LEU A 1 108 ? 13.502  4.111   5.820   1.00 35.32  ? 106 LEU A CG  1 
ATOM   767  C CD1 . LEU A 1 108 ? 12.746  3.151   6.727   1.00 39.55  ? 106 LEU A CD1 1 
ATOM   768  C CD2 . LEU A 1 108 ? 14.348  5.055   6.645   1.00 37.83  ? 106 LEU A CD2 1 
ATOM   769  N N   . ASP A 1 109 ? 12.705  3.446   1.877   1.00 25.53  ? 107 ASP A N   1 
ATOM   770  C CA  . ASP A 1 109 ? 12.649  4.206   0.621   1.00 26.10  ? 107 ASP A CA  1 
ATOM   771  C C   . ASP A 1 109 ? 12.777  5.716   0.908   1.00 26.29  ? 107 ASP A C   1 
ATOM   772  O O   . ASP A 1 109 ? 12.651  6.109   2.069   1.00 26.92  ? 107 ASP A O   1 
ATOM   773  C CB  . ASP A 1 109 ? 11.428  3.805   -0.249  1.00 23.78  ? 107 ASP A CB  1 
ATOM   774  C CG  . ASP A 1 109 ? 10.088  4.341   0.263   1.00 30.03  ? 107 ASP A CG  1 
ATOM   775  O OD1 . ASP A 1 109 ? 9.068   3.933   -0.320  1.00 27.69  ? 107 ASP A OD1 1 
ATOM   776  O OD2 . ASP A 1 109 ? 10.015  5.150   1.213   1.00 29.19  ? 107 ASP A OD2 1 
ATOM   777  N N   . PRO A 1 110 ? 13.074  6.558   -0.120  1.00 26.08  ? 108 PRO A N   1 
ATOM   778  C CA  . PRO A 1 110 ? 13.160  8.023   0.090   1.00 22.80  ? 108 PRO A CA  1 
ATOM   779  C C   . PRO A 1 110 ? 11.976  8.703   0.804   1.00 25.26  ? 108 PRO A C   1 
ATOM   780  O O   . PRO A 1 110 ? 12.156  9.768   1.391   1.00 30.14  ? 108 PRO A O   1 
ATOM   781  C CB  . PRO A 1 110 ? 13.308  8.570   -1.334  1.00 23.02  ? 108 PRO A CB  1 
ATOM   782  C CG  . PRO A 1 110 ? 14.004  7.476   -2.069  1.00 24.18  ? 108 PRO A CG  1 
ATOM   783  C CD  . PRO A 1 110 ? 13.425  6.200   -1.513  1.00 22.46  ? 108 PRO A CD  1 
ATOM   784  N N   . ASP A 1 111 ? 10.791  8.098   0.765   1.00 27.86  ? 109 ASP A N   1 
ATOM   785  C CA  . ASP A 1 111 ? 9.629   8.623   1.484   1.00 26.11  ? 109 ASP A CA  1 
ATOM   786  C C   . ASP A 1 111 ? 9.560   8.156   2.933   1.00 27.84  ? 109 ASP A C   1 
ATOM   787  O O   . ASP A 1 111 ? 8.730   8.646   3.701   1.00 31.48  ? 109 ASP A O   1 
ATOM   788  C CB  . ASP A 1 111 ? 8.337   8.224   0.781   1.00 28.56  ? 109 ASP A CB  1 
ATOM   789  C CG  . ASP A 1 111 ? 7.976   9.145   -0.373  1.00 36.68  ? 109 ASP A CG  1 
ATOM   790  O OD1 . ASP A 1 111 ? 8.736   10.090  -0.679  1.00 36.55  ? 109 ASP A OD1 1 
ATOM   791  O OD2 . ASP A 1 111 ? 6.912   8.914   -0.975  1.00 37.61  ? 109 ASP A OD2 1 
ATOM   792  N N   . GLY A 1 112 ? 10.415  7.207   3.305   1.00 25.50  ? 110 GLY A N   1 
ATOM   793  C CA  . GLY A 1 112 ? 10.448  6.690   4.670   1.00 22.62  ? 110 GLY A CA  1 
ATOM   794  C C   . GLY A 1 112 ? 9.589   5.461   4.922   1.00 26.39  ? 110 GLY A C   1 
ATOM   795  O O   . GLY A 1 112 ? 9.317   5.134   6.076   1.00 29.74  ? 110 GLY A O   1 
ATOM   796  N N   . HIS A 1 113 ? 9.147   4.787   3.858   1.00 24.70  ? 111 HIS A N   1 
ATOM   797  C CA  . HIS A 1 113 ? 8.460   3.498   3.998   1.00 25.46  ? 111 HIS A CA  1 
ATOM   798  C C   . HIS A 1 113 ? 9.478   2.411   4.292   1.00 26.14  ? 111 HIS A C   1 
ATOM   799  O O   . HIS A 1 113 ? 10.532  2.365   3.663   1.00 28.51  ? 111 HIS A O   1 
ATOM   800  C CB  . HIS A 1 113 ? 7.709   3.102   2.722   1.00 26.24  ? 111 HIS A CB  1 
ATOM   801  C CG  . HIS A 1 113 ? 6.652   4.073   2.302   1.00 24.94  ? 111 HIS A CG  1 
ATOM   802  N ND1 . HIS A 1 113 ? 6.788   4.889   1.200   1.00 26.51  ? 111 HIS A ND1 1 
ATOM   803  C CD2 . HIS A 1 113 ? 5.430   4.339   2.817   1.00 23.05  ? 111 HIS A CD2 1 
ATOM   804  C CE1 . HIS A 1 113 ? 5.702   5.627   1.063   1.00 26.08  ? 111 HIS A CE1 1 
ATOM   805  N NE2 . HIS A 1 113 ? 4.863   5.315   2.034   1.00 27.04  ? 111 HIS A NE2 1 
ATOM   806  N N   . SER A 1 114 ? 9.158   1.541   5.245   1.00 27.91  ? 112 SER A N   1 
ATOM   807  C CA  . SER A 1 114 ? 9.951   0.345   5.490   1.00 27.58  ? 112 SER A CA  1 
ATOM   808  C C   . SER A 1 114 ? 9.590   -0.721  4.467   1.00 29.05  ? 112 SER A C   1 
ATOM   809  O O   . SER A 1 114 ? 8.469   -1.244  4.458   1.00 28.02  ? 112 SER A O   1 
ATOM   810  C CB  . SER A 1 114 ? 9.736   -0.185  6.907   1.00 27.90  ? 112 SER A CB  1 
ATOM   811  O OG  . SER A 1 114 ? 10.571  0.499   7.822   1.00 38.67  ? 112 SER A OG  1 
ATOM   812  N N   . ILE A 1 115 ? 10.551  -1.026  3.601   1.00 29.27  ? 113 ILE A N   1 
ATOM   813  C CA  . ILE A 1 115 ? 10.358  -2.009  2.550   1.00 30.08  ? 113 ILE A CA  1 
ATOM   814  C C   . ILE A 1 115 ? 11.066  -3.299  2.936   1.00 32.10  ? 113 ILE A C   1 
ATOM   815  O O   . ILE A 1 115 ? 12.288  -3.319  3.099   1.00 34.96  ? 113 ILE A O   1 
ATOM   816  C CB  . ILE A 1 115 ? 10.884  -1.499  1.182   1.00 29.93  ? 113 ILE A CB  1 
ATOM   817  C CG1 . ILE A 1 115 ? 10.306  -0.115  0.836   1.00 25.36  ? 113 ILE A CG1 1 
ATOM   818  C CG2 . ILE A 1 115 ? 10.628  -2.528  0.082   1.00 27.33  ? 113 ILE A CG2 1 
ATOM   819  C CD1 . ILE A 1 115 ? 8.784   -0.029  0.839   1.00 23.92  ? 113 ILE A CD1 1 
ATOM   820  N N   . GLU A 1 116 ? 10.289  -4.366  3.096   1.00 32.51  ? 114 GLU A N   1 
ATOM   821  C CA  . GLU A 1 116 ? 10.840  -5.672  3.428   1.00 34.53  ? 114 GLU A CA  1 
ATOM   822  C C   . GLU A 1 116 ? 11.113  -6.470  2.158   1.00 34.72  ? 114 GLU A C   1 
ATOM   823  O O   . GLU A 1 116 ? 10.268  -6.559  1.266   1.00 35.17  ? 114 GLU A O   1 
ATOM   824  C CB  . GLU A 1 116 ? 9.894   -6.439  4.342   1.00 34.08  ? 114 GLU A CB  1 
ATOM   825  C CG  . GLU A 1 116 ? 10.593  -7.481  5.183   1.00 46.12  ? 114 GLU A CG  1 
ATOM   826  C CD  . GLU A 1 116 ? 9.632   -8.474  5.799   1.00 60.71  ? 114 GLU A CD  1 
ATOM   827  O OE1 . GLU A 1 116 ? 8.894   -9.140  5.039   1.00 65.77  ? 114 GLU A OE1 1 
ATOM   828  O OE2 . GLU A 1 116 ? 9.627   -8.593  7.044   1.00 67.29  ? 114 GLU A OE2 1 
ATOM   829  N N   . LEU A 1 117 ? 12.308  -7.041  2.081   1.00 33.94  ? 115 LEU A N   1 
ATOM   830  C CA  . LEU A 1 117 ? 12.722  -7.787  0.903   1.00 35.25  ? 115 LEU A CA  1 
ATOM   831  C C   . LEU A 1 117 ? 13.075  -9.216  1.270   1.00 37.08  ? 115 LEU A C   1 
ATOM   832  O O   . LEU A 1 117 ? 13.739  -9.453  2.276   1.00 35.39  ? 115 LEU A O   1 
ATOM   833  C CB  . LEU A 1 117 ? 13.914  -7.104  0.236   1.00 34.62  ? 115 LEU A CB  1 
ATOM   834  C CG  . LEU A 1 117 ? 13.748  -5.663  -0.244  1.00 34.62  ? 115 LEU A CG  1 
ATOM   835  C CD1 . LEU A 1 117 ? 15.111  -5.082  -0.535  1.00 33.71  ? 115 LEU A CD1 1 
ATOM   836  C CD2 . LEU A 1 117 ? 12.848  -5.585  -1.468  1.00 32.36  ? 115 LEU A CD2 1 
ATOM   837  N N   . CYS A 1 118 ? 12.621  -10.156 0.446   1.00 42.29  ? 116 CYS A N   1 
ATOM   838  C CA  A CYS A 1 118 ? 12.851  -11.581 0.676   0.50 46.85  ? 116 CYS A CA  1 
ATOM   839  C CA  B CYS A 1 118 ? 12.859  -11.576 0.677   0.50 46.03  ? 116 CYS A CA  1 
ATOM   840  C C   . CYS A 1 118 ? 13.314  -12.281 -0.597  1.00 49.62  ? 116 CYS A C   1 
ATOM   841  O O   . CYS A 1 118 ? 12.888  -11.930 -1.693  1.00 49.96  ? 116 CYS A O   1 
ATOM   842  C CB  A CYS A 1 118 ? 11.576  -12.249 1.202   0.50 47.59  ? 116 CYS A CB  1 
ATOM   843  C CB  B CYS A 1 118 ? 11.594  -12.244 1.218   0.50 46.51  ? 116 CYS A CB  1 
ATOM   844  S SG  A CYS A 1 118 ? 11.015  -11.654 2.817   0.50 50.26  ? 116 CYS A SG  1 
ATOM   845  S SG  B CYS A 1 118 ? 11.822  -13.965 1.710   0.50 43.91  ? 116 CYS A SG  1 
ATOM   846  N N   . GLU A 1 119 ? 14.185  -13.276 -0.442  1.00 56.16  ? 117 GLU A N   1 
ATOM   847  C CA  . GLU A 1 119 ? 14.656  -14.078 -1.574  1.00 62.25  ? 117 GLU A CA  1 
ATOM   848  C C   . GLU A 1 119 ? 14.290  -15.547 -1.379  1.00 64.09  ? 117 GLU A C   1 
ATOM   849  O O   . GLU A 1 119 ? 14.384  -16.078 -0.270  1.00 65.83  ? 117 GLU A O   1 
ATOM   850  C CB  . GLU A 1 119 ? 16.167  -13.916 -1.756  1.00 62.67  ? 117 GLU A CB  1 
ATOM   851  C CG  . GLU A 1 119 ? 16.717  -14.546 -3.034  1.00 67.42  ? 117 GLU A CG  1 
ATOM   852  C CD  . GLU A 1 119 ? 18.177  -14.198 -3.306  1.00 66.60  ? 117 GLU A CD  1 
ATOM   853  O OE1 . GLU A 1 119 ? 18.568  -14.235 -4.492  1.00 74.44  ? 117 GLU A OE1 1 
ATOM   854  O OE2 . GLU A 1 119 ? 18.930  -13.893 -2.350  1.00 61.98  ? 117 GLU A OE2 1 
ATOM   855  N N   . SER B 1 4   ? 10.813  -12.582 -11.430 1.00 57.81  ? 2   SER B N   1 
ATOM   856  C CA  . SER B 1 4   ? 11.856  -12.171 -10.436 1.00 59.82  ? 2   SER B CA  1 
ATOM   857  C C   . SER B 1 4   ? 11.376  -11.085 -9.454  1.00 58.24  ? 2   SER B C   1 
ATOM   858  O O   . SER B 1 4   ? 12.152  -10.607 -8.620  1.00 57.96  ? 2   SER B O   1 
ATOM   859  C CB  . SER B 1 4   ? 13.144  -11.732 -11.147 1.00 60.19  ? 2   SER B CB  1 
ATOM   860  O OG  . SER B 1 4   ? 12.900  -10.662 -12.044 1.00 65.21  ? 2   SER B OG  1 
ATOM   861  N N   . LEU B 1 5   ? 10.100  -10.708 -9.560  1.00 54.96  ? 3   LEU B N   1 
ATOM   862  C CA  . LEU B 1 5   ? 9.476   -9.751  -8.643  1.00 49.20  ? 3   LEU B CA  1 
ATOM   863  C C   . LEU B 1 5   ? 8.073   -10.219 -8.280  1.00 47.00  ? 3   LEU B C   1 
ATOM   864  O O   . LEU B 1 5   ? 7.265   -10.536 -9.155  1.00 47.82  ? 3   LEU B O   1 
ATOM   865  C CB  . LEU B 1 5   ? 9.388   -8.365  -9.285  1.00 48.35  ? 3   LEU B CB  1 
ATOM   866  C CG  . LEU B 1 5   ? 9.376   -7.029  -8.514  1.00 47.32  ? 3   LEU B CG  1 
ATOM   867  C CD1 . LEU B 1 5   ? 8.594   -5.995  -9.312  1.00 48.45  ? 3   LEU B CD1 1 
ATOM   868  C CD2 . LEU B 1 5   ? 8.863   -7.057  -7.075  1.00 44.96  ? 3   LEU B CD2 1 
ATOM   869  N N   . LEU B 1 6   ? 7.798   -10.257 -6.980  1.00 45.60  ? 4   LEU B N   1 
ATOM   870  C CA  . LEU B 1 6   ? 6.452   -10.472 -6.472  1.00 43.03  ? 4   LEU B CA  1 
ATOM   871  C C   . LEU B 1 6   ? 6.139   -9.482  -5.362  1.00 40.17  ? 4   LEU B C   1 
ATOM   872  O O   . LEU B 1 6   ? 6.960   -9.270  -4.469  1.00 37.89  ? 4   LEU B O   1 
ATOM   873  C CB  . LEU B 1 6   ? 6.302   -11.889 -5.914  1.00 43.25  ? 4   LEU B CB  1 
ATOM   874  C CG  . LEU B 1 6   ? 6.132   -13.080 -6.859  1.00 44.05  ? 4   LEU B CG  1 
ATOM   875  C CD1 . LEU B 1 6   ? 6.258   -14.375 -6.067  1.00 36.03  ? 4   LEU B CD1 1 
ATOM   876  C CD2 . LEU B 1 6   ? 4.796   -13.022 -7.588  1.00 41.71  ? 4   LEU B CD2 1 
ATOM   877  N N   . ILE B 1 7   ? 4.959   -8.868  -5.437  1.00 38.49  ? 5   ILE B N   1 
ATOM   878  C CA  A ILE B 1 7   ? 4.445   -8.105  -4.309  0.50 38.34  ? 5   ILE B CA  1 
ATOM   879  C CA  B ILE B 1 7   ? 4.406   -8.099  -4.322  0.50 35.67  ? 5   ILE B CA  1 
ATOM   880  C C   . ILE B 1 7   ? 3.799   -9.112  -3.349  1.00 36.84  ? 5   ILE B C   1 
ATOM   881  O O   . ILE B 1 7   ? 2.875   -9.848  -3.711  1.00 39.13  ? 5   ILE B O   1 
ATOM   882  C CB  A ILE B 1 7   ? 3.526   -6.895  -4.732  0.50 38.62  ? 5   ILE B CB  1 
ATOM   883  C CB  B ILE B 1 7   ? 3.334   -7.088  -4.807  0.50 34.36  ? 5   ILE B CB  1 
ATOM   884  C CG1 A ILE B 1 7   ? 2.076   -7.306  -4.995  0.50 42.19  ? 5   ILE B CG1 1 
ATOM   885  C CG1 B ILE B 1 7   ? 3.911   -6.182  -5.904  0.50 32.93  ? 5   ILE B CG1 1 
ATOM   886  C CG2 A ILE B 1 7   ? 4.095   -6.185  -5.962  0.50 39.33  ? 5   ILE B CG2 1 
ATOM   887  C CG2 B ILE B 1 7   ? 2.788   -6.267  -3.630  0.50 27.09  ? 5   ILE B CG2 1 
ATOM   888  C CD1 A ILE B 1 7   ? 1.057   -6.233  -4.661  0.50 48.16  ? 5   ILE B CD1 1 
ATOM   889  C CD1 B ILE B 1 7   ? 2.883   -5.594  -6.863  0.50 26.61  ? 5   ILE B CD1 1 
ATOM   890  N N   . THR B 1 8   ? 4.331   -9.186  -2.134  1.00 35.76  ? 6   THR B N   1 
ATOM   891  C CA  . THR B 1 8   ? 3.891   -10.236 -1.204  1.00 36.54  ? 6   THR B CA  1 
ATOM   892  C C   . THR B 1 8   ? 3.115   -9.739  -0.004  1.00 37.35  ? 6   THR B C   1 
ATOM   893  O O   . THR B 1 8   ? 2.357   -10.503 0.599   1.00 39.34  ? 6   THR B O   1 
ATOM   894  C CB  . THR B 1 8   ? 5.053   -11.129 -0.717  1.00 36.68  ? 6   THR B CB  1 
ATOM   895  O OG1 . THR B 1 8   ? 6.067   -10.317 -0.113  1.00 42.66  ? 6   THR B OG1 1 
ATOM   896  C CG2 . THR B 1 8   ? 5.646   -11.923 -1.876  1.00 35.78  ? 6   THR B CG2 1 
ATOM   897  N N   . SER B 1 9   ? 3.307   -8.471  0.349   1.00 37.90  ? 7   SER B N   1 
ATOM   898  C CA  . SER B 1 9   ? 2.587   -7.887  1.474   1.00 36.05  ? 7   SER B CA  1 
ATOM   899  C C   . SER B 1 9   ? 2.370   -6.383  1.381   1.00 32.60  ? 7   SER B C   1 
ATOM   900  O O   . SER B 1 9   ? 3.252   -5.639  0.951   1.00 31.13  ? 7   SER B O   1 
ATOM   901  C CB  . SER B 1 9   ? 3.262   -8.242  2.805   1.00 35.59  ? 7   SER B CB  1 
ATOM   902  O OG  . SER B 1 9   ? 4.483   -7.549  2.964   1.00 42.48  ? 7   SER B OG  1 
ATOM   903  N N   . ILE B 1 10  ? 1.167   -5.973  1.779   1.00 32.47  ? 8   ILE B N   1 
ATOM   904  C CA  . ILE B 1 10  ? 0.809   -4.585  2.044   1.00 29.78  ? 8   ILE B CA  1 
ATOM   905  C C   . ILE B 1 10  ? 0.521   -4.536  3.536   1.00 29.92  ? 8   ILE B C   1 
ATOM   906  O O   . ILE B 1 10  ? -0.290  -5.316  4.039   1.00 32.13  ? 8   ILE B O   1 
ATOM   907  C CB  . ILE B 1 10  ? -0.512  -4.162  1.321   1.00 33.36  ? 8   ILE B CB  1 
ATOM   908  C CG1 . ILE B 1 10  ? -0.594  -4.673  -0.133  1.00 34.56  ? 8   ILE B CG1 1 
ATOM   909  C CG2 . ILE B 1 10  ? -0.772  -2.648  1.465   1.00 29.34  ? 8   ILE B CG2 1 
ATOM   910  C CD1 . ILE B 1 10  ? 0.401   -4.084  -1.099  1.00 47.08  ? 8   ILE B CD1 1 
ATOM   911  N N   . THR B 1 11  ? 1.169   -3.629  4.250   1.00 28.55  ? 9   THR B N   1 
ATOM   912  C CA  . THR B 1 11  ? 0.913   -3.476  5.680   1.00 28.95  ? 9   THR B CA  1 
ATOM   913  C C   . THR B 1 11  ? 0.549   -2.025  6.016   1.00 29.64  ? 9   THR B C   1 
ATOM   914  O O   . THR B 1 11  ? 1.210   -1.086  5.570   1.00 31.65  ? 9   THR B O   1 
ATOM   915  C CB  . THR B 1 11  ? 2.126   -3.965  6.510   1.00 30.90  ? 9   THR B CB  1 
ATOM   916  O OG1 . THR B 1 11  ? 2.403   -5.333  6.192   1.00 32.72  ? 9   THR B OG1 1 
ATOM   917  C CG2 . THR B 1 11  ? 1.858   -3.859  7.988   1.00 21.37  ? 9   THR B CG2 1 
ATOM   918  N N   . ILE B 1 12  ? -0.524  -1.848  6.779   1.00 30.19  ? 10  ILE B N   1 
ATOM   919  C CA  . ILE B 1 12  ? -0.954  -0.524  7.219   1.00 27.98  ? 10  ILE B CA  1 
ATOM   920  C C   . ILE B 1 12  ? -0.985  -0.458  8.744   1.00 27.42  ? 10  ILE B C   1 
ATOM   921  O O   . ILE B 1 12  ? -1.707  -1.217  9.398   1.00 26.42  ? 10  ILE B O   1 
ATOM   922  C CB  . ILE B 1 12  ? -2.344  -0.141  6.627   1.00 30.09  ? 10  ILE B CB  1 
ATOM   923  C CG1 . ILE B 1 12  ? -2.272  -0.047  5.093   1.00 28.37  ? 10  ILE B CG1 1 
ATOM   924  C CG2 . ILE B 1 12  ? -2.852  1.178   7.229   1.00 27.07  ? 10  ILE B CG2 1 
ATOM   925  C CD1 . ILE B 1 12  ? -3.616  0.165   4.414   1.00 27.92  ? 10  ILE B CD1 1 
ATOM   926  N N   . ASN B 1 13  ? -0.183  0.441   9.304   1.00 26.61  ? 11  ASN B N   1 
ATOM   927  C CA  . ASN B 1 13  ? -0.210  0.708   10.733  1.00 26.24  ? 11  ASN B CA  1 
ATOM   928  C C   . ASN B 1 13  ? -1.293  1.734   11.034  1.00 27.74  ? 11  ASN B C   1 
ATOM   929  O O   . ASN B 1 13  ? -1.224  2.869   10.568  1.00 29.14  ? 11  ASN B O   1 
ATOM   930  C CB  . ASN B 1 13  ? 1.153   1.205   11.192  1.00 25.52  ? 11  ASN B CB  1 
ATOM   931  C CG  . ASN B 1 13  ? 2.245   0.175   10.976  1.00 28.55  ? 11  ASN B CG  1 
ATOM   932  O OD1 . ASN B 1 13  ? 2.455   -0.702  11.807  1.00 37.64  ? 11  ASN B OD1 1 
ATOM   933  N ND2 . ASN B 1 13  ? 2.943   0.276   9.856   1.00 24.40  ? 11  ASN B ND2 1 
ATOM   934  N N   . THR B 1 14  ? -2.294  1.330   11.810  1.00 27.44  ? 12  THR B N   1 
ATOM   935  C CA  . THR B 1 14  ? -3.487  2.149   12.015  1.00 28.74  ? 12  THR B CA  1 
ATOM   936  C C   . THR B 1 14  ? -3.821  2.397   13.489  1.00 30.94  ? 12  THR B C   1 
ATOM   937  O O   . THR B 1 14  ? -3.571  1.552   14.343  1.00 33.01  ? 12  THR B O   1 
ATOM   938  C CB  . THR B 1 14  ? -4.719  1.548   11.258  1.00 29.79  ? 12  THR B CB  1 
ATOM   939  O OG1 . THR B 1 14  ? -5.880  2.361   11.477  1.00 33.72  ? 12  THR B OG1 1 
ATOM   940  C CG2 . THR B 1 14  ? -5.011  0.101   11.673  1.00 20.19  ? 12  THR B CG2 1 
ATOM   941  N N   . SER B 1 15  ? -4.375  3.568   13.782  1.00 32.10  ? 13  SER B N   1 
ATOM   942  C CA  . SER B 1 15  ? -4.918  3.839   15.113  1.00 34.99  ? 13  SER B CA  1 
ATOM   943  C C   . SER B 1 15  ? -6.439  3.680   15.138  1.00 36.64  ? 13  SER B C   1 
ATOM   944  O O   . SER B 1 15  ? -7.090  3.997   16.134  1.00 37.70  ? 13  SER B O   1 
ATOM   945  C CB  . SER B 1 15  ? -4.497  5.227   15.614  1.00 33.78  ? 13  SER B CB  1 
ATOM   946  O OG  . SER B 1 15  ? -4.775  6.229   14.656  1.00 42.28  ? 13  SER B OG  1 
ATOM   947  N N   . HIS B 1 16  ? -6.992  3.184   14.033  1.00 35.71  ? 14  HIS B N   1 
ATOM   948  C CA  . HIS B 1 16  ? -8.410  2.866   13.945  1.00 35.14  ? 14  HIS B CA  1 
ATOM   949  C C   . HIS B 1 16  ? -8.582  1.407   13.516  1.00 35.07  ? 14  HIS B C   1 
ATOM   950  O O   . HIS B 1 16  ? -9.261  1.136   12.520  1.00 35.81  ? 14  HIS B O   1 
ATOM   951  C CB  . HIS B 1 16  ? -9.117  3.779   12.933  1.00 35.06  ? 14  HIS B CB  1 
ATOM   952  C CG  . HIS B 1 16  ? -8.914  5.243   13.173  1.00 36.61  ? 14  HIS B CG  1 
ATOM   953  N ND1 . HIS B 1 16  ? -8.062  6.010   12.408  1.00 36.15  ? 14  HIS B ND1 1 
ATOM   954  C CD2 . HIS B 1 16  ? -9.468  6.085   14.078  1.00 31.92  ? 14  HIS B CD2 1 
ATOM   955  C CE1 . HIS B 1 16  ? -8.090  7.259   12.839  1.00 32.17  ? 14  HIS B CE1 1 
ATOM   956  N NE2 . HIS B 1 16  ? -8.938  7.331   13.850  1.00 33.05  ? 14  HIS B NE2 1 
ATOM   957  N N   . LEU B 1 17  ? -7.981  0.480   14.269  1.00 32.87  ? 15  LEU B N   1 
ATOM   958  C CA  . LEU B 1 17  ? -7.982  -0.951  13.928  1.00 33.61  ? 15  LEU B CA  1 
ATOM   959  C C   . LEU B 1 17  ? -9.384  -1.505  13.662  1.00 36.25  ? 15  LEU B C   1 
ATOM   960  O O   . LEU B 1 17  ? -9.598  -2.157  12.643  1.00 38.34  ? 15  LEU B O   1 
ATOM   961  C CB  . LEU B 1 17  ? -7.316  -1.782  15.032  1.00 35.23  ? 15  LEU B CB  1 
ATOM   962  C CG  . LEU B 1 17  ? -6.517  -3.076  14.764  1.00 35.22  ? 15  LEU B CG  1 
ATOM   963  C CD1 . LEU B 1 17  ? -6.941  -4.147  15.751  1.00 32.13  ? 15  LEU B CD1 1 
ATOM   964  C CD2 . LEU B 1 17  ? -6.607  -3.622  13.342  1.00 31.22  ? 15  LEU B CD2 1 
ATOM   965  N N   . GLN B 1 18  ? -10.318 -1.221  14.573  1.00 36.82  ? 16  GLN B N   1 
ATOM   966  C CA  A GLN B 1 18  ? -11.671 -1.770  14.460  0.50 35.03  ? 16  GLN B CA  1 
ATOM   967  C CA  B GLN B 1 18  ? -11.709 -1.693  14.516  0.50 36.71  ? 16  GLN B CA  1 
ATOM   968  C C   . GLN B 1 18  ? -12.409 -1.268  13.219  1.00 36.62  ? 16  GLN B C   1 
ATOM   969  O O   . GLN B 1 18  ? -13.049 -2.072  12.529  1.00 38.49  ? 16  GLN B O   1 
ATOM   970  C CB  A GLN B 1 18  ? -12.502 -1.539  15.734  0.50 32.88  ? 16  GLN B CB  1 
ATOM   971  C CB  B GLN B 1 18  ? -12.514 -1.150  15.715  0.50 36.66  ? 16  GLN B CB  1 
ATOM   972  C CG  A GLN B 1 18  ? -11.989 -2.253  16.994  0.50 27.26  ? 16  GLN B CG  1 
ATOM   973  C CG  B GLN B 1 18  ? -11.701 -0.576  16.903  0.50 36.44  ? 16  GLN B CG  1 
ATOM   974  C CD  A GLN B 1 18  ? -11.774 -3.752  16.814  0.50 18.64  ? 16  GLN B CD  1 
ATOM   975  C CD  B GLN B 1 18  ? -11.188 0.861   16.692  0.50 36.09  ? 16  GLN B CD  1 
ATOM   976  O OE1 A GLN B 1 18  ? -10.705 -4.272  17.127  0.50 24.90  ? 16  GLN B OE1 1 
ATOM   977  O OE1 B GLN B 1 18  ? -10.232 1.280   17.345  0.50 32.59  ? 16  GLN B OE1 1 
ATOM   978  N NE2 A GLN B 1 18  ? -12.787 -4.449  16.314  0.50 19.59  ? 16  GLN B NE2 1 
ATOM   979  N NE2 B GLN B 1 18  ? -11.813 1.609   15.778  0.50 25.49  ? 16  GLN B NE2 1 
ATOM   980  N N   . GLY B 1 19  ? -12.296 0.028   12.917  1.00 33.88  ? 17  GLY B N   1 
ATOM   981  C CA  . GLY B 1 19  ? -12.928 0.634   11.743  1.00 31.16  ? 17  GLY B CA  1 
ATOM   982  C C   . GLY B 1 19  ? -12.321 0.156   10.436  1.00 33.14  ? 17  GLY B C   1 
ATOM   983  O O   . GLY B 1 19  ? -13.035 -0.066  9.464   1.00 34.04  ? 17  GLY B O   1 
ATOM   984  N N   . MET B 1 20  ? -11.000 -0.011  10.426  1.00 31.91  ? 18  MET B N   1 
ATOM   985  C CA  . MET B 1 20  ? -10.279 -0.501  9.255   1.00 29.60  ? 18  MET B CA  1 
ATOM   986  C C   . MET B 1 20  ? -10.565 -1.982  8.993   1.00 31.39  ? 18  MET B C   1 
ATOM   987  O O   . MET B 1 20  ? -10.658 -2.405  7.837   1.00 33.05  ? 18  MET B O   1 
ATOM   988  C CB  . MET B 1 20  ? -8.775  -0.248  9.405   1.00 29.22  ? 18  MET B CB  1 
ATOM   989  C CG  . MET B 1 20  ? -8.385  1.225   9.351   1.00 23.37  ? 18  MET B CG  1 
ATOM   990  S SD  . MET B 1 20  ? -8.445  1.943   7.705   1.00 18.39  ? 18  MET B SD  1 
ATOM   991  C CE  . MET B 1 20  ? -6.818  1.490   7.130   1.00 17.42  ? 18  MET B CE  1 
ATOM   992  N N   . LEU B 1 21  ? -10.712 -2.760  10.067  1.00 32.78  ? 19  LEU B N   1 
ATOM   993  C CA  . LEU B 1 21  ? -11.122 -4.164  9.968   1.00 32.97  ? 19  LEU B CA  1 
ATOM   994  C C   . LEU B 1 21  ? -12.521 -4.285  9.379   1.00 34.47  ? 19  LEU B C   1 
ATOM   995  O O   . LEU B 1 21  ? -12.748 -5.090  8.474   1.00 32.99  ? 19  LEU B O   1 
ATOM   996  C CB  . LEU B 1 21  ? -11.083 -4.848  11.336  1.00 33.88  ? 19  LEU B CB  1 
ATOM   997  C CG  . LEU B 1 21  ? -9.733  -5.372  11.825  1.00 39.50  ? 19  LEU B CG  1 
ATOM   998  C CD1 . LEU B 1 21  ? -9.827  -5.747  13.297  1.00 39.97  ? 19  LEU B CD1 1 
ATOM   999  C CD2 . LEU B 1 21  ? -9.271  -6.553  10.986  1.00 39.30  ? 19  LEU B CD2 1 
ATOM   1000 N N   . GLY B 1 22  ? -13.442 -3.472  9.902   1.00 33.94  ? 20  GLY B N   1 
ATOM   1001 C CA  . GLY B 1 22  ? -14.809 -3.384  9.394   1.00 32.12  ? 20  GLY B CA  1 
ATOM   1002 C C   . GLY B 1 22  ? -14.851 -2.993  7.929   1.00 33.75  ? 20  GLY B C   1 
ATOM   1003 O O   . GLY B 1 22  ? -15.557 -3.621  7.145   1.00 36.39  ? 20  GLY B O   1 
ATOM   1004 N N   . PHE B 1 23  ? -14.069 -1.972  7.573   1.00 32.64  ? 21  PHE B N   1 
ATOM   1005 C CA  . PHE B 1 23  ? -13.977 -1.448  6.210   1.00 30.83  ? 21  PHE B CA  1 
ATOM   1006 C C   . PHE B 1 23  ? -13.473 -2.503  5.234   1.00 30.98  ? 21  PHE B C   1 
ATOM   1007 O O   . PHE B 1 23  ? -14.105 -2.756  4.215   1.00 34.54  ? 21  PHE B O   1 
ATOM   1008 C CB  . PHE B 1 23  ? -13.041 -0.234  6.190   1.00 32.78  ? 21  PHE B CB  1 
ATOM   1009 C CG  . PHE B 1 23  ? -13.145 0.615   4.948   1.00 28.97  ? 21  PHE B CG  1 
ATOM   1010 C CD1 . PHE B 1 23  ? -14.019 1.692   4.907   1.00 32.83  ? 21  PHE B CD1 1 
ATOM   1011 C CD2 . PHE B 1 23  ? -12.339 0.362   3.838   1.00 24.77  ? 21  PHE B CD2 1 
ATOM   1012 C CE1 . PHE B 1 23  ? -14.110 2.490   3.773   1.00 35.49  ? 21  PHE B CE1 1 
ATOM   1013 C CE2 . PHE B 1 23  ? -12.425 1.157   2.698   1.00 30.96  ? 21  PHE B CE2 1 
ATOM   1014 C CZ  . PHE B 1 23  ? -13.311 2.221   2.667   1.00 34.84  ? 21  PHE B CZ  1 
ATOM   1015 N N   . TYR B 1 24  ? -12.345 -3.129  5.554   1.00 31.91  ? 22  TYR B N   1 
ATOM   1016 C CA  . TYR B 1 24  ? -11.724 -4.066  4.620   1.00 30.37  ? 22  TYR B CA  1 
ATOM   1017 C C   . TYR B 1 24  ? -12.348 -5.457  4.584   1.00 32.67  ? 22  TYR B C   1 
ATOM   1018 O O   . TYR B 1 24  ? -12.119 -6.207  3.636   1.00 35.71  ? 22  TYR B O   1 
ATOM   1019 C CB  . TYR B 1 24  ? -10.203 -4.086  4.790   1.00 27.74  ? 22  TYR B CB  1 
ATOM   1020 C CG  . TYR B 1 24  ? -9.604  -2.792  4.299   1.00 28.77  ? 22  TYR B CG  1 
ATOM   1021 C CD1 . TYR B 1 24  ? -9.475  -2.536  2.934   1.00 29.73  ? 22  TYR B CD1 1 
ATOM   1022 C CD2 . TYR B 1 24  ? -9.217  -1.801  5.191   1.00 25.42  ? 22  TYR B CD2 1 
ATOM   1023 C CE1 . TYR B 1 24  ? -8.954  -1.332  2.474   1.00 27.31  ? 22  TYR B CE1 1 
ATOM   1024 C CE2 . TYR B 1 24  ? -8.694  -0.596  4.743   1.00 28.50  ? 22  TYR B CE2 1 
ATOM   1025 C CZ  . TYR B 1 24  ? -8.568  -0.369  3.388   1.00 28.03  ? 22  TYR B CZ  1 
ATOM   1026 O OH  . TYR B 1 24  ? -8.050  0.824   2.952   1.00 33.63  ? 22  TYR B OH  1 
ATOM   1027 N N   . ARG B 1 25  ? -13.155 -5.786  5.590   1.00 34.78  ? 23  ARG B N   1 
ATOM   1028 C CA  . ARG B 1 25  ? -13.980 -6.991  5.531   1.00 37.47  ? 23  ARG B CA  1 
ATOM   1029 C C   . ARG B 1 25  ? -15.055 -6.827  4.467   1.00 37.84  ? 23  ARG B C   1 
ATOM   1030 O O   . ARG B 1 25  ? -15.281 -7.730  3.664   1.00 42.20  ? 23  ARG B O   1 
ATOM   1031 C CB  . ARG B 1 25  ? -14.617 -7.307  6.883   1.00 36.47  ? 23  ARG B CB  1 
ATOM   1032 C CG  . ARG B 1 25  ? -13.726 -8.122  7.792   1.00 44.71  ? 23  ARG B CG  1 
ATOM   1033 C CD  . ARG B 1 25  ? -14.415 -8.428  9.105   1.00 58.93  ? 23  ARG B CD  1 
ATOM   1034 N NE  . ARG B 1 25  ? -13.493 -9.023  10.074  1.00 67.06  ? 23  ARG B NE  1 
ATOM   1035 C CZ  . ARG B 1 25  ? -13.128 -8.460  11.226  1.00 66.34  ? 23  ARG B CZ  1 
ATOM   1036 N NH1 . ARG B 1 25  ? -13.612 -7.274  11.583  1.00 64.81  ? 23  ARG B NH1 1 
ATOM   1037 N NH2 . ARG B 1 25  ? -12.283 -9.095  12.031  1.00 67.01  ? 23  ARG B NH2 1 
ATOM   1038 N N   . ILE B 1 26  ? -15.688 -5.655  4.455   1.00 35.35  ? 24  ILE B N   1 
ATOM   1039 C CA  . ILE B 1 26  ? -16.730 -5.318  3.490   1.00 33.90  ? 24  ILE B CA  1 
ATOM   1040 C C   . ILE B 1 26  ? -16.179 -5.339  2.063   1.00 37.51  ? 24  ILE B C   1 
ATOM   1041 O O   . ILE B 1 26  ? -16.855 -5.799  1.136   1.00 41.28  ? 24  ILE B O   1 
ATOM   1042 C CB  . ILE B 1 26  ? -17.378 -3.950  3.818   1.00 32.82  ? 24  ILE B CB  1 
ATOM   1043 C CG1 . ILE B 1 26  ? -18.130 -4.026  5.152   1.00 26.83  ? 24  ILE B CG1 1 
ATOM   1044 C CG2 . ILE B 1 26  ? -18.328 -3.507  2.702   1.00 32.15  ? 24  ILE B CG2 1 
ATOM   1045 C CD1 . ILE B 1 26  ? -18.484 -2.682  5.744   1.00 26.44  ? 24  ILE B CD1 1 
ATOM   1046 N N   . ILE B 1 27  ? -14.943 -4.870  1.903   1.00 37.98  ? 25  ILE B N   1 
ATOM   1047 C CA  . ILE B 1 27  ? -14.251 -4.918  0.617   1.00 38.47  ? 25  ILE B CA  1 
ATOM   1048 C C   . ILE B 1 27  ? -14.037 -6.374  0.153   1.00 40.71  ? 25  ILE B C   1 
ATOM   1049 O O   . ILE B 1 27  ? -14.189 -6.685  -1.035  1.00 40.76  ? 25  ILE B O   1 
ATOM   1050 C CB  . ILE B 1 27  ? -12.955 -4.053  0.645   1.00 38.84  ? 25  ILE B CB  1 
ATOM   1051 C CG1 . ILE B 1 27  ? -13.342 -2.570  0.556   1.00 36.85  ? 25  ILE B CG1 1 
ATOM   1052 C CG2 . ILE B 1 27  ? -11.980 -4.432  -0.482  1.00 28.48  ? 25  ILE B CG2 1 
ATOM   1053 C CD1 . ILE B 1 27  ? -12.182 -1.612  0.495   1.00 41.62  ? 25  ILE B CD1 1 
ATOM   1054 N N   . GLY B 1 28  ? -13.736 -7.261  1.102   1.00 40.67  ? 26  GLY B N   1 
ATOM   1055 C CA  . GLY B 1 28  ? -13.689 -8.695  0.819   1.00 40.96  ? 26  GLY B CA  1 
ATOM   1056 C C   . GLY B 1 28  ? -12.601 -9.493  1.515   1.00 42.22  ? 26  GLY B C   1 
ATOM   1057 O O   . GLY B 1 28  ? -12.495 -10.704 1.312   1.00 43.14  ? 26  GLY B O   1 
ATOM   1058 N N   . PHE B 1 29  ? -11.796 -8.822  2.336   1.00 41.56  ? 27  PHE B N   1 
ATOM   1059 C CA  . PHE B 1 29  ? -10.679 -9.465  3.024   1.00 38.96  ? 27  PHE B CA  1 
ATOM   1060 C C   . PHE B 1 29  ? -11.136 -10.241 4.250   1.00 39.51  ? 27  PHE B C   1 
ATOM   1061 O O   . PHE B 1 29  ? -11.964 -9.763  5.029   1.00 38.41  ? 27  PHE B O   1 
ATOM   1062 C CB  . PHE B 1 29  ? -9.621  -8.438  3.428   1.00 36.86  ? 27  PHE B CB  1 
ATOM   1063 C CG  . PHE B 1 29  ? -8.868  -7.849  2.272   1.00 36.11  ? 27  PHE B CG  1 
ATOM   1064 C CD1 . PHE B 1 29  ? -7.749  -8.491  1.756   1.00 28.94  ? 27  PHE B CD1 1 
ATOM   1065 C CD2 . PHE B 1 29  ? -9.272  -6.644  1.705   1.00 36.17  ? 27  PHE B CD2 1 
ATOM   1066 C CE1 . PHE B 1 29  ? -7.046  -7.945  0.684   1.00 31.64  ? 27  PHE B CE1 1 
ATOM   1067 C CE2 . PHE B 1 29  ? -8.579  -6.091  0.632   1.00 30.56  ? 27  PHE B CE2 1 
ATOM   1068 C CZ  . PHE B 1 29  ? -7.463  -6.742  0.120   1.00 35.31  ? 27  PHE B CZ  1 
ATOM   1069 N N   . GLN B 1 30  ? -10.576 -11.438 4.408   1.00 41.86  ? 28  GLN B N   1 
ATOM   1070 C CA  . GLN B 1 30  ? -10.855 -12.296 5.556   1.00 44.07  ? 28  GLN B CA  1 
ATOM   1071 C C   . GLN B 1 30  ? -9.648  -12.320 6.497   1.00 43.01  ? 28  GLN B C   1 
ATOM   1072 O O   . GLN B 1 30  ? -8.672  -13.043 6.262   1.00 41.72  ? 28  GLN B O   1 
ATOM   1073 C CB  . GLN B 1 30  ? -11.231 -13.707 5.090   1.00 45.75  ? 28  GLN B CB  1 
ATOM   1074 C CG  . GLN B 1 30  ? -12.496 -13.757 4.229   1.00 52.47  ? 28  GLN B CG  1 
ATOM   1075 C CD  . GLN B 1 30  ? -12.612 -15.034 3.408   1.00 67.31  ? 28  GLN B CD  1 
ATOM   1076 O OE1 . GLN B 1 30  ? -11.628 -15.532 2.856   1.00 66.00  ? 28  GLN B OE1 1 
ATOM   1077 N NE2 . GLN B 1 30  ? -13.827 -15.562 3.313   1.00 75.48  ? 28  GLN B NE2 1 
ATOM   1078 N N   . PHE B 1 31  ? -9.730  -11.512 7.555   1.00 43.52  ? 29  PHE B N   1 
ATOM   1079 C CA  . PHE B 1 31  ? -8.627  -11.299 8.495   1.00 44.21  ? 29  PHE B CA  1 
ATOM   1080 C C   . PHE B 1 31  ? -8.593  -12.326 9.609   1.00 46.34  ? 29  PHE B C   1 
ATOM   1081 O O   . PHE B 1 31  ? -9.615  -12.612 10.228  1.00 47.84  ? 29  PHE B O   1 
ATOM   1082 C CB  . PHE B 1 31  ? -8.728  -9.917  9.145   1.00 39.29  ? 29  PHE B CB  1 
ATOM   1083 C CG  . PHE B 1 31  ? -8.487  -8.785  8.209   1.00 36.83  ? 29  PHE B CG  1 
ATOM   1084 C CD1 . PHE B 1 31  ? -7.193  -8.363  7.925   1.00 37.27  ? 29  PHE B CD1 1 
ATOM   1085 C CD2 . PHE B 1 31  ? -9.555  -8.120  7.625   1.00 32.28  ? 29  PHE B CD2 1 
ATOM   1086 C CE1 . PHE B 1 31  ? -6.969  -7.298  7.055   1.00 34.22  ? 29  PHE B CE1 1 
ATOM   1087 C CE2 . PHE B 1 31  ? -9.341  -7.055  6.764   1.00 34.88  ? 29  PHE B CE2 1 
ATOM   1088 C CZ  . PHE B 1 31  ? -8.049  -6.643  6.476   1.00 32.56  ? 29  PHE B CZ  1 
ATOM   1089 N N   . THR B 1 32  ? -7.403  -12.856 9.874   1.00 49.49  ? 30  THR B N   1 
ATOM   1090 C CA  . THR B 1 32  ? -7.183  -13.734 11.014  1.00 53.12  ? 30  THR B CA  1 
ATOM   1091 C C   . THR B 1 32  ? -6.341  -12.976 12.025  1.00 52.98  ? 30  THR B C   1 
ATOM   1092 O O   . THR B 1 32  ? -5.300  -12.414 11.675  1.00 54.46  ? 30  THR B O   1 
ATOM   1093 C CB  . THR B 1 32  ? -6.436  -15.035 10.617  1.00 54.15  ? 30  THR B CB  1 
ATOM   1094 O OG1 . THR B 1 32  ? -6.673  -15.338 9.236   1.00 59.00  ? 30  THR B OG1 1 
ATOM   1095 C CG2 . THR B 1 32  ? -6.900  -16.201 11.480  1.00 57.85  ? 30  THR B CG2 1 
ATOM   1096 N N   . ALA B 1 33  ? -6.797  -12.951 13.274  1.00 53.95  ? 31  ALA B N   1 
ATOM   1097 C CA  . ALA B 1 33  ? -6.012  -12.377 14.356  1.00 54.82  ? 31  ALA B CA  1 
ATOM   1098 C C   . ALA B 1 33  ? -4.911  -13.357 14.741  1.00 57.48  ? 31  ALA B C   1 
ATOM   1099 O O   . ALA B 1 33  ? -5.037  -14.558 14.498  1.00 58.90  ? 31  ALA B O   1 
ATOM   1100 C CB  . ALA B 1 33  ? -6.895  -12.074 15.540  1.00 55.36  ? 31  ALA B CB  1 
ATOM   1101 N N   . SER B 1 34  ? -3.829  -12.843 15.322  1.00 60.47  ? 32  SER B N   1 
ATOM   1102 C CA  . SER B 1 34  ? -2.722  -13.686 15.775  1.00 65.16  ? 32  SER B CA  1 
ATOM   1103 C C   . SER B 1 34  ? -3.092  -14.490 17.027  1.00 66.93  ? 32  SER B C   1 
ATOM   1104 O O   . SER B 1 34  ? -3.904  -14.045 17.840  1.00 69.12  ? 32  SER B O   1 
ATOM   1105 C CB  . SER B 1 34  ? -1.465  -12.847 16.009  1.00 65.71  ? 32  SER B CB  1 
ATOM   1106 O OG  . SER B 1 34  ? -0.886  -12.467 14.772  1.00 71.36  ? 32  SER B OG  1 
ATOM   1107 N N   . LYS B 1 35  ? -2.509  -15.680 17.163  1.00 68.09  ? 33  LYS B N   1 
ATOM   1108 C CA  . LYS B 1 35  ? -2.806  -16.569 18.290  1.00 68.18  ? 33  LYS B CA  1 
ATOM   1109 C C   . LYS B 1 35  ? -2.130  -16.088 19.581  1.00 66.94  ? 33  LYS B C   1 
ATOM   1110 O O   . LYS B 1 35  ? -2.770  -16.032 20.635  1.00 64.00  ? 33  LYS B O   1 
ATOM   1111 C CB  . LYS B 1 35  ? -2.417  -18.017 17.961  1.00 69.21  ? 33  LYS B CB  1 
ATOM   1112 C CG  . LYS B 1 35  ? -2.997  -18.536 16.639  1.00 70.76  ? 33  LYS B CG  1 
ATOM   1113 C CD  . LYS B 1 35  ? -2.946  -20.060 16.534  1.00 70.34  ? 33  LYS B CD  1 
ATOM   1114 C CE  . LYS B 1 35  ? -4.148  -20.706 17.220  1.00 73.76  ? 33  LYS B CE  1 
ATOM   1115 N NZ  . LYS B 1 35  ? -4.179  -22.183 17.039  1.00 75.65  ? 33  LYS B NZ  1 
ATOM   1116 N N   . VAL B 1 36  ? -0.846  -15.742 19.483  1.00 67.38  ? 34  VAL B N   1 
ATOM   1117 C CA  . VAL B 1 36  ? -0.121  -15.065 20.563  1.00 68.73  ? 34  VAL B CA  1 
ATOM   1118 C C   . VAL B 1 36  ? 0.284   -13.660 20.114  1.00 68.96  ? 34  VAL B C   1 
ATOM   1119 O O   . VAL B 1 36  ? -0.311  -12.665 20.531  1.00 68.40  ? 34  VAL B O   1 
ATOM   1120 C CB  . VAL B 1 36  ? 1.142   -15.852 21.018  1.00 70.20  ? 34  VAL B CB  1 
ATOM   1121 C CG1 . VAL B 1 36  ? 1.938   -15.058 22.067  1.00 70.34  ? 34  VAL B CG1 1 
ATOM   1122 C CG2 . VAL B 1 36  ? 0.759   -17.210 21.578  1.00 68.51  ? 34  VAL B CG2 1 
ATOM   1123 N N   . SER B 1 40  ? 2.391   -5.538  18.628  1.00 70.39  ? 38  SER B N   1 
ATOM   1124 C CA  . SER B 1 40  ? 1.137   -4.835  18.353  1.00 71.74  ? 38  SER B CA  1 
ATOM   1125 C C   . SER B 1 40  ? -0.020  -5.823  18.209  1.00 70.05  ? 38  SER B C   1 
ATOM   1126 O O   . SER B 1 40  ? 0.204   -7.017  17.986  1.00 72.54  ? 38  SER B O   1 
ATOM   1127 C CB  . SER B 1 40  ? 1.251   -4.005  17.065  1.00 72.15  ? 38  SER B CB  1 
ATOM   1128 O OG  . SER B 1 40  ? 2.513   -3.375  16.941  1.00 75.23  ? 38  SER B OG  1 
ATOM   1129 N N   . GLU B 1 41  ? -1.250  -5.329  18.340  1.00 65.44  ? 39  GLU B N   1 
ATOM   1130 C CA  . GLU B 1 41  ? -2.432  -6.115  17.980  1.00 61.31  ? 39  GLU B CA  1 
ATOM   1131 C C   . GLU B 1 41  ? -2.522  -6.173  16.451  1.00 55.58  ? 39  GLU B C   1 
ATOM   1132 O O   . GLU B 1 41  ? -2.614  -5.132  15.797  1.00 55.90  ? 39  GLU B O   1 
ATOM   1133 C CB  . GLU B 1 41  ? -3.701  -5.512  18.584  1.00 59.86  ? 39  GLU B CB  1 
ATOM   1134 C CG  . GLU B 1 41  ? -4.931  -6.414  18.456  1.00 64.67  ? 39  GLU B CG  1 
ATOM   1135 C CD  . GLU B 1 41  ? -6.210  -5.774  18.975  1.00 66.68  ? 39  GLU B CD  1 
ATOM   1136 O OE1 . GLU B 1 41  ? -6.126  -4.807  19.767  1.00 71.21  ? 39  GLU B OE1 1 
ATOM   1137 O OE2 . GLU B 1 41  ? -7.304  -6.249  18.590  1.00 70.94  ? 39  GLU B OE2 1 
ATOM   1138 N N   . VAL B 1 42  ? -2.488  -7.383  15.894  1.00 49.41  ? 40  VAL B N   1 
ATOM   1139 C CA  . VAL B 1 42  ? -2.285  -7.566  14.450  1.00 45.24  ? 40  VAL B CA  1 
ATOM   1140 C C   . VAL B 1 42  ? -3.278  -8.543  13.794  1.00 42.49  ? 40  VAL B C   1 
ATOM   1141 O O   . VAL B 1 42  ? -3.525  -9.631  14.305  1.00 43.64  ? 40  VAL B O   1 
ATOM   1142 C CB  . VAL B 1 42  ? -0.789  -7.916  14.126  1.00 42.53  ? 40  VAL B CB  1 
ATOM   1143 C CG1 . VAL B 1 42  ? -0.282  -9.075  14.974  1.00 47.45  ? 40  VAL B CG1 1 
ATOM   1144 C CG2 . VAL B 1 42  ? -0.582  -8.196  12.646  1.00 43.75  ? 40  VAL B CG2 1 
ATOM   1145 N N   . HIS B 1 43  ? -3.853  -8.117  12.671  1.00 39.09  ? 41  HIS B N   1 
ATOM   1146 C CA  . HIS B 1 43  ? -4.770  -8.932  11.881  1.00 37.45  ? 41  HIS B CA  1 
ATOM   1147 C C   . HIS B 1 43  ? -4.263  -9.052  10.444  1.00 36.95  ? 41  HIS B C   1 
ATOM   1148 O O   . HIS B 1 43  ? -3.927  -8.048  9.816   1.00 36.50  ? 41  HIS B O   1 
ATOM   1149 C CB  . HIS B 1 43  ? -6.162  -8.303  11.865  1.00 35.37  ? 41  HIS B CB  1 
ATOM   1150 C CG  . HIS B 1 43  ? -6.858  -8.314  13.190  1.00 37.92  ? 41  HIS B CG  1 
ATOM   1151 N ND1 . HIS B 1 43  ? -7.996  -9.059  13.427  1.00 37.46  ? 41  HIS B ND1 1 
ATOM   1152 C CD2 . HIS B 1 43  ? -6.594  -7.655  14.344  1.00 37.64  ? 41  HIS B CD2 1 
ATOM   1153 C CE1 . HIS B 1 43  ? -8.395  -8.864  14.671  1.00 37.30  ? 41  HIS B CE1 1 
ATOM   1154 N NE2 . HIS B 1 43  ? -7.560  -8.018  15.250  1.00 31.11  ? 41  HIS B NE2 1 
ATOM   1155 N N   . ARG B 1 44  ? -4.218  -10.279 9.927   1.00 36.49  ? 42  ARG B N   1 
ATOM   1156 C CA  . ARG B 1 44  ? -3.682  -10.542 8.590   1.00 35.92  ? 42  ARG B CA  1 
ATOM   1157 C C   . ARG B 1 44  ? -4.681  -11.269 7.702   1.00 37.44  ? 42  ARG B C   1 
ATOM   1158 O O   . ARG B 1 44  ? -5.261  -12.279 8.097   1.00 40.23  ? 42  ARG B O   1 
ATOM   1159 C CB  . ARG B 1 44  ? -2.392  -11.364 8.668   1.00 34.22  ? 42  ARG B CB  1 
ATOM   1160 C CG  . ARG B 1 44  ? -1.434  -10.952 9.771   1.00 36.85  ? 42  ARG B CG  1 
ATOM   1161 C CD  . ARG B 1 44  ? -0.112  -11.668 9.640   1.00 37.44  ? 42  ARG B CD  1 
ATOM   1162 N NE  . ARG B 1 44  ? 0.831   -11.289 10.686  1.00 44.77  ? 42  ARG B NE  1 
ATOM   1163 C CZ  . ARG B 1 44  ? 1.653   -10.244 10.629  1.00 47.36  ? 42  ARG B CZ  1 
ATOM   1164 N NH1 . ARG B 1 44  ? 1.655   -9.433  9.573   1.00 40.06  ? 42  ARG B NH1 1 
ATOM   1165 N NH2 . ARG B 1 44  ? 2.473   -10.000 11.643  1.00 48.59  ? 42  ARG B NH2 1 
ATOM   1166 N N   . ALA B 1 45  ? -4.872  -10.744 6.498   1.00 37.64  ? 43  ALA B N   1 
ATOM   1167 C CA  . ALA B 1 45  ? -5.646  -11.414 5.464   1.00 36.07  ? 43  ALA B CA  1 
ATOM   1168 C C   . ALA B 1 45  ? -4.720  -11.688 4.302   1.00 38.19  ? 43  ALA B C   1 
ATOM   1169 O O   . ALA B 1 45  ? -3.817  -10.904 4.026   1.00 41.76  ? 43  ALA B O   1 
ATOM   1170 C CB  . ALA B 1 45  ? -6.791  -10.545 5.014   1.00 35.13  ? 43  ALA B CB  1 
ATOM   1171 N N   . VAL B 1 46  ? -4.938  -12.799 3.616   1.00 38.15  ? 44  VAL B N   1 
ATOM   1172 C CA  . VAL B 1 46  ? -4.132  -13.122 2.449   1.00 40.29  ? 44  VAL B CA  1 
ATOM   1173 C C   . VAL B 1 46  ? -5.046  -13.398 1.261   1.00 41.43  ? 44  VAL B C   1 
ATOM   1174 O O   . VAL B 1 46  ? -5.952  -14.226 1.341   1.00 43.96  ? 44  VAL B O   1 
ATOM   1175 C CB  . VAL B 1 46  ? -3.094  -14.246 2.751   1.00 39.65  ? 44  VAL B CB  1 
ATOM   1176 C CG1 . VAL B 1 46  ? -3.653  -15.223 3.761   1.00 44.22  ? 44  VAL B CG1 1 
ATOM   1177 C CG2 . VAL B 1 46  ? -2.598  -14.937 1.473   1.00 36.13  ? 44  VAL B CG2 1 
ATOM   1178 N N   . HIS B 1 47  ? -4.816  -12.664 0.175   1.00 41.21  ? 45  HIS B N   1 
ATOM   1179 C CA  . HIS B 1 47  ? -5.688  -12.688 -0.987  1.00 41.06  ? 45  HIS B CA  1 
ATOM   1180 C C   . HIS B 1 47  ? -4.861  -12.601 -2.262  1.00 43.92  ? 45  HIS B C   1 
ATOM   1181 O O   . HIS B 1 47  ? -4.111  -11.640 -2.456  1.00 46.80  ? 45  HIS B O   1 
ATOM   1182 C CB  . HIS B 1 47  ? -6.680  -11.527 -0.912  1.00 41.80  ? 45  HIS B CB  1 
ATOM   1183 C CG  . HIS B 1 47  ? -7.624  -11.461 -2.070  1.00 44.18  ? 45  HIS B CG  1 
ATOM   1184 N ND1 . HIS B 1 47  ? -8.774  -12.218 -2.136  1.00 45.15  ? 45  HIS B ND1 1 
ATOM   1185 C CD2 . HIS B 1 47  ? -7.592  -10.726 -3.205  1.00 45.24  ? 45  HIS B CD2 1 
ATOM   1186 C CE1 . HIS B 1 47  ? -9.408  -11.955 -3.264  1.00 45.26  ? 45  HIS B CE1 1 
ATOM   1187 N NE2 . HIS B 1 47  ? -8.712  -11.052 -3.931  1.00 44.85  ? 45  HIS B NE2 1 
ATOM   1188 N N   . ASN B 1 48  ? -5.008  -13.616 -3.115  1.00 45.55  ? 46  ASN B N   1 
ATOM   1189 C CA  . ASN B 1 48  ? -4.271  -13.754 -4.383  1.00 45.64  ? 46  ASN B CA  1 
ATOM   1190 C C   . ASN B 1 48  ? -2.749  -13.678 -4.250  1.00 44.65  ? 46  ASN B C   1 
ATOM   1191 O O   . ASN B 1 48  ? -2.070  -13.081 -5.089  1.00 46.60  ? 46  ASN B O   1 
ATOM   1192 C CB  . ASN B 1 48  ? -4.784  -12.766 -5.451  1.00 46.72  ? 46  ASN B CB  1 
ATOM   1193 C CG  . ASN B 1 48  ? -6.205  -13.074 -5.911  1.00 53.16  ? 46  ASN B CG  1 
ATOM   1194 O OD1 . ASN B 1 48  ? -6.653  -14.220 -5.876  1.00 64.57  ? 46  ASN B OD1 1 
ATOM   1195 N ND2 . ASN B 1 48  ? -6.917  -12.044 -6.355  1.00 56.55  ? 46  ASN B ND2 1 
ATOM   1196 N N   . GLY B 1 49  ? -2.227  -14.275 -3.181  1.00 41.58  ? 47  GLY B N   1 
ATOM   1197 C CA  . GLY B 1 49  ? -0.785  -14.315 -2.945  1.00 38.94  ? 47  GLY B CA  1 
ATOM   1198 C C   . GLY B 1 49  ? -0.223  -13.116 -2.206  1.00 37.12  ? 47  GLY B C   1 
ATOM   1199 O O   . GLY B 1 49  ? 0.959   -13.097 -1.855  1.00 40.62  ? 47  GLY B O   1 
ATOM   1200 N N   . VAL B 1 50  ? -1.065  -12.114 -1.969  1.00 33.88  ? 48  VAL B N   1 
ATOM   1201 C CA  . VAL B 1 50  ? -0.654  -10.901 -1.273  1.00 31.00  ? 48  VAL B CA  1 
ATOM   1202 C C   . VAL B 1 50  ? -1.210  -10.941 0.146   1.00 32.87  ? 48  VAL B C   1 
ATOM   1203 O O   . VAL B 1 50  ? -2.394  -11.221 0.345   1.00 33.10  ? 48  VAL B O   1 
ATOM   1204 C CB  . VAL B 1 50  ? -1.144  -9.624  -2.017  1.00 31.19  ? 48  VAL B CB  1 
ATOM   1205 C CG1 . VAL B 1 50  ? -0.840  -8.349  -1.219  1.00 26.64  ? 48  VAL B CG1 1 
ATOM   1206 C CG2 . VAL B 1 50  ? -0.527  -9.540  -3.410  1.00 30.64  ? 48  VAL B CG2 1 
ATOM   1207 N N   . GLU B 1 51  ? -0.352  -10.682 1.128   1.00 31.98  ? 49  GLU B N   1 
ATOM   1208 C CA  . GLU B 1 51  ? -0.787  -10.599 2.511   1.00 31.90  ? 49  GLU B CA  1 
ATOM   1209 C C   . GLU B 1 51  ? -1.086  -9.153  2.913   1.00 31.02  ? 49  GLU B C   1 
ATOM   1210 O O   . GLU B 1 51  ? -0.201  -8.299  2.913   1.00 30.69  ? 49  GLU B O   1 
ATOM   1211 C CB  . GLU B 1 51  ? 0.256   -11.215 3.439   1.00 30.69  ? 49  GLU B CB  1 
ATOM   1212 C CG  . GLU B 1 51  ? -0.191  -11.292 4.886   1.00 39.06  ? 49  GLU B CG  1 
ATOM   1213 C CD  . GLU B 1 51  ? 0.903   -11.770 5.818   1.00 58.12  ? 49  GLU B CD  1 
ATOM   1214 O OE1 . GLU B 1 51  ? 1.987   -11.138 5.860   1.00 59.41  ? 49  GLU B OE1 1 
ATOM   1215 O OE2 . GLU B 1 51  ? 0.668   -12.779 6.517   1.00 65.43  ? 49  GLU B OE2 1 
ATOM   1216 N N   . PHE B 1 52  ? -2.343  -8.895  3.256   1.00 29.65  ? 50  PHE B N   1 
ATOM   1217 C CA  . PHE B 1 52  ? -2.793  -7.582  3.694   1.00 29.00  ? 50  PHE B CA  1 
ATOM   1218 C C   . PHE B 1 52  ? -2.925  -7.554  5.223   1.00 29.55  ? 50  PHE B C   1 
ATOM   1219 O O   . PHE B 1 52  ? -3.820  -8.183  5.790   1.00 31.69  ? 50  PHE B O   1 
ATOM   1220 C CB  . PHE B 1 52  ? -4.119  -7.236  3.002   1.00 27.63  ? 50  PHE B CB  1 
ATOM   1221 C CG  . PHE B 1 52  ? -4.614  -5.838  3.276   1.00 32.52  ? 50  PHE B CG  1 
ATOM   1222 C CD1 . PHE B 1 52  ? -3.881  -4.726  2.866   1.00 42.23  ? 50  PHE B CD1 1 
ATOM   1223 C CD2 . PHE B 1 52  ? -5.828  -5.633  3.920   1.00 31.85  ? 50  PHE B CD2 1 
ATOM   1224 C CE1 . PHE B 1 52  ? -4.341  -3.429  3.117   1.00 35.58  ? 50  PHE B CE1 1 
ATOM   1225 C CE2 . PHE B 1 52  ? -6.296  -4.341  4.171   1.00 39.26  ? 50  PHE B CE2 1 
ATOM   1226 C CZ  . PHE B 1 52  ? -5.547  -3.238  3.768   1.00 34.92  ? 50  PHE B CZ  1 
ATOM   1227 N N   . SER B 1 53  ? -2.023  -6.831  5.887   1.00 29.69  ? 51  SER B N   1 
ATOM   1228 C CA  . SER B 1 53  ? -2.004  -6.755  7.353   1.00 28.87  ? 51  SER B CA  1 
ATOM   1229 C C   . SER B 1 53  ? -2.366  -5.386  7.911   1.00 29.77  ? 51  SER B C   1 
ATOM   1230 O O   . SER B 1 53  ? -1.999  -4.347  7.352   1.00 29.53  ? 51  SER B O   1 
ATOM   1231 C CB  . SER B 1 53  ? -0.632  -7.143  7.900   1.00 28.38  ? 51  SER B CB  1 
ATOM   1232 O OG  . SER B 1 53  ? -0.324  -8.490  7.608   1.00 37.64  ? 51  SER B OG  1 
ATOM   1233 N N   . LEU B 1 54  ? -3.062  -5.403  9.040   1.00 31.13  ? 52  LEU B N   1 
ATOM   1234 C CA  . LEU B 1 54  ? -3.403  -4.201  9.783   1.00 31.07  ? 52  LEU B CA  1 
ATOM   1235 C C   . LEU B 1 54  ? -2.770  -4.278  11.170  1.00 32.22  ? 52  LEU B C   1 
ATOM   1236 O O   . LEU B 1 54  ? -3.006  -5.234  11.913  1.00 32.01  ? 52  LEU B O   1 
ATOM   1237 C CB  . LEU B 1 54  ? -4.925  -4.079  9.903   1.00 32.05  ? 52  LEU B CB  1 
ATOM   1238 C CG  . LEU B 1 54  ? -5.770  -3.206  8.965   1.00 33.01  ? 52  LEU B CG  1 
ATOM   1239 C CD1 . LEU B 1 54  ? -5.168  -3.024  7.581   1.00 28.77  ? 52  LEU B CD1 1 
ATOM   1240 C CD2 . LEU B 1 54  ? -7.170  -3.802  8.854   1.00 29.57  ? 52  LEU B CD2 1 
ATOM   1241 N N   . TYR B 1 55  ? -1.958  -3.280  11.511  1.00 33.83  ? 53  TYR B N   1 
ATOM   1242 C CA  . TYR B 1 55  ? -1.339  -3.202  12.835  1.00 31.88  ? 53  TYR B CA  1 
ATOM   1243 C C   . TYR B 1 55  ? -1.947  -2.088  13.652  1.00 32.05  ? 53  TYR B C   1 
ATOM   1244 O O   . TYR B 1 55  ? -2.178  -0.993  13.151  1.00 34.95  ? 53  TYR B O   1 
ATOM   1245 C CB  . TYR B 1 55  ? 0.153   -2.928  12.722  1.00 31.97  ? 53  TYR B CB  1 
ATOM   1246 C CG  . TYR B 1 55  ? 1.013   -4.135  12.476  1.00 34.10  ? 53  TYR B CG  1 
ATOM   1247 C CD1 . TYR B 1 55  ? 1.882   -4.604  13.457  1.00 34.15  ? 53  TYR B CD1 1 
ATOM   1248 C CD2 . TYR B 1 55  ? 0.973   -4.798  11.256  1.00 36.50  ? 53  TYR B CD2 1 
ATOM   1249 C CE1 . TYR B 1 55  ? 2.690   -5.712  13.222  1.00 36.42  ? 53  TYR B CE1 1 
ATOM   1250 C CE2 . TYR B 1 55  ? 1.769   -5.901  11.011  1.00 37.57  ? 53  TYR B CE2 1 
ATOM   1251 C CZ  . TYR B 1 55  ? 2.621   -6.355  11.992  1.00 39.09  ? 53  TYR B CZ  1 
ATOM   1252 O OH  . TYR B 1 55  ? 3.399   -7.455  11.727  1.00 37.35  ? 53  TYR B OH  1 
ATOM   1253 N N   . SER B 1 56  ? -2.182  -2.360  14.925  1.00 35.06  ? 54  SER B N   1 
ATOM   1254 C CA  . SER B 1 56  ? -2.686  -1.346  15.828  1.00 35.81  ? 54  SER B CA  1 
ATOM   1255 C C   . SER B 1 56  ? -1.526  -0.517  16.369  1.00 36.19  ? 54  SER B C   1 
ATOM   1256 O O   . SER B 1 56  ? -0.585  -1.055  16.947  1.00 39.37  ? 54  SER B O   1 
ATOM   1257 C CB  . SER B 1 56  ? -3.469  -1.995  16.966  1.00 35.71  ? 54  SER B CB  1 
ATOM   1258 O OG  . SER B 1 56  ? -4.153  -1.019  17.720  1.00 41.56  ? 54  SER B OG  1 
ATOM   1259 N N   . ILE B 1 57  ? -1.578  0.789   16.138  1.00 36.94  ? 55  ILE B N   1 
ATOM   1260 C CA  . ILE B 1 57  ? -0.620  1.724   16.733  1.00 37.35  ? 55  ILE B CA  1 
ATOM   1261 C C   . ILE B 1 57  ? -1.393  2.813   17.472  1.00 40.43  ? 55  ILE B C   1 
ATOM   1262 O O   . ILE B 1 57  ? -2.608  2.918   17.323  1.00 40.16  ? 55  ILE B O   1 
ATOM   1263 C CB  . ILE B 1 57  ? 0.346   2.368   15.688  1.00 36.57  ? 55  ILE B CB  1 
ATOM   1264 C CG1 . ILE B 1 57  ? -0.427  3.186   14.642  1.00 31.85  ? 55  ILE B CG1 1 
ATOM   1265 C CG2 . ILE B 1 57  ? 1.247   1.307   15.040  1.00 32.83  ? 55  ILE B CG2 1 
ATOM   1266 C CD1 . ILE B 1 57  ? 0.410   4.244   13.943  1.00 32.32  ? 55  ILE B CD1 1 
ATOM   1267 N N   . GLN B 1 58  ? -0.696  3.613   18.270  1.00 45.45  ? 56  GLN B N   1 
ATOM   1268 C CA  . GLN B 1 58  ? -1.342  4.690   19.009  1.00 51.41  ? 56  GLN B CA  1 
ATOM   1269 C C   . GLN B 1 58  ? -1.514  5.950   18.178  1.00 56.40  ? 56  GLN B C   1 
ATOM   1270 O O   . GLN B 1 58  ? -0.798  6.157   17.193  1.00 58.06  ? 56  GLN B O   1 
ATOM   1271 C CB  . GLN B 1 58  ? -0.572  5.002   20.289  1.00 51.44  ? 56  GLN B CB  1 
ATOM   1272 C CG  . GLN B 1 58  ? -1.158  4.334   21.510  1.00 58.40  ? 56  GLN B CG  1 
ATOM   1273 C CD  . GLN B 1 58  ? -1.971  5.277   22.377  1.00 57.11  ? 56  GLN B CD  1 
ATOM   1274 O OE1 . GLN B 1 58  ? -1.828  5.278   23.599  1.00 60.71  ? 56  GLN B OE1 1 
ATOM   1275 N NE2 . GLN B 1 58  ? -2.826  6.083   21.751  1.00 58.46  ? 56  GLN B NE2 1 
ATOM   1276 N N   . ASN B 1 59  ? -2.473  6.781   18.587  1.00 62.84  ? 57  ASN B N   1 
ATOM   1277 C CA  . ASN B 1 59  ? -2.740  8.066   17.946  1.00 70.19  ? 57  ASN B CA  1 
ATOM   1278 C C   . ASN B 1 59  ? -1.482  8.923   17.879  1.00 73.27  ? 57  ASN B C   1 
ATOM   1279 O O   . ASN B 1 59  ? -0.936  9.301   18.919  1.00 73.63  ? 57  ASN B O   1 
ATOM   1280 C CB  . ASN B 1 59  ? -3.850  8.825   18.676  1.00 72.07  ? 57  ASN B CB  1 
ATOM   1281 C CG  . ASN B 1 59  ? -5.152  8.057   18.711  1.00 78.94  ? 57  ASN B CG  1 
ATOM   1282 O OD1 . ASN B 1 59  ? -5.364  7.209   19.580  1.00 83.00  ? 57  ASN B OD1 1 
ATOM   1283 N ND2 . ASN B 1 59  ? -6.040  8.355   17.764  1.00 84.41  ? 57  ASN B ND2 1 
ATOM   1284 N N   . PRO B 1 60  ? -1.019  9.223   16.649  1.00 77.26  ? 58  PRO B N   1 
ATOM   1285 C CA  . PRO B 1 60  ? 0.260   9.899   16.399  1.00 81.46  ? 58  PRO B CA  1 
ATOM   1286 C C   . PRO B 1 60  ? 0.318   11.356  16.885  1.00 84.61  ? 58  PRO B C   1 
ATOM   1287 O O   . PRO B 1 60  ? 1.382   11.982  16.810  1.00 84.60  ? 58  PRO B O   1 
ATOM   1288 C CB  . PRO B 1 60  ? 0.401   9.831   14.868  1.00 82.19  ? 58  PRO B CB  1 
ATOM   1289 C CG  . PRO B 1 60  ? -0.598  8.799   14.420  1.00 78.85  ? 58  PRO B CG  1 
ATOM   1290 C CD  . PRO B 1 60  ? -1.719  8.921   15.390  1.00 76.17  ? 58  PRO B CD  1 
ATOM   1291 N N   . GLN B 1 61  ? -0.822  11.877  17.359  1.00 87.87  ? 59  GLN B N   1 
ATOM   1292 C CA  . GLN B 1 61  ? -0.967  13.224  17.956  1.00 92.21  ? 59  GLN B CA  1 
ATOM   1293 C C   . GLN B 1 61  ? -0.787  14.408  16.988  1.00 94.02  ? 59  GLN B C   1 
ATOM   1294 O O   . GLN B 1 61  ? -1.080  15.555  17.336  1.00 95.58  ? 59  GLN B O   1 
ATOM   1295 C CB  . GLN B 1 61  ? -0.117  13.386  19.230  1.00 92.00  ? 59  GLN B CB  1 
ATOM   1296 C CG  . GLN B 1 61  ? -0.593  12.524  20.403  1.00 93.77  ? 59  GLN B CG  1 
ATOM   1297 C CD  . GLN B 1 61  ? 0.341   12.569  21.607  1.00 93.55  ? 59  GLN B CD  1 
ATOM   1298 O OE1 . GLN B 1 61  ? 1.477   13.048  21.523  1.00 91.20  ? 59  GLN B OE1 1 
ATOM   1299 N NE2 . GLN B 1 61  ? -0.140  12.061  22.739  1.00 93.24  ? 59  GLN B NE2 1 
ATOM   1300 N N   . ARG B 1 62  ? -0.298  14.117  15.786  1.00 95.00  ? 60  ARG B N   1 
ATOM   1301 C CA  . ARG B 1 62  ? -0.361  15.032  14.654  1.00 94.96  ? 60  ARG B CA  1 
ATOM   1302 C C   . ARG B 1 62  ? -0.813  14.213  13.453  1.00 92.95  ? 60  ARG B C   1 
ATOM   1303 O O   . ARG B 1 62  ? -0.001  13.599  12.754  1.00 93.71  ? 60  ARG B O   1 
ATOM   1304 C CB  . ARG B 1 62  ? 0.986   15.725  14.407  1.00 95.13  ? 60  ARG B CB  1 
ATOM   1305 C CG  . ARG B 1 62  ? 1.145   17.042  15.171  1.00 97.25  ? 60  ARG B CG  1 
ATOM   1306 C CD  . ARG B 1 62  ? 2.423   17.788  14.799  1.00 98.31  ? 60  ARG B CD  1 
ATOM   1307 N NE  . ARG B 1 62  ? 3.598   17.148  15.377  1.00 105.14 ? 60  ARG B NE  1 
ATOM   1308 C CZ  . ARG B 1 62  ? 4.290   17.584  16.426  1.00 106.40 ? 60  ARG B CZ  1 
ATOM   1309 N NH1 . ARG B 1 62  ? 3.969   18.709  17.056  1.00 107.53 ? 60  ARG B NH1 1 
ATOM   1310 N NH2 . ARG B 1 62  ? 5.331   16.880  16.841  1.00 104.81 ? 60  ARG B NH2 1 
ATOM   1311 N N   . SER B 1 63  ? -2.127  14.183  13.248  1.00 90.31  ? 61  SER B N   1 
ATOM   1312 C CA  . SER B 1 63  ? -2.727  13.358  12.210  1.00 88.52  ? 61  SER B CA  1 
ATOM   1313 C C   . SER B 1 63  ? -2.510  13.959  10.824  1.00 85.06  ? 61  SER B C   1 
ATOM   1314 O O   . SER B 1 63  ? -2.843  15.119  10.575  1.00 85.29  ? 61  SER B O   1 
ATOM   1315 C CB  . SER B 1 63  ? -4.216  13.141  12.493  1.00 89.50  ? 61  SER B CB  1 
ATOM   1316 O OG  . SER B 1 63  ? -4.396  12.414  13.697  1.00 91.84  ? 61  SER B OG  1 
ATOM   1317 N N   . GLN B 1 64  ? -1.930  13.155  9.941   1.00 80.55  ? 62  GLN B N   1 
ATOM   1318 C CA  . GLN B 1 64  ? -1.631  13.572  8.578   1.00 77.58  ? 62  GLN B CA  1 
ATOM   1319 C C   . GLN B 1 64  ? -2.583  12.876  7.604   1.00 73.64  ? 62  GLN B C   1 
ATOM   1320 O O   . GLN B 1 64  ? -3.035  11.756  7.864   1.00 72.69  ? 62  GLN B O   1 
ATOM   1321 C CB  . GLN B 1 64  ? -0.169  13.227  8.247   1.00 79.27  ? 62  GLN B CB  1 
ATOM   1322 C CG  . GLN B 1 64  ? 0.390   13.814  6.947   1.00 82.32  ? 62  GLN B CG  1 
ATOM   1323 C CD  . GLN B 1 64  ? 0.988   15.205  7.111   1.00 89.06  ? 62  GLN B CD  1 
ATOM   1324 O OE1 . GLN B 1 64  ? 0.581   15.983  7.979   1.00 89.17  ? 62  GLN B OE1 1 
ATOM   1325 N NE2 . GLN B 1 64  ? 1.961   15.524  6.264   1.00 90.07  ? 62  GLN B NE2 1 
ATOM   1326 N N   . ILE B 1 65  ? -2.908  13.553  6.504   1.00 68.30  ? 63  ILE B N   1 
ATOM   1327 C CA  . ILE B 1 65  ? -3.545  12.892  5.364   1.00 63.83  ? 63  ILE B CA  1 
ATOM   1328 C C   . ILE B 1 65  ? -2.503  12.004  4.661   1.00 55.07  ? 63  ILE B C   1 
ATOM   1329 O O   . ILE B 1 65  ? -1.442  12.489  4.258   1.00 55.89  ? 63  ILE B O   1 
ATOM   1330 C CB  . ILE B 1 65  ? -4.228  13.893  4.380   1.00 65.17  ? 63  ILE B CB  1 
ATOM   1331 C CG1 . ILE B 1 65  ? -3.393  15.177  4.212   1.00 69.83  ? 63  ILE B CG1 1 
ATOM   1332 C CG2 . ILE B 1 65  ? -5.647  14.218  4.864   1.00 64.62  ? 63  ILE B CG2 1 
ATOM   1333 C CD1 . ILE B 1 65  ? -3.770  16.036  2.999   1.00 68.35  ? 63  ILE B CD1 1 
ATOM   1334 N N   . PRO B 1 66  ? -2.791  10.692  4.550   1.00 46.40  ? 64  PRO B N   1 
ATOM   1335 C CA  . PRO B 1 66  ? -1.832  9.706   4.043   1.00 40.09  ? 64  PRO B CA  1 
ATOM   1336 C C   . PRO B 1 66  ? -1.524  9.834   2.546   1.00 36.99  ? 64  PRO B C   1 
ATOM   1337 O O   . PRO B 1 66  ? -2.336  10.360  1.782   1.00 40.03  ? 64  PRO B O   1 
ATOM   1338 C CB  . PRO B 1 66  ? -2.518  8.366   4.334   1.00 37.38  ? 64  PRO B CB  1 
ATOM   1339 C CG  . PRO B 1 66  ? -3.649  8.677   5.251   1.00 39.03  ? 64  PRO B CG  1 
ATOM   1340 C CD  . PRO B 1 66  ? -4.067  10.058  4.919   1.00 43.13  ? 64  PRO B CD  1 
ATOM   1341 N N   . SER B 1 67  ? -0.349  9.350   2.152   1.00 32.02  ? 65  SER B N   1 
ATOM   1342 C CA  . SER B 1 67  ? 0.118   9.388   0.768   1.00 29.79  ? 65  SER B CA  1 
ATOM   1343 C C   . SER B 1 67  ? -0.369  8.212   -0.064  1.00 27.54  ? 65  SER B C   1 
ATOM   1344 O O   . SER B 1 67  ? -0.221  8.218   -1.288  1.00 29.99  ? 65  SER B O   1 
ATOM   1345 C CB  . SER B 1 67  ? 1.639   9.366   0.745   1.00 28.16  ? 65  SER B CB  1 
ATOM   1346 O OG  . SER B 1 67  ? 2.173   10.393  1.548   1.00 47.44  ? 65  SER B OG  1 
ATOM   1347 N N   . LEU B 1 68  ? -0.918  7.197   0.599   1.00 26.40  ? 66  LEU B N   1 
ATOM   1348 C CA  . LEU B 1 68  ? -1.351  5.970   -0.068  1.00 26.20  ? 66  LEU B CA  1 
ATOM   1349 C C   . LEU B 1 68  ? -2.796  6.048   -0.562  1.00 26.98  ? 66  LEU B C   1 
ATOM   1350 O O   . LEU B 1 68  ? -3.692  6.505   0.153   1.00 28.07  ? 66  LEU B O   1 
ATOM   1351 C CB  . LEU B 1 68  ? -1.170  4.754   0.848   1.00 23.56  ? 66  LEU B CB  1 
ATOM   1352 C CG  . LEU B 1 68  ? -1.669  3.400   0.329   1.00 24.30  ? 66  LEU B CG  1 
ATOM   1353 C CD1 . LEU B 1 68  ? -0.743  2.842   -0.742  1.00 23.70  ? 66  LEU B CD1 1 
ATOM   1354 C CD2 . LEU B 1 68  ? -1.839  2.409   1.457   1.00 23.41  ? 66  LEU B CD2 1 
ATOM   1355 N N   . GLN B 1 69  ? -2.996  5.623   -1.806  1.00 27.01  ? 67  GLN B N   1 
ATOM   1356 C CA  . GLN B 1 69  ? -4.323  5.368   -2.348  1.00 26.44  ? 67  GLN B CA  1 
ATOM   1357 C C   . GLN B 1 69  ? -4.332  3.934   -2.838  1.00 28.23  ? 67  GLN B C   1 
ATOM   1358 O O   . GLN B 1 69  ? -3.333  3.444   -3.371  1.00 31.06  ? 67  GLN B O   1 
ATOM   1359 C CB  . GLN B 1 69  ? -4.632  6.293   -3.520  1.00 25.69  ? 67  GLN B CB  1 
ATOM   1360 C CG  . GLN B 1 69  ? -4.575  7.767   -3.191  1.00 29.94  ? 67  GLN B CG  1 
ATOM   1361 C CD  . GLN B 1 69  ? -4.740  8.638   -4.414  1.00 35.36  ? 67  GLN B CD  1 
ATOM   1362 O OE1 . GLN B 1 69  ? -3.873  9.447   -4.726  1.00 40.63  ? 67  GLN B OE1 1 
ATOM   1363 N NE2 . GLN B 1 69  ? -5.856  8.471   -5.120  1.00 45.51  ? 67  GLN B NE2 1 
ATOM   1364 N N   . LEU B 1 70  ? -5.458  3.265   -2.654  1.00 27.73  ? 68  LEU B N   1 
ATOM   1365 C CA  . LEU B 1 70  ? -5.608  1.900   -3.113  1.00 28.37  ? 68  LEU B CA  1 
ATOM   1366 C C   . LEU B 1 70  ? -6.749  1.826   -4.113  1.00 30.70  ? 68  LEU B C   1 
ATOM   1367 O O   . LEU B 1 70  ? -7.628  2.691   -4.119  1.00 32.35  ? 68  LEU B O   1 
ATOM   1368 C CB  . LEU B 1 70  ? -5.878  0.962   -1.933  1.00 26.94  ? 68  LEU B CB  1 
ATOM   1369 C CG  . LEU B 1 70  ? -4.724  0.643   -0.986  1.00 30.12  ? 68  LEU B CG  1 
ATOM   1370 C CD1 . LEU B 1 70  ? -5.236  -0.060  0.264   1.00 29.29  ? 68  LEU B CD1 1 
ATOM   1371 C CD2 . LEU B 1 70  ? -3.684  -0.206  -1.690  1.00 23.60  ? 68  LEU B CD2 1 
ATOM   1372 N N   . GLY B 1 71  ? -6.724  0.789   -4.950  1.00 31.95  ? 69  GLY B N   1 
ATOM   1373 C CA  . GLY B 1 71  ? -7.780  0.536   -5.921  1.00 30.64  ? 69  GLY B CA  1 
ATOM   1374 C C   . GLY B 1 71  ? -8.180  -0.924  -5.939  1.00 31.66  ? 69  GLY B C   1 
ATOM   1375 O O   . GLY B 1 71  ? -7.324  -1.808  -5.954  1.00 33.41  ? 69  GLY B O   1 
ATOM   1376 N N   . PHE B 1 72  ? -9.486  -1.171  -5.933  1.00 31.54  ? 70  PHE B N   1 
ATOM   1377 C CA  . PHE B 1 72  ? -10.017 -2.527  -5.905  1.00 32.01  ? 70  PHE B CA  1 
ATOM   1378 C C   . PHE B 1 72  ? -11.083 -2.752  -6.970  1.00 33.78  ? 70  PHE B C   1 
ATOM   1379 O O   . PHE B 1 72  ? -11.868 -1.851  -7.271  1.00 31.18  ? 70  PHE B O   1 
ATOM   1380 C CB  . PHE B 1 72  ? -10.614 -2.848  -4.530  1.00 32.68  ? 70  PHE B CB  1 
ATOM   1381 C CG  . PHE B 1 72  ? -9.625  -2.789  -3.399  1.00 35.22  ? 70  PHE B CG  1 
ATOM   1382 C CD1 . PHE B 1 72  ? -8.698  -3.814  -3.205  1.00 35.28  ? 70  PHE B CD1 1 
ATOM   1383 C CD2 . PHE B 1 72  ? -9.634  -1.717  -2.514  1.00 31.56  ? 70  PHE B CD2 1 
ATOM   1384 C CE1 . PHE B 1 72  ? -7.785  -3.762  -2.148  1.00 34.34  ? 70  PHE B CE1 1 
ATOM   1385 C CE2 . PHE B 1 72  ? -8.729  -1.653  -1.451  1.00 30.91  ? 70  PHE B CE2 1 
ATOM   1386 C CZ  . PHE B 1 72  ? -7.803  -2.676  -1.268  1.00 32.01  ? 70  PHE B CZ  1 
ATOM   1387 N N   . GLN B 1 73  ? -11.097 -3.958  -7.539  1.00 38.02  ? 71  GLN B N   1 
ATOM   1388 C CA  . GLN B 1 73  ? -12.220 -4.409  -8.361  1.00 40.77  ? 71  GLN B CA  1 
ATOM   1389 C C   . GLN B 1 73  ? -13.104 -5.342  -7.562  1.00 41.07  ? 71  GLN B C   1 
ATOM   1390 O O   . GLN B 1 73  ? -12.638 -6.344  -7.019  1.00 41.95  ? 71  GLN B O   1 
ATOM   1391 C CB  . GLN B 1 73  ? -11.759 -5.078  -9.654  1.00 42.23  ? 71  GLN B CB  1 
ATOM   1392 C CG  . GLN B 1 73  ? -11.666 -4.111  -10.823 1.00 53.94  ? 71  GLN B CG  1 
ATOM   1393 C CD  . GLN B 1 73  ? -11.376 -4.796  -12.143 1.00 60.05  ? 71  GLN B CD  1 
ATOM   1394 O OE1 . GLN B 1 73  ? -11.907 -5.867  -12.431 1.00 63.79  ? 71  GLN B OE1 1 
ATOM   1395 N NE2 . GLN B 1 73  ? -10.537 -4.169  -12.960 1.00 57.56  ? 71  GLN B NE2 1 
ATOM   1396 N N   . ILE B 1 74  ? -14.382 -4.986  -7.482  1.00 43.05  ? 72  ILE B N   1 
ATOM   1397 C CA  . ILE B 1 74  ? -15.361 -5.705  -6.664  1.00 45.31  ? 72  ILE B CA  1 
ATOM   1398 C C   . ILE B 1 74  ? -16.656 -5.993  -7.435  1.00 49.33  ? 72  ILE B C   1 
ATOM   1399 O O   . ILE B 1 74  ? -16.887 -5.445  -8.520  1.00 49.65  ? 72  ILE B O   1 
ATOM   1400 C CB  . ILE B 1 74  ? -15.720 -4.918  -5.369  1.00 43.23  ? 72  ILE B CB  1 
ATOM   1401 C CG1 . ILE B 1 74  ? -16.087 -3.468  -5.707  1.00 39.03  ? 72  ILE B CG1 1 
ATOM   1402 C CG2 . ILE B 1 74  ? -14.580 -4.988  -4.346  1.00 41.02  ? 72  ILE B CG2 1 
ATOM   1403 C CD1 . ILE B 1 74  ? -16.958 -2.785  -4.678  1.00 40.29  ? 72  ILE B CD1 1 
ATOM   1404 N N   . THR B 1 75  ? -17.486 -6.867  -6.866  1.00 52.34  ? 73  THR B N   1 
ATOM   1405 C CA  . THR B 1 75  ? -18.864 -7.059  -7.324  1.00 55.03  ? 73  THR B CA  1 
ATOM   1406 C C   . THR B 1 75  ? -19.800 -6.340  -6.348  1.00 55.83  ? 73  THR B C   1 
ATOM   1407 O O   . THR B 1 75  ? -19.454 -6.165  -5.173  1.00 56.67  ? 73  THR B O   1 
ATOM   1408 C CB  . THR B 1 75  ? -19.244 -8.552  -7.412  1.00 54.94  ? 73  THR B CB  1 
ATOM   1409 O OG1 . THR B 1 75  ? -19.078 -9.167  -6.127  1.00 60.97  ? 73  THR B OG1 1 
ATOM   1410 C CG2 . THR B 1 75  ? -18.372 -9.276  -8.437  1.00 53.42  ? 73  THR B CG2 1 
ATOM   1411 N N   . ASP B 1 76  ? -20.972 -5.937  -6.850  1.00 56.06  ? 74  ASP B N   1 
ATOM   1412 C CA  . ASP B 1 76  ? -21.984 -5.151  -6.111  1.00 56.29  ? 74  ASP B CA  1 
ATOM   1413 C C   . ASP B 1 76  ? -21.426 -3.834  -5.569  1.00 52.61  ? 74  ASP B C   1 
ATOM   1414 O O   . ASP B 1 76  ? -21.412 -3.610  -4.356  1.00 51.99  ? 74  ASP B O   1 
ATOM   1415 C CB  . ASP B 1 76  ? -22.643 -5.963  -4.975  1.00 59.27  ? 74  ASP B CB  1 
ATOM   1416 C CG  . ASP B 1 76  ? -23.409 -7.181  -5.473  1.00 68.01  ? 74  ASP B CG  1 
ATOM   1417 O OD1 . ASP B 1 76  ? -23.977 -7.894  -4.619  1.00 73.73  ? 74  ASP B OD1 1 
ATOM   1418 O OD2 . ASP B 1 76  ? -23.448 -7.433  -6.699  1.00 74.15  ? 74  ASP B OD2 1 
ATOM   1419 N N   . LEU B 1 77  ? -20.970 -2.978  -6.479  1.00 48.82  ? 75  LEU B N   1 
ATOM   1420 C CA  . LEU B 1 77  ? -20.371 -1.692  -6.131  1.00 47.96  ? 75  LEU B CA  1 
ATOM   1421 C C   . LEU B 1 77  ? -21.274 -0.832  -5.241  1.00 50.59  ? 75  LEU B C   1 
ATOM   1422 O O   . LEU B 1 77  ? -20.841 -0.347  -4.192  1.00 51.75  ? 75  LEU B O   1 
ATOM   1423 C CB  . LEU B 1 77  ? -20.010 -0.916  -7.398  1.00 46.71  ? 75  LEU B CB  1 
ATOM   1424 C CG  . LEU B 1 77  ? -19.102 0.296   -7.204  1.00 44.37  ? 75  LEU B CG  1 
ATOM   1425 C CD1 . LEU B 1 77  ? -17.685 -0.106  -7.499  1.00 51.06  ? 75  LEU B CD1 1 
ATOM   1426 C CD2 . LEU B 1 77  ? -19.518 1.438   -8.108  1.00 46.79  ? 75  LEU B CD2 1 
ATOM   1427 N N   . GLU B 1 78  ? -22.526 -0.667  -5.658  1.00 51.86  ? 76  GLU B N   1 
ATOM   1428 C CA  . GLU B 1 78  ? -23.480 0.187   -4.951  1.00 53.64  ? 76  GLU B CA  1 
ATOM   1429 C C   . GLU B 1 78  ? -23.822 -0.359  -3.572  1.00 52.59  ? 76  GLU B C   1 
ATOM   1430 O O   . GLU B 1 78  ? -23.931 0.400   -2.615  1.00 51.35  ? 76  GLU B O   1 
ATOM   1431 C CB  . GLU B 1 78  ? -24.746 0.393   -5.792  1.00 54.33  ? 76  GLU B CB  1 
ATOM   1432 C CG  . GLU B 1 78  ? -24.568 1.399   -6.932  1.00 63.10  ? 76  GLU B CG  1 
ATOM   1433 C CD  . GLU B 1 78  ? -25.529 1.189   -8.096  1.00 77.41  ? 76  GLU B CD  1 
ATOM   1434 O OE1 . GLU B 1 78  ? -26.227 0.149   -8.131  1.00 86.35  ? 76  GLU B OE1 1 
ATOM   1435 O OE2 . GLU B 1 78  ? -25.580 2.066   -8.987  1.00 76.68  ? 76  GLU B OE2 1 
ATOM   1436 N N   . LYS B 1 79  ? -23.963 -1.680  -3.481  1.00 53.98  ? 77  LYS B N   1 
ATOM   1437 C CA  . LYS B 1 79  ? -24.256 -2.351  -2.219  1.00 56.89  ? 77  LYS B CA  1 
ATOM   1438 C C   . LYS B 1 79  ? -23.066 -2.293  -1.255  1.00 55.64  ? 77  LYS B C   1 
ATOM   1439 O O   . LYS B 1 79  ? -23.253 -2.126  -0.045  1.00 58.00  ? 77  LYS B O   1 
ATOM   1440 C CB  . LYS B 1 79  ? -24.684 -3.806  -2.462  1.00 59.41  ? 77  LYS B CB  1 
ATOM   1441 C CG  . LYS B 1 79  ? -25.919 -3.983  -3.370  1.00 72.15  ? 77  LYS B CG  1 
ATOM   1442 C CD  . LYS B 1 79  ? -27.214 -3.410  -2.759  1.00 78.22  ? 77  LYS B CD  1 
ATOM   1443 C CE  . LYS B 1 79  ? -27.847 -4.349  -1.727  1.00 79.61  ? 77  LYS B CE  1 
ATOM   1444 N NZ  . LYS B 1 79  ? -28.451 -5.564  -2.348  1.00 78.06  ? 77  LYS B NZ  1 
ATOM   1445 N N   . THR B 1 80  ? -21.856 -2.423  -1.799  1.00 51.83  ? 78  THR B N   1 
ATOM   1446 C CA  . THR B 1 80  ? -20.624 -2.338  -1.013  1.00 48.02  ? 78  THR B CA  1 
ATOM   1447 C C   . THR B 1 80  ? -20.463 -0.945  -0.406  1.00 45.99  ? 78  THR B C   1 
ATOM   1448 O O   . THR B 1 80  ? -20.206 -0.817  0.791   1.00 47.23  ? 78  THR B O   1 
ATOM   1449 C CB  . THR B 1 80  ? -19.381 -2.697  -1.865  1.00 47.08  ? 78  THR B CB  1 
ATOM   1450 O OG1 . THR B 1 80  ? -19.546 -4.004  -2.425  1.00 49.17  ? 78  THR B OG1 1 
ATOM   1451 C CG2 . THR B 1 80  ? -18.109 -2.688  -1.034  1.00 49.30  ? 78  THR B CG2 1 
ATOM   1452 N N   . VAL B 1 81  ? -20.649 0.085   -1.233  1.00 43.50  ? 79  VAL B N   1 
ATOM   1453 C CA  . VAL B 1 81  ? -20.528 1.484   -0.804  1.00 43.12  ? 79  VAL B CA  1 
ATOM   1454 C C   . VAL B 1 81  ? -21.539 1.806   0.301   1.00 46.07  ? 79  VAL B C   1 
ATOM   1455 O O   . VAL B 1 81  ? -21.204 2.496   1.262   1.00 47.72  ? 79  VAL B O   1 
ATOM   1456 C CB  . VAL B 1 81  ? -20.637 2.480   -2.013  1.00 41.10  ? 79  VAL B CB  1 
ATOM   1457 C CG1 . VAL B 1 81  ? -20.805 3.927   -1.553  1.00 38.36  ? 79  VAL B CG1 1 
ATOM   1458 C CG2 . VAL B 1 81  ? -19.413 2.372   -2.912  1.00 36.52  ? 79  VAL B CG2 1 
ATOM   1459 N N   . GLN B 1 82  ? -22.753 1.266   0.170   1.00 49.68  ? 80  GLN B N   1 
ATOM   1460 C CA  . GLN B 1 82  ? -23.807 1.397   1.184   1.00 53.51  ? 80  GLN B CA  1 
ATOM   1461 C C   . GLN B 1 82  ? -23.365 0.898   2.560   1.00 51.38  ? 80  GLN B C   1 
ATOM   1462 O O   . GLN B 1 82  ? -23.641 1.535   3.579   1.00 50.97  ? 80  GLN B O   1 
ATOM   1463 C CB  . GLN B 1 82  ? -25.064 0.635   0.751   1.00 54.15  ? 80  GLN B CB  1 
ATOM   1464 C CG  . GLN B 1 82  ? -25.992 1.403   -0.184  1.00 60.51  ? 80  GLN B CG  1 
ATOM   1465 C CD  . GLN B 1 82  ? -27.135 0.543   -0.708  1.00 60.61  ? 80  GLN B CD  1 
ATOM   1466 O OE1 . GLN B 1 82  ? -27.582 -0.395  -0.043  1.00 69.75  ? 80  GLN B OE1 1 
ATOM   1467 N NE2 . GLN B 1 82  ? -27.614 0.862   -1.909  1.00 61.17  ? 80  GLN B NE2 1 
ATOM   1468 N N   . GLU B 1 83  ? -22.672 -0.238  2.571   1.00 49.91  ? 81  GLU B N   1 
ATOM   1469 C CA  . GLU B 1 83  ? -22.160 -0.826  3.804   1.00 49.77  ? 81  GLU B CA  1 
ATOM   1470 C C   . GLU B 1 83  ? -20.936 -0.089  4.354   1.00 46.83  ? 81  GLU B C   1 
ATOM   1471 O O   . GLU B 1 83  ? -20.754 -0.028  5.570   1.00 47.44  ? 81  GLU B O   1 
ATOM   1472 C CB  . GLU B 1 83  ? -21.828 -2.302  3.591   1.00 48.86  ? 81  GLU B CB  1 
ATOM   1473 C CG  . GLU B 1 83  ? -23.025 -3.174  3.258   1.00 59.04  ? 81  GLU B CG  1 
ATOM   1474 C CD  . GLU B 1 83  ? -22.619 -4.568  2.808   1.00 68.62  ? 81  GLU B CD  1 
ATOM   1475 O OE1 . GLU B 1 83  ? -21.960 -4.695  1.750   1.00 77.93  ? 81  GLU B OE1 1 
ATOM   1476 O OE2 . GLU B 1 83  ? -22.966 -5.542  3.510   1.00 86.01  ? 81  GLU B OE2 1 
ATOM   1477 N N   . LEU B 1 84  ? -20.109 0.463   3.464   1.00 43.27  ? 82  LEU B N   1 
ATOM   1478 C CA  . LEU B 1 84  ? -18.854 1.118   3.861   1.00 39.95  ? 82  LEU B CA  1 
ATOM   1479 C C   . LEU B 1 84  ? -19.070 2.432   4.601   1.00 41.68  ? 82  LEU B C   1 
ATOM   1480 O O   . LEU B 1 84  ? -18.315 2.755   5.519   1.00 42.62  ? 82  LEU B O   1 
ATOM   1481 C CB  . LEU B 1 84  ? -17.918 1.333   2.662   1.00 36.17  ? 82  LEU B CB  1 
ATOM   1482 C CG  . LEU B 1 84  ? -17.239 0.110   2.027   1.00 33.41  ? 82  LEU B CG  1 
ATOM   1483 C CD1 . LEU B 1 84  ? -16.648 0.464   0.678   1.00 31.27  ? 82  LEU B CD1 1 
ATOM   1484 C CD2 . LEU B 1 84  ? -16.171 -0.485  2.916   1.00 25.62  ? 82  LEU B CD2 1 
ATOM   1485 N N   . VAL B 1 85  ? -20.112 3.173   4.223   1.00 42.72  ? 83  VAL B N   1 
ATOM   1486 C CA  . VAL B 1 85  ? -20.443 4.444   4.895   1.00 43.63  ? 83  VAL B CA  1 
ATOM   1487 C C   . VAL B 1 85  ? -21.120 4.213   6.268   1.00 42.38  ? 83  VAL B C   1 
ATOM   1488 O O   . VAL B 1 85  ? -21.337 5.150   7.041   1.00 44.15  ? 83  VAL B O   1 
ATOM   1489 C CB  . VAL B 1 85  ? -21.254 5.402   3.965   1.00 44.98  ? 83  VAL B CB  1 
ATOM   1490 C CG1 . VAL B 1 85  ? -21.219 6.831   4.479   1.00 45.27  ? 83  VAL B CG1 1 
ATOM   1491 C CG2 . VAL B 1 85  ? -20.673 5.393   2.564   1.00 41.80  ? 83  VAL B CG2 1 
ATOM   1492 N N   . LYS B 1 86  ? -21.410 2.949   6.578   1.00 42.83  ? 84  LYS B N   1 
ATOM   1493 C CA  . LYS B 1 86  ? -21.876 2.546   7.907   1.00 42.57  ? 84  LYS B CA  1 
ATOM   1494 C C   . LYS B 1 86  ? -20.722 2.258   8.891   1.00 42.12  ? 84  LYS B C   1 
ATOM   1495 O O   . LYS B 1 86  ? -20.961 1.946   10.066  1.00 43.10  ? 84  LYS B O   1 
ATOM   1496 C CB  . LYS B 1 86  ? -22.818 1.338   7.804   1.00 42.54  ? 84  LYS B CB  1 
ATOM   1497 C CG  . LYS B 1 86  ? -24.238 1.680   7.324   1.00 47.51  ? 84  LYS B CG  1 
ATOM   1498 C CD  . LYS B 1 86  ? -25.165 0.463   7.364   1.00 47.21  ? 84  LYS B CD  1 
ATOM   1499 C CE  . LYS B 1 86  ? -25.180 -0.289  6.038   1.00 56.06  ? 84  LYS B CE  1 
ATOM   1500 N NZ  . LYS B 1 86  ? -25.566 -1.720  6.204   1.00 58.80  ? 84  LYS B NZ  1 
ATOM   1501 N N   . ILE B 1 87  ? -19.481 2.363   8.407   1.00 39.08  ? 85  ILE B N   1 
ATOM   1502 C CA  . ILE B 1 87  ? -18.283 2.227   9.240   1.00 34.18  ? 85  ILE B CA  1 
ATOM   1503 C C   . ILE B 1 87  ? -17.881 3.621   9.723   1.00 34.45  ? 85  ILE B C   1 
ATOM   1504 O O   . ILE B 1 87  ? -17.779 4.539   8.903   1.00 36.18  ? 85  ILE B O   1 
ATOM   1505 C CB  . ILE B 1 87  ? -17.102 1.578   8.447   1.00 32.58  ? 85  ILE B CB  1 
ATOM   1506 C CG1 . ILE B 1 87  ? -17.460 0.176   7.943   1.00 27.90  ? 85  ILE B CG1 1 
ATOM   1507 C CG2 . ILE B 1 87  ? -15.829 1.532   9.262   1.00 30.78  ? 85  ILE B CG2 1 
ATOM   1508 C CD1 . ILE B 1 87  ? -17.745 -0.852  9.021   1.00 32.25  ? 85  ILE B CD1 1 
ATOM   1509 N N   . PRO B 1 88  ? -17.677 3.789   11.051  1.00 31.97  ? 86  PRO B N   1 
ATOM   1510 C CA  . PRO B 1 88  ? -17.250 5.069   11.626  1.00 31.10  ? 86  PRO B CA  1 
ATOM   1511 C C   . PRO B 1 88  ? -15.964 5.606   11.004  1.00 32.84  ? 86  PRO B C   1 
ATOM   1512 O O   . PRO B 1 88  ? -14.984 4.872   10.875  1.00 36.74  ? 86  PRO B O   1 
ATOM   1513 C CB  . PRO B 1 88  ? -17.027 4.734   13.105  1.00 29.44  ? 86  PRO B CB  1 
ATOM   1514 C CG  . PRO B 1 88  ? -17.919 3.577   13.364  1.00 26.54  ? 86  PRO B CG  1 
ATOM   1515 C CD  . PRO B 1 88  ? -17.880 2.768   12.099  1.00 31.74  ? 86  PRO B CD  1 
ATOM   1516 N N   . GLY B 1 89  ? -15.995 6.874   10.598  1.00 32.41  ? 87  GLY B N   1 
ATOM   1517 C CA  . GLY B 1 89  ? -14.834 7.537   10.010  1.00 30.19  ? 87  GLY B CA  1 
ATOM   1518 C C   . GLY B 1 89  ? -14.817 7.515   8.495   1.00 33.17  ? 87  GLY B C   1 
ATOM   1519 O O   . GLY B 1 89  ? -14.145 8.339   7.865   1.00 34.71  ? 87  GLY B O   1 
ATOM   1520 N N   . ALA B 1 90  ? -15.554 6.570   7.913   1.00 32.85  ? 88  ALA B N   1 
ATOM   1521 C CA  . ALA B 1 90  ? -15.619 6.399   6.460   1.00 34.15  ? 88  ALA B CA  1 
ATOM   1522 C C   . ALA B 1 90  ? -16.655 7.314   5.822   1.00 36.82  ? 88  ALA B C   1 
ATOM   1523 O O   . ALA B 1 90  ? -17.747 7.507   6.370   1.00 39.10  ? 88  ALA B O   1 
ATOM   1524 C CB  . ALA B 1 90  ? -15.915 4.944   6.112   1.00 32.51  ? 88  ALA B CB  1 
ATOM   1525 N N   . MET B 1 91  ? -16.309 7.882   4.669   1.00 37.55  ? 89  MET B N   1 
ATOM   1526 C CA  . MET B 1 91  ? -17.257 8.678   3.886   1.00 41.18  ? 89  MET B CA  1 
ATOM   1527 C C   . MET B 1 91  ? -16.997 8.627   2.380   1.00 38.61  ? 89  MET B C   1 
ATOM   1528 O O   . MET B 1 91  ? -15.858 8.521   1.939   1.00 39.25  ? 89  MET B O   1 
ATOM   1529 C CB  . MET B 1 91  ? -17.348 10.127  4.401   1.00 40.46  ? 89  MET B CB  1 
ATOM   1530 C CG  . MET B 1 91  ? -16.110 10.991  4.244   1.00 41.75  ? 89  MET B CG  1 
ATOM   1531 S SD  . MET B 1 91  ? -16.405 12.641  4.928   1.00 49.47  ? 89  MET B SD  1 
ATOM   1532 C CE  . MET B 1 91  ? -16.262 12.333  6.692   1.00 37.71  ? 89  MET B CE  1 
ATOM   1533 N N   . CYS B 1 92  ? -18.072 8.698   1.604   1.00 39.31  ? 90  CYS B N   1 
ATOM   1534 C CA  . CYS B 1 92  ? -18.006 8.589   0.154   1.00 38.73  ? 90  CYS B CA  1 
ATOM   1535 C C   . CYS B 1 92  ? -17.701 9.944   -0.475  1.00 40.75  ? 90  CYS B C   1 
ATOM   1536 O O   . CYS B 1 92  ? -18.424 10.916  -0.248  1.00 43.96  ? 90  CYS B O   1 
ATOM   1537 C CB  . CYS B 1 92  ? -19.334 8.045   -0.374  1.00 38.25  ? 90  CYS B CB  1 
ATOM   1538 S SG  . CYS B 1 92  ? -19.406 7.827   -2.152  1.00 43.30  ? 90  CYS B SG  1 
ATOM   1539 N N   . ILE B 1 93  ? -16.632 10.013  -1.267  1.00 39.90  ? 91  ILE B N   1 
ATOM   1540 C CA  . ILE B 1 93  ? -16.261 11.281  -1.903  1.00 41.59  ? 91  ILE B CA  1 
ATOM   1541 C C   . ILE B 1 93  ? -16.691 11.386  -3.375  1.00 40.38  ? 91  ILE B C   1 
ATOM   1542 O O   . ILE B 1 93  ? -17.130 12.452  -3.817  1.00 40.50  ? 91  ILE B O   1 
ATOM   1543 C CB  . ILE B 1 93  ? -14.774 11.667  -1.665  1.00 43.30  ? 91  ILE B CB  1 
ATOM   1544 C CG1 . ILE B 1 93  ? -13.822 10.622  -2.234  1.00 47.77  ? 91  ILE B CG1 1 
ATOM   1545 C CG2 . ILE B 1 93  ? -14.517 11.879  -0.166  1.00 45.95  ? 91  ILE B CG2 1 
ATOM   1546 C CD1 . ILE B 1 93  ? -12.419 10.727  -1.692  1.00 57.28  ? 91  ILE B CD1 1 
ATOM   1547 N N   . LEU B 1 94  ? -16.578 10.283  -4.114  1.00 38.53  ? 92  LEU B N   1 
ATOM   1548 C CA  . LEU B 1 94  ? -17.203 10.161  -5.427  1.00 37.30  ? 92  LEU B CA  1 
ATOM   1549 C C   . LEU B 1 94  ? -18.244 9.052   -5.391  1.00 39.49  ? 92  LEU B C   1 
ATOM   1550 O O   . LEU B 1 94  ? -17.908 7.885   -5.167  1.00 41.62  ? 92  LEU B O   1 
ATOM   1551 C CB  . LEU B 1 94  ? -16.168 9.874   -6.525  1.00 38.24  ? 92  LEU B CB  1 
ATOM   1552 C CG  . LEU B 1 94  ? -16.715 9.660   -7.951  1.00 39.22  ? 92  LEU B CG  1 
ATOM   1553 C CD1 . LEU B 1 94  ? -17.089 10.975  -8.638  1.00 24.58  ? 92  LEU B CD1 1 
ATOM   1554 C CD2 . LEU B 1 94  ? -15.757 8.849   -8.818  1.00 36.31  ? 92  LEU B CD2 1 
ATOM   1555 N N   . ASP B 1 95  ? -19.502 9.429   -5.613  1.00 40.66  ? 93  ASP B N   1 
ATOM   1556 C CA  . ASP B 1 95  ? -20.621 8.485   -5.704  1.00 42.11  ? 93  ASP B CA  1 
ATOM   1557 C C   . ASP B 1 95  ? -20.459 7.526   -6.886  1.00 41.42  ? 93  ASP B C   1 
ATOM   1558 O O   . ASP B 1 95  ? -19.819 7.891   -7.874  1.00 41.39  ? 93  ASP B O   1 
ATOM   1559 C CB  . ASP B 1 95  ? -21.928 9.259   -5.868  1.00 45.12  ? 93  ASP B CB  1 
ATOM   1560 C CG  . ASP B 1 95  ? -22.242 10.127  -4.678  1.00 51.72  ? 93  ASP B CG  1 
ATOM   1561 O OD1 . ASP B 1 95  ? -22.347 9.587   -3.554  1.00 62.80  ? 93  ASP B OD1 1 
ATOM   1562 O OD2 . ASP B 1 95  ? -22.395 11.349  -4.870  1.00 55.21  ? 93  ASP B OD2 1 
ATOM   1563 N N   . PRO B 1 96  ? -21.018 6.296   -6.783  1.00 40.85  ? 94  PRO B N   1 
ATOM   1564 C CA  . PRO B 1 96  ? -21.067 5.380   -7.923  1.00 41.93  ? 94  PRO B CA  1 
ATOM   1565 C C   . PRO B 1 96  ? -21.516 6.079   -9.210  1.00 45.55  ? 94  PRO B C   1 
ATOM   1566 O O   . PRO B 1 96  ? -22.576 6.714   -9.240  1.00 46.47  ? 94  PRO B O   1 
ATOM   1567 C CB  . PRO B 1 96  ? -22.090 4.339   -7.480  1.00 41.23  ? 94  PRO B CB  1 
ATOM   1568 C CG  . PRO B 1 96  ? -21.900 4.267   -6.021  1.00 36.76  ? 94  PRO B CG  1 
ATOM   1569 C CD  . PRO B 1 96  ? -21.612 5.679   -5.580  1.00 37.92  ? 94  PRO B CD  1 
ATOM   1570 N N   . THR B 1 97  ? -20.671 5.988   -10.237 1.00 48.46  ? 95  THR B N   1 
ATOM   1571 C CA  . THR B 1 97  ? -20.849 6.702   -11.499 1.00 51.33  ? 95  THR B CA  1 
ATOM   1572 C C   . THR B 1 97  ? -20.436 5.803   -12.667 1.00 54.82  ? 95  THR B C   1 
ATOM   1573 O O   . THR B 1 97  ? -19.423 5.105   -12.587 1.00 55.30  ? 95  THR B O   1 
ATOM   1574 C CB  . THR B 1 97  ? -19.997 8.009   -11.537 1.00 50.34  ? 95  THR B CB  1 
ATOM   1575 O OG1 . THR B 1 97  ? -20.196 8.764   -10.336 1.00 50.01  ? 95  THR B OG1 1 
ATOM   1576 C CG2 . THR B 1 97  ? -20.382 8.882   -12.721 1.00 55.73  ? 95  THR B CG2 1 
ATOM   1577 N N   . ASP B 1 98  ? -21.223 5.820   -13.744 1.00 59.30  ? 96  ASP B N   1 
ATOM   1578 C CA  . ASP B 1 98  ? -20.875 5.100   -14.970 1.00 64.14  ? 96  ASP B CA  1 
ATOM   1579 C C   . ASP B 1 98  ? -19.742 5.793   -15.716 1.00 67.29  ? 96  ASP B C   1 
ATOM   1580 O O   . ASP B 1 98  ? -19.843 6.973   -16.069 1.00 67.40  ? 96  ASP B O   1 
ATOM   1581 C CB  . ASP B 1 98  ? -22.095 4.936   -15.877 1.00 63.93  ? 96  ASP B CB  1 
ATOM   1582 C CG  . ASP B 1 98  ? -22.985 3.778   -15.458 1.00 69.62  ? 96  ASP B CG  1 
ATOM   1583 O OD1 . ASP B 1 98  ? -22.480 2.639   -15.328 1.00 76.72  ? 96  ASP B OD1 1 
ATOM   1584 O OD2 . ASP B 1 98  ? -24.198 4.004   -15.270 1.00 78.75  ? 96  ASP B OD2 1 
ATOM   1585 N N   . MET B 1 99  ? -18.655 5.052   -15.924 1.00 73.40  ? 97  MET B N   1 
ATOM   1586 C CA  . MET B 1 99  ? -17.440 5.572   -16.559 1.00 80.37  ? 97  MET B CA  1 
ATOM   1587 C C   . MET B 1 99  ? -16.916 4.577   -17.616 1.00 84.14  ? 97  MET B C   1 
ATOM   1588 O O   . MET B 1 99  ? -17.360 3.421   -17.641 1.00 85.35  ? 97  MET B O   1 
ATOM   1589 C CB  . MET B 1 99  ? -16.364 5.868   -15.497 1.00 77.79  ? 97  MET B CB  1 
ATOM   1590 C CG  . MET B 1 99  ? -16.790 6.851   -14.418 1.00 79.86  ? 97  MET B CG  1 
ATOM   1591 S SD  . MET B 1 99  ? -15.565 8.065   -13.908 1.00 84.78  ? 97  MET B SD  1 
ATOM   1592 C CE  . MET B 1 99  ? -14.023 7.234   -14.269 1.00 95.56  ? 97  MET B CE  1 
ATOM   1593 N N   . PRO B 1 100 ? -16.005 5.023   -18.518 1.00 86.68  ? 98  PRO B N   1 
ATOM   1594 C CA  . PRO B 1 100 ? -15.415 4.065   -19.467 1.00 86.64  ? 98  PRO B CA  1 
ATOM   1595 C C   . PRO B 1 100 ? -14.432 3.066   -18.833 1.00 86.34  ? 98  PRO B C   1 
ATOM   1596 O O   . PRO B 1 100 ? -13.956 3.267   -17.712 1.00 84.53  ? 98  PRO B O   1 
ATOM   1597 C CB  . PRO B 1 100 ? -14.679 4.968   -20.474 1.00 86.99  ? 98  PRO B CB  1 
ATOM   1598 C CG  . PRO B 1 100 ? -15.172 6.363   -20.212 1.00 87.82  ? 98  PRO B CG  1 
ATOM   1599 C CD  . PRO B 1 100 ? -15.506 6.392   -18.762 1.00 86.84  ? 98  PRO B CD  1 
ATOM   1600 N N   . GLY B 1 102 ? -17.699 0.328   -17.000 1.00 68.16  ? 100 GLY B N   1 
ATOM   1601 C CA  . GLY B 1 102 ? -16.873 0.489   -15.808 1.00 65.88  ? 100 GLY B CA  1 
ATOM   1602 C C   . GLY B 1 102 ? -17.454 1.464   -14.796 1.00 63.58  ? 100 GLY B C   1 
ATOM   1603 O O   . GLY B 1 102 ? -17.104 2.650   -14.789 1.00 63.00  ? 100 GLY B O   1 
ATOM   1604 N N   . LYS B 1 103 ? -18.347 0.962   -13.944 1.00 58.56  ? 101 LYS B N   1 
ATOM   1605 C CA  . LYS B 1 103 ? -18.905 1.735   -12.835 1.00 53.92  ? 101 LYS B CA  1 
ATOM   1606 C C   . LYS B 1 103 ? -17.821 1.973   -11.777 1.00 51.98  ? 101 LYS B C   1 
ATOM   1607 O O   . LYS B 1 103 ? -17.098 1.044   -11.413 1.00 53.68  ? 101 LYS B O   1 
ATOM   1608 C CB  . LYS B 1 103 ? -20.076 0.969   -12.223 1.00 53.78  ? 101 LYS B CB  1 
ATOM   1609 C CG  . LYS B 1 103 ? -21.169 1.837   -11.621 1.00 55.17  ? 101 LYS B CG  1 
ATOM   1610 C CD  . LYS B 1 103 ? -22.185 0.987   -10.862 1.00 56.59  ? 101 LYS B CD  1 
ATOM   1611 C CE  . LYS B 1 103 ? -23.070 0.159   -11.790 1.00 62.68  ? 101 LYS B CE  1 
ATOM   1612 N NZ  . LYS B 1 103 ? -24.413 0.770   -11.990 1.00 68.48  ? 101 LYS B NZ  1 
ATOM   1613 N N   . LYS B 1 104 ? -17.705 3.211   -11.295 1.00 49.39  ? 102 LYS B N   1 
ATOM   1614 C CA  . LYS B 1 104 ? -16.625 3.589   -10.369 1.00 46.40  ? 102 LYS B CA  1 
ATOM   1615 C C   . LYS B 1 104 ? -17.121 4.400   -9.166  1.00 40.68  ? 102 LYS B C   1 
ATOM   1616 O O   . LYS B 1 104 ? -18.070 5.167   -9.280  1.00 39.94  ? 102 LYS B O   1 
ATOM   1617 C CB  . LYS B 1 104 ? -15.528 4.359   -11.123 1.00 46.14  ? 102 LYS B CB  1 
ATOM   1618 C CG  . LYS B 1 104 ? -14.191 4.485   -10.377 1.00 54.73  ? 102 LYS B CG  1 
ATOM   1619 C CD  . LYS B 1 104 ? -13.172 5.344   -11.127 1.00 52.59  ? 102 LYS B CD  1 
ATOM   1620 C CE  . LYS B 1 104 ? -12.460 4.541   -12.217 1.00 65.77  ? 102 LYS B CE  1 
ATOM   1621 N NZ  . LYS B 1 104 ? -11.408 5.331   -12.920 1.00 74.20  ? 102 LYS B NZ  1 
ATOM   1622 N N   . ALA B 1 105 ? -16.475 4.215   -8.016  1.00 37.04  ? 103 ALA B N   1 
ATOM   1623 C CA  . ALA B 1 105 ? -16.724 5.034   -6.823  1.00 35.39  ? 103 ALA B CA  1 
ATOM   1624 C C   . ALA B 1 105 ? -15.428 5.262   -6.045  1.00 35.01  ? 103 ALA B C   1 
ATOM   1625 O O   . ALA B 1 105 ? -14.524 4.427   -6.088  1.00 37.65  ? 103 ALA B O   1 
ATOM   1626 C CB  . ALA B 1 105 ? -17.770 4.380   -5.929  1.00 32.32  ? 103 ALA B CB  1 
ATOM   1627 N N   . ILE B 1 106 ? -15.328 6.396   -5.355  1.00 31.03  ? 104 ILE B N   1 
ATOM   1628 C CA  . ILE B 1 106 ? -14.199 6.648   -4.464  1.00 30.28  ? 104 ILE B CA  1 
ATOM   1629 C C   . ILE B 1 106 ? -14.709 6.883   -3.047  1.00 31.63  ? 104 ILE B C   1 
ATOM   1630 O O   . ILE B 1 106 ? -15.550 7.755   -2.809  1.00 34.47  ? 104 ILE B O   1 
ATOM   1631 C CB  . ILE B 1 106 ? -13.303 7.830   -4.927  1.00 31.84  ? 104 ILE B CB  1 
ATOM   1632 C CG1 . ILE B 1 106 ? -12.948 7.706   -6.409  1.00 29.44  ? 104 ILE B CG1 1 
ATOM   1633 C CG2 . ILE B 1 106 ? -12.011 7.883   -4.113  1.00 25.68  ? 104 ILE B CG2 1 
ATOM   1634 C CD1 . ILE B 1 106 ? -12.376 8.968   -6.998  1.00 32.22  ? 104 ILE B CD1 1 
ATOM   1635 N N   . VAL B 1 107 ? -14.201 6.087   -2.113  1.00 30.05  ? 105 VAL B N   1 
ATOM   1636 C CA  . VAL B 1 107 ? -14.620 6.146   -0.718  1.00 31.95  ? 105 VAL B CA  1 
ATOM   1637 C C   . VAL B 1 107 ? -13.386 6.289   0.195   1.00 31.25  ? 105 VAL B C   1 
ATOM   1638 O O   . VAL B 1 107 ? -12.291 5.836   -0.144  1.00 34.32  ? 105 VAL B O   1 
ATOM   1639 C CB  . VAL B 1 107 ? -15.542 4.920   -0.353  1.00 31.79  ? 105 VAL B CB  1 
ATOM   1640 C CG1 . VAL B 1 107 ? -14.772 3.605   -0.399  1.00 40.90  ? 105 VAL B CG1 1 
ATOM   1641 C CG2 . VAL B 1 107 ? -16.239 5.098   1.002   1.00 35.90  ? 105 VAL B CG2 1 
ATOM   1642 N N   . LEU B 1 108 ? -13.568 6.959   1.328   1.00 30.31  ? 106 LEU B N   1 
ATOM   1643 C CA  . LEU B 1 108 ? -12.488 7.240   2.268   1.00 30.82  ? 106 LEU B CA  1 
ATOM   1644 C C   . LEU B 1 108 ? -12.514 6.224   3.406   1.00 29.15  ? 106 LEU B C   1 
ATOM   1645 O O   . LEU B 1 108 ? -13.573 5.952   3.959   1.00 30.02  ? 106 LEU B O   1 
ATOM   1646 C CB  . LEU B 1 108 ? -12.674 8.645   2.836   1.00 27.57  ? 106 LEU B CB  1 
ATOM   1647 C CG  . LEU B 1 108 ? -11.482 9.567   3.031   1.00 34.10  ? 106 LEU B CG  1 
ATOM   1648 C CD1 . LEU B 1 108 ? -10.845 9.926   1.703   1.00 40.04  ? 106 LEU B CD1 1 
ATOM   1649 C CD2 . LEU B 1 108 ? -11.961 10.817  3.731   1.00 37.71  ? 106 LEU B CD2 1 
ATOM   1650 N N   . ASP B 1 109 ? -11.368 5.646   3.750   1.00 26.26  ? 107 ASP B N   1 
ATOM   1651 C CA  . ASP B 1 109 ? -11.329 4.727   4.887   1.00 26.10  ? 107 ASP B CA  1 
ATOM   1652 C C   . ASP B 1 109 ? -11.112 5.509   6.199   1.00 26.26  ? 107 ASP B C   1 
ATOM   1653 O O   . ASP B 1 109 ? -10.732 6.684   6.144   1.00 26.89  ? 107 ASP B O   1 
ATOM   1654 C CB  . ASP B 1 109 ? -10.348 3.551   4.644   1.00 24.05  ? 107 ASP B CB  1 
ATOM   1655 C CG  . ASP B 1 109 ? -8.876  3.942   4.698   1.00 30.22  ? 107 ASP B CG  1 
ATOM   1656 O OD1 . ASP B 1 109 ? -8.059  3.076   4.317   1.00 27.83  ? 107 ASP B OD1 1 
ATOM   1657 O OD2 . ASP B 1 109 ? -8.512  5.068   5.115   1.00 29.87  ? 107 ASP B OD2 1 
ATOM   1658 N N   . PRO B 1 110 ? -11.400 4.895   7.373   1.00 25.15  ? 108 PRO B N   1 
ATOM   1659 C CA  . PRO B 1 110 ? -11.151 5.557   8.670   1.00 22.64  ? 108 PRO B CA  1 
ATOM   1660 C C   . PRO B 1 110 ? -9.779  6.223   8.881   1.00 25.42  ? 108 PRO B C   1 
ATOM   1661 O O   . PRO B 1 110 ? -9.671  7.133   9.704   1.00 29.99  ? 108 PRO B O   1 
ATOM   1662 C CB  . PRO B 1 110 ? -11.354 4.425   9.674   1.00 22.25  ? 108 PRO B CB  1 
ATOM   1663 C CG  . PRO B 1 110 ? -12.399 3.581   9.035   1.00 23.37  ? 108 PRO B CG  1 
ATOM   1664 C CD  . PRO B 1 110 ? -12.047 3.580   7.570   1.00 22.37  ? 108 PRO B CD  1 
ATOM   1665 N N   . ASP B 1 111 ? -8.754  5.788   8.152   1.00 28.48  ? 109 ASP B N   1 
ATOM   1666 C CA  . ASP B 1 111 ? -7.434  6.421   8.207   1.00 27.26  ? 109 ASP B CA  1 
ATOM   1667 C C   . ASP B 1 111 ? -7.291  7.604   7.252   1.00 28.00  ? 109 ASP B C   1 
ATOM   1668 O O   . ASP B 1 111 ? -6.316  8.349   7.331   1.00 30.91  ? 109 ASP B O   1 
ATOM   1669 C CB  . ASP B 1 111 ? -6.338  5.405   7.905   1.00 28.72  ? 109 ASP B CB  1 
ATOM   1670 C CG  . ASP B 1 111 ? -5.955  4.570   9.117   1.00 37.50  ? 109 ASP B CG  1 
ATOM   1671 O OD1 . ASP B 1 111 ? -6.569  4.727   10.200  1.00 37.34  ? 109 ASP B OD1 1 
ATOM   1672 O OD2 . ASP B 1 111 ? -5.017  3.757   8.976   1.00 38.57  ? 109 ASP B OD2 1 
ATOM   1673 N N   . GLY B 1 112 ? -8.247  7.762   6.342   1.00 25.62  ? 110 GLY B N   1 
ATOM   1674 C CA  . GLY B 1 112 ? -8.200  8.845   5.364   1.00 22.76  ? 110 GLY B CA  1 
ATOM   1675 C C   . GLY B 1 112 ? -7.532  8.509   4.039   1.00 26.45  ? 110 GLY B C   1 
ATOM   1676 O O   . GLY B 1 112 ? -7.153  9.418   3.298   1.00 30.16  ? 110 GLY B O   1 
ATOM   1677 N N   . HIS B 1 113 ? -7.371  7.219   3.733   1.00 24.66  ? 111 HIS B N   1 
ATOM   1678 C CA  . HIS B 1 113 ? -6.924  6.800   2.404   1.00 25.03  ? 111 HIS B CA  1 
ATOM   1679 C C   . HIS B 1 113 ? -8.095  6.908   1.443   1.00 26.40  ? 111 HIS B C   1 
ATOM   1680 O O   . HIS B 1 113 ? -9.227  6.585   1.804   1.00 28.71  ? 111 HIS B O   1 
ATOM   1681 C CB  . HIS B 1 113 ? -6.451  5.347   2.384   1.00 26.22  ? 111 HIS B CB  1 
ATOM   1682 C CG  . HIS B 1 113 ? -5.312  5.052   3.303   1.00 25.25  ? 111 HIS B CG  1 
ATOM   1683 N ND1 . HIS B 1 113 ? -5.451  4.274   4.433   1.00 26.78  ? 111 HIS B ND1 1 
ATOM   1684 C CD2 . HIS B 1 113 ? -4.007  5.403   3.247   1.00 23.24  ? 111 HIS B CD2 1 
ATOM   1685 C CE1 . HIS B 1 113 ? -4.282  4.173   5.041   1.00 26.42  ? 111 HIS B CE1 1 
ATOM   1686 N NE2 . HIS B 1 113 ? -3.391  4.852   4.344   1.00 27.20  ? 111 HIS B NE2 1 
ATOM   1687 N N   . SER B 1 114 ? -7.821  7.364   0.225   1.00 28.35  ? 112 SER B N   1 
ATOM   1688 C CA  . SER B 1 114 ? -8.819  7.376   -0.835  1.00 27.81  ? 112 SER B CA  1 
ATOM   1689 C C   . SER B 1 114 ? -8.780  6.030   -1.524  1.00 29.57  ? 112 SER B C   1 
ATOM   1690 O O   . SER B 1 114 ? -7.769  5.662   -2.132  1.00 29.23  ? 112 SER B O   1 
ATOM   1691 C CB  . SER B 1 114 ? -8.552  8.491   -1.842  1.00 27.70  ? 112 SER B CB  1 
ATOM   1692 O OG  . SER B 1 114 ? -9.071  9.713   -1.367  1.00 38.21  ? 112 SER B OG  1 
ATOM   1693 N N   . ILE B 1 115 ? -9.884  5.300   -1.407  1.00 29.62  ? 113 ILE B N   1 
ATOM   1694 C CA  . ILE B 1 115 ? -9.990  3.961   -1.956  1.00 29.87  ? 113 ILE B CA  1 
ATOM   1695 C C   . ILE B 1 115 ? -10.855 4.029   -3.199  1.00 32.01  ? 113 ILE B C   1 
ATOM   1696 O O   . ILE B 1 115 ? -12.006 4.452   -3.134  1.00 35.11  ? 113 ILE B O   1 
ATOM   1697 C CB  . ILE B 1 115 ? -10.610 2.972   -0.936  1.00 29.64  ? 113 ILE B CB  1 
ATOM   1698 C CG1 . ILE B 1 115 ? -9.870  3.019   0.414   1.00 24.96  ? 113 ILE B CG1 1 
ATOM   1699 C CG2 . ILE B 1 115 ? -10.676 1.562   -1.522  1.00 26.72  ? 113 ILE B CG2 1 
ATOM   1700 C CD1 . ILE B 1 115 ? -8.364  2.779   0.345   1.00 24.42  ? 113 ILE B CD1 1 
ATOM   1701 N N   . GLU B 1 116 ? -10.290 3.640   -4.334  1.00 32.25  ? 114 GLU B N   1 
ATOM   1702 C CA  . GLU B 1 116 ? -11.046 3.619   -5.574  1.00 34.71  ? 114 GLU B CA  1 
ATOM   1703 C C   . GLU B 1 116 ? -11.645 2.236   -5.767  1.00 34.96  ? 114 GLU B C   1 
ATOM   1704 O O   . GLU B 1 116 ? -10.981 1.230   -5.534  1.00 36.59  ? 114 GLU B O   1 
ATOM   1705 C CB  . GLU B 1 116 ? -10.160 3.988   -6.756  1.00 34.33  ? 114 GLU B CB  1 
ATOM   1706 C CG  . GLU B 1 116 ? -10.932 4.572   -7.924  1.00 46.67  ? 114 GLU B CG  1 
ATOM   1707 C CD  . GLU B 1 116 ? -10.098 4.683   -9.185  1.00 61.02  ? 114 GLU B CD  1 
ATOM   1708 O OE1 . GLU B 1 116 ? -9.615  3.638   -9.676  1.00 66.05  ? 114 GLU B OE1 1 
ATOM   1709 O OE2 . GLU B 1 116 ? -9.935  5.813   -9.694  1.00 67.16  ? 114 GLU B OE2 1 
ATOM   1710 N N   . LEU B 1 117 ? -12.910 2.194   -6.168  1.00 33.65  ? 115 LEU B N   1 
ATOM   1711 C CA  . LEU B 1 117 ? -13.616 0.937   -6.352  1.00 35.08  ? 115 LEU B CA  1 
ATOM   1712 C C   . LEU B 1 117 ? -14.192 0.863   -7.755  1.00 37.61  ? 115 LEU B C   1 
ATOM   1713 O O   . LEU B 1 117 ? -14.806 1.821   -8.225  1.00 36.39  ? 115 LEU B O   1 
ATOM   1714 C CB  . LEU B 1 117 ? -14.739 0.793   -5.322  1.00 34.53  ? 115 LEU B CB  1 
ATOM   1715 C CG  . LEU B 1 117 ? -14.399 0.811   -3.826  1.00 35.31  ? 115 LEU B CG  1 
ATOM   1716 C CD1 . LEU B 1 117 ? -15.675 0.904   -3.005  1.00 33.76  ? 115 LEU B CD1 1 
ATOM   1717 C CD2 . LEU B 1 117 ? -13.580 -0.406  -3.413  1.00 32.60  ? 115 LEU B CD2 1 
ATOM   1718 N N   . CYS B 1 118 ? -13.988 -0.272  -8.419  1.00 42.55  ? 116 CYS B N   1 
ATOM   1719 C CA  . CYS B 1 118 ? -14.551 -0.509  -9.750  1.00 49.49  ? 116 CYS B CA  1 
ATOM   1720 C C   . CYS B 1 118 ? -15.317 -1.820  -9.828  1.00 50.19  ? 116 CYS B C   1 
ATOM   1721 O O   . CYS B 1 118 ? -15.018 -2.771  -9.110  1.00 49.33  ? 116 CYS B O   1 
ATOM   1722 C CB  . CYS B 1 118 ? -13.459 -0.499  -10.816 1.00 51.34  ? 116 CYS B CB  1 
ATOM   1723 S SG  . CYS B 1 118 ? -12.641 1.089   -11.002 1.00 74.46  ? 116 CYS B SG  1 
ATOM   1724 N N   . GLU B 1 119 ? -16.310 -1.853  -10.710 1.00 56.65  ? 117 GLU B N   1 
ATOM   1725 C CA  . GLU B 1 119 ? -17.052 -3.070  -11.005 1.00 62.73  ? 117 GLU B CA  1 
ATOM   1726 C C   . GLU B 1 119 ? -16.953 -3.377  -12.502 1.00 65.43  ? 117 GLU B C   1 
ATOM   1727 O O   . GLU B 1 119 ? -17.122 -2.483  -13.338 1.00 66.20  ? 117 GLU B O   1 
ATOM   1728 C CB  . GLU B 1 119 ? -18.513 -2.909  -10.575 1.00 62.82  ? 117 GLU B CB  1 
ATOM   1729 C CG  . GLU B 1 119 ? -19.327 -4.204  -10.599 1.00 67.82  ? 117 GLU B CG  1 
ATOM   1730 C CD  . GLU B 1 119 ? -20.720 -4.053  -9.999  1.00 67.10  ? 117 GLU B CD  1 
ATOM   1731 O OE1 . GLU B 1 119 ? -21.278 -5.079  -9.553  1.00 74.12  ? 117 GLU B OE1 1 
ATOM   1732 O OE2 . GLU B 1 119 ? -21.256 -2.919  -9.971  1.00 62.93  ? 117 GLU B OE2 1 
ATOM   1733 N N   . LEU B 1 120 ? -16.655 -4.634  -12.833 1.00 71.85  ? 118 LEU B N   1 
ATOM   1734 C CA  . LEU B 1 120 ? -16.610 -5.090  -14.226 1.00 76.48  ? 118 LEU B CA  1 
ATOM   1735 C C   . LEU B 1 120 ? -17.242 -6.470  -14.387 1.00 78.45  ? 118 LEU B C   1 
ATOM   1736 O O   . LEU B 1 120 ? -18.344 -6.723  -13.898 1.00 81.25  ? 118 LEU B O   1 
ATOM   1737 C CB  . LEU B 1 120 ? -15.170 -5.108  -14.764 1.00 77.63  ? 118 LEU B CB  1 
ATOM   1738 C CG  . LEU B 1 120 ? -14.495 -3.792  -15.182 1.00 82.92  ? 118 LEU B CG  1 
ATOM   1739 C CD1 . LEU B 1 120 ? -13.016 -4.023  -15.467 1.00 83.02  ? 118 LEU B CD1 1 
ATOM   1740 C CD2 . LEU B 1 120 ? -15.180 -3.131  -16.389 1.00 85.72  ? 118 LEU B CD2 1 
HETATM 1741 S S   . SO4 C 2 .   ? 1.195   6.546   4.002   1.00 59.51  ? 201 SO4 A S   1 
HETATM 1742 O O1  . SO4 C 2 .   ? 1.629   7.772   4.668   1.00 65.90  ? 201 SO4 A O1  1 
HETATM 1743 O O2  . SO4 C 2 .   ? 2.293   6.020   3.196   1.00 55.14  ? 201 SO4 A O2  1 
HETATM 1744 O O3  . SO4 C 2 .   ? 0.718   5.571   4.975   1.00 54.77  ? 201 SO4 A O3  1 
HETATM 1745 O O4  . SO4 C 2 .   ? 0.086   6.845   3.118   1.00 69.19  ? 201 SO4 A O4  1 
HETATM 1746 O O   . HOH D 3 .   ? -2.036  2.829   -9.908  1.00 40.89  ? 127 HOH A O   1 
HETATM 1747 O O   . HOH D 3 .   ? 6.655   2.469   7.181   1.00 32.42  ? 128 HOH A O   1 
HETATM 1748 O O   . HOH D 3 .   ? 3.399   -9.195  -7.880  1.00 43.87  ? 129 HOH A O   1 
HETATM 1749 O O   . HOH D 3 .   ? 6.999   12.714  0.329   1.00 45.09  ? 130 HOH A O   1 
HETATM 1750 O O   . HOH D 3 .   ? 4.880   8.711   0.452   1.00 41.74  ? 131 HOH A O   1 
HETATM 1751 O O   . HOH D 3 .   ? -16.396 -7.709  -3.412  1.00 59.02  ? 132 HOH A O   1 
HETATM 1752 O O   . HOH D 3 .   ? -4.775  3.303   -6.339  1.00 43.17  ? 133 HOH A O   1 
HETATM 1753 O O   . HOH D 3 .   ? -6.929  5.092   -6.841  1.00 49.64  ? 134 HOH A O   1 
HETATM 1754 O O   . HOH D 3 .   ? 1.018   -8.167  -8.075  1.00 48.28  ? 135 HOH A O   1 
HETATM 1755 O O   . HOH D 3 .   ? 8.053   14.613  -6.404  1.00 43.17  ? 136 HOH A O   1 
HETATM 1756 O O   . HOH D 3 .   ? 17.354  3.087   -10.620 1.00 46.02  ? 137 HOH A O   1 
HETATM 1757 O O   . HOH D 3 .   ? 6.301   -3.345  -13.825 1.00 53.63  ? 138 HOH A O   1 
HETATM 1758 O O   . HOH D 3 .   ? 4.760   -1.841  -16.634 1.00 45.27  ? 139 HOH A O   1 
HETATM 1759 O O   . HOH D 3 .   ? 4.122   -3.212  11.489  1.00 39.90  ? 140 HOH A O   1 
HETATM 1760 O O   . HOH D 3 .   ? 6.098   -5.491  8.980   1.00 45.73  ? 141 HOH A O   1 
HETATM 1761 O O   . HOH D 3 .   ? 7.979   -3.769  5.990   1.00 56.34  ? 142 HOH A O   1 
HETATM 1762 O O   . HOH D 3 .   ? 6.521   -5.999  5.535   1.00 43.09  ? 143 HOH A O   1 
HETATM 1763 O O   . HOH D 3 .   ? 22.281  2.221   5.546   1.00 50.45  ? 144 HOH A O   1 
HETATM 1764 O O   . HOH D 3 .   ? 21.071  -8.874  11.026  1.00 48.07  ? 145 HOH A O   1 
HETATM 1765 O O   . HOH E 3 .   ? 8.446   -10.340 1.878   1.00 36.69  ? 127 HOH B O   1 
HETATM 1766 O O   . HOH E 3 .   ? 1.353   -8.191  5.515   1.00 35.42  ? 128 HOH B O   1 
HETATM 1767 O O   . HOH E 3 .   ? -8.544  -12.222 2.013   1.00 39.77  ? 129 HOH B O   1 
HETATM 1768 O O   . HOH E 3 .   ? -20.175 12.627  -5.679  1.00 39.81  ? 130 HOH B O   1 
HETATM 1769 O O   . HOH E 3 .   ? -5.980  -9.434  -6.371  1.00 36.90  ? 131 HOH B O   1 
HETATM 1770 O O   . HOH E 3 .   ? -3.505  -9.630  -5.088  1.00 56.96  ? 132 HOH B O   1 
HETATM 1771 O O   . HOH E 3 .   ? -9.943  0.510   -9.413  1.00 47.17  ? 133 HOH B O   1 
HETATM 1772 O O   . HOH E 3 .   ? -4.896  9.314   -0.122  1.00 28.78  ? 134 HOH B O   1 
HETATM 1773 O O   . HOH E 3 .   ? -2.946  10.703  -6.749  1.00 42.55  ? 135 HOH B O   1 
HETATM 1774 O O   . HOH E 3 .   ? -19.055 6.978   8.782   1.00 40.75  ? 136 HOH B O   1 
HETATM 1775 O O   . HOH E 3 .   ? -16.234 -6.838  -11.161 1.00 43.77  ? 137 HOH B O   1 
# 
